data_7XG1
#
_entry.id   7XG1
#
_cell.length_a   1.00
_cell.length_b   1.00
_cell.length_c   1.00
_cell.angle_alpha   90.00
_cell.angle_beta   90.00
_cell.angle_gamma   90.00
#
_symmetry.space_group_name_H-M   'P 1'
#
loop_
_entity.id
_entity.type
_entity.pdbx_description
1 polymer Csf1
2 polymer Csf3
3 polymer Csf2
4 polymer crRNA
5 non-polymer 'ZINC ION'
#
loop_
_entity_poly.entity_id
_entity_poly.type
_entity_poly.pdbx_seq_one_letter_code
_entity_poly.pdbx_strand_id
1 'polypeptide(L)'
;HHHHHHHHHHMRYPSDIVDQVLKAGPDKGLLTWEGVDAACSHCSRPIQNGDLYSPSSVGAFFSDTRDLASTSRSICWRCV
VLRKKPMLYGLSAAVVTQDGIYSISKDVNKAWLFTTPPPAPFLVVHSSSTMQHLSWRTPVTLDNRRIHVRYGPNLFIVRP
EVVRKALSIADRVNEGQKKWVTPVYFDRKAAAMGHGLITRAGAEMLTQEEQEFFQSVTPGERWALSYLMHSKRPEPEVGE
CITEKVMTSLNKE
;
A
2 'polypeptide(L)'
;MVNLKVTIDLSNPMMEPGDLLHLDALLGALRVSRARAEHGDAINPRDYHYDLPLERYQAPSGDWVFKASAFKLKRQLPNQ
MWMQTGRLSIVEAARHRQSGYLQLRAGKPNPAGGPFKTSIYHRPIVQAELTAFCVGDQQGIEALLSECRQIGGKRGVGFG
QVAGFKVEPVAETDCPWSWRALPADADPRLVTSEHARCIAAIRGPYWDRTLHVEALAPTP
;
B
3 'polypeptide(L)'
;MQIEVTVRNITPIFSAAPGSNYITIDGTINPPPGVSRFPLVRTRMMYVAADVGDGVIKSVPLQIVPGNTMRSLLRRTMLK
HVIEPALVEKGNKLSIGAYATAYSGNATGNPDGVPSSFDEIATMRAHPFIGLFGGGPRMLEGRLMVDSLYPIHTNAERIL
GAGYENEMMSGPITQVVWARRMDPILNLGSSEDVEVINGGAVAANGWIQDLLANSKAAASKKKKAAADEDESDGAAEENG
RGLKAFNAHEVVIPGLKWVWRISLDRPTDAQVGLVLLALNKMTNERIAGGHSKDYGRFVIDGVSLNGEQVWSQSGITGGE
QYFDAVAEAIDGLSSKEFEQFAQSAKEA
;
C,D,E,F,G
4 'polyribonucleotide' GUGAACGGUGGAGCAACACCUGAAGGAAGGCUUGAUGAGCGUGUUCCCCGCAUACGCGGGG H
#
# COMPACT_ATOMS: atom_id res chain seq x y z
N MET A 11 -67.88 11.46 30.13
CA MET A 11 -67.20 12.66 29.68
C MET A 11 -67.10 12.70 28.16
N ARG A 12 -67.92 13.55 27.53
CA ARG A 12 -67.87 13.69 26.08
C ARG A 12 -66.56 14.32 25.63
N TYR A 13 -66.09 15.33 26.34
CA TYR A 13 -64.86 16.04 26.00
C TYR A 13 -63.83 15.87 27.11
N PRO A 14 -62.54 15.90 26.78
CA PRO A 14 -61.52 15.68 27.81
C PRO A 14 -61.58 16.67 28.96
N SER A 15 -61.81 17.95 28.67
CA SER A 15 -61.77 18.98 29.71
C SER A 15 -62.76 18.70 30.83
N ASP A 16 -63.79 17.90 30.56
CA ASP A 16 -64.73 17.46 31.59
C ASP A 16 -64.05 16.99 32.85
N ILE A 17 -62.79 16.54 32.77
CA ILE A 17 -62.09 16.09 33.98
C ILE A 17 -62.11 17.18 35.03
N VAL A 18 -61.71 18.40 34.66
CA VAL A 18 -61.64 19.48 35.64
C VAL A 18 -63.03 19.85 36.13
N ASP A 19 -64.07 19.48 35.40
CA ASP A 19 -65.43 19.72 35.87
C ASP A 19 -65.86 18.67 36.90
N GLN A 20 -65.41 17.42 36.73
CA GLN A 20 -65.96 16.32 37.52
C GLN A 20 -64.92 15.63 38.39
N VAL A 21 -63.80 15.20 37.82
CA VAL A 21 -62.82 14.44 38.59
C VAL A 21 -62.24 15.30 39.71
N LEU A 22 -61.87 16.54 39.40
CA LEU A 22 -61.46 17.53 40.37
C LEU A 22 -62.45 18.67 40.38
N LYS A 23 -62.42 19.47 41.44
CA LYS A 23 -63.38 20.55 41.65
C LYS A 23 -62.70 21.88 41.37
N ALA A 24 -63.26 22.64 40.43
CA ALA A 24 -62.75 23.96 40.09
C ALA A 24 -63.86 24.75 39.43
N GLY A 25 -63.69 26.08 39.43
CA GLY A 25 -64.66 26.97 38.82
C GLY A 25 -64.02 27.89 37.80
N PRO A 26 -64.83 28.68 37.11
CA PRO A 26 -64.28 29.64 36.15
C PRO A 26 -63.39 30.66 36.83
N ASP A 27 -62.32 31.05 36.14
CA ASP A 27 -61.37 32.01 36.68
C ASP A 27 -61.96 33.42 36.65
N LYS A 28 -61.33 34.32 37.39
CA LYS A 28 -61.74 35.71 37.45
C LYS A 28 -60.94 36.52 36.44
N GLY A 29 -61.64 37.30 35.63
CA GLY A 29 -61.03 38.07 34.56
C GLY A 29 -61.30 37.56 33.16
N LEU A 30 -62.14 36.53 33.03
CA LEU A 30 -62.47 35.99 31.71
C LEU A 30 -63.54 36.85 31.05
N LEU A 31 -63.95 36.43 29.85
CA LEU A 31 -64.91 37.17 29.04
C LEU A 31 -66.18 36.36 28.85
N THR A 32 -67.13 36.96 28.15
CA THR A 32 -68.41 36.33 27.83
C THR A 32 -68.56 36.25 26.32
N TRP A 33 -69.17 35.16 25.84
CA TRP A 33 -69.30 34.90 24.41
C TRP A 33 -70.69 35.27 23.93
N GLU A 34 -70.76 35.82 22.73
CA GLU A 34 -72.02 36.18 22.09
C GLU A 34 -71.95 35.82 20.61
N GLY A 35 -73.13 35.67 20.00
CA GLY A 35 -73.21 35.33 18.60
C GLY A 35 -73.07 33.85 18.33
N VAL A 36 -72.60 33.55 17.11
CA VAL A 36 -72.44 32.17 16.69
C VAL A 36 -71.36 31.50 17.54
N ASP A 37 -71.65 30.27 17.98
CA ASP A 37 -70.75 29.55 18.86
C ASP A 37 -69.50 29.08 18.11
N ALA A 38 -68.42 28.89 18.87
CA ALA A 38 -67.17 28.37 18.35
C ALA A 38 -66.60 27.39 19.36
N ALA A 39 -65.67 26.55 18.88
CA ALA A 39 -65.10 25.50 19.70
C ALA A 39 -63.80 25.97 20.35
N CYS A 40 -63.52 25.41 21.55
CA CYS A 40 -62.24 25.64 22.18
C CYS A 40 -61.12 25.15 21.28
N SER A 41 -60.10 25.99 21.08
CA SER A 41 -59.01 25.64 20.17
C SER A 41 -58.20 24.46 20.67
N HIS A 42 -58.34 24.09 21.95
CA HIS A 42 -57.63 22.95 22.52
C HIS A 42 -58.51 21.72 22.64
N CYS A 43 -59.65 21.84 23.33
CA CYS A 43 -60.52 20.71 23.62
C CYS A 43 -61.51 20.42 22.51
N SER A 44 -61.71 21.35 21.57
CA SER A 44 -62.66 21.19 20.47
C SER A 44 -64.08 21.04 20.99
N ARG A 45 -64.43 21.82 22.01
CA ARG A 45 -65.78 21.85 22.55
C ARG A 45 -66.41 23.20 22.29
N PRO A 46 -67.66 23.23 21.79
CA PRO A 46 -68.27 24.52 21.44
C PRO A 46 -68.43 25.43 22.65
N ILE A 47 -68.23 26.72 22.41
CA ILE A 47 -68.41 27.76 23.43
C ILE A 47 -69.69 28.50 23.11
N GLN A 48 -70.69 28.36 23.98
CA GLN A 48 -72.01 28.90 23.74
C GLN A 48 -72.13 30.32 24.33
N ASN A 49 -73.28 30.93 24.12
CA ASN A 49 -73.53 32.26 24.64
C ASN A 49 -73.56 32.24 26.17
N GLY A 50 -72.92 33.24 26.78
CA GLY A 50 -72.83 33.30 28.22
C GLY A 50 -71.72 32.48 28.84
N ASP A 51 -70.92 31.78 28.03
CA ASP A 51 -69.86 30.94 28.55
C ASP A 51 -68.60 31.76 28.83
N LEU A 52 -67.79 31.28 29.76
CA LEU A 52 -66.55 31.94 30.14
C LEU A 52 -65.43 31.46 29.22
N TYR A 53 -64.74 32.41 28.60
CA TYR A 53 -63.67 32.09 27.64
C TYR A 53 -62.60 33.16 27.73
N SER A 54 -61.41 32.83 27.20
CA SER A 54 -60.30 33.75 27.17
C SER A 54 -59.70 33.76 25.76
N PRO A 55 -59.30 34.93 25.25
CA PRO A 55 -58.60 34.97 23.96
C PRO A 55 -57.30 34.21 24.03
N SER A 56 -56.94 33.57 22.93
CA SER A 56 -55.73 32.74 22.89
C SER A 56 -54.49 33.63 22.95
N SER A 57 -53.69 33.45 24.00
CA SER A 57 -52.48 34.24 24.22
C SER A 57 -51.35 33.33 24.67
N VAL A 58 -51.18 32.20 23.98
CA VAL A 58 -50.12 31.27 24.33
C VAL A 58 -48.76 31.92 24.11
N GLY A 59 -47.75 31.43 24.83
CA GLY A 59 -46.43 32.00 24.79
C GLY A 59 -45.67 31.65 23.52
N ALA A 60 -44.48 32.23 23.41
CA ALA A 60 -43.64 31.99 22.24
C ALA A 60 -43.07 30.58 22.22
N PHE A 61 -43.05 29.90 23.37
CA PHE A 61 -42.54 28.53 23.43
C PHE A 61 -43.55 27.50 22.93
N PHE A 62 -44.79 27.90 22.68
CA PHE A 62 -45.79 26.97 22.15
C PHE A 62 -45.45 26.58 20.72
N SER A 63 -45.54 25.27 20.45
CA SER A 63 -45.23 24.76 19.12
C SER A 63 -46.21 23.71 18.62
N ASP A 64 -47.28 23.42 19.36
CA ASP A 64 -48.25 22.41 18.95
C ASP A 64 -49.36 23.03 18.11
N THR A 65 -48.98 23.74 17.06
CA THR A 65 -49.97 24.30 16.15
C THR A 65 -50.64 23.22 15.31
N ARG A 66 -49.94 22.11 15.07
CA ARG A 66 -50.51 21.02 14.29
C ARG A 66 -51.60 20.28 15.04
N ASP A 67 -51.57 20.30 16.37
CA ASP A 67 -52.57 19.62 17.18
C ASP A 67 -53.75 20.51 17.54
N LEU A 68 -53.76 21.76 17.09
CA LEU A 68 -54.90 22.64 17.34
C LEU A 68 -56.12 22.14 16.58
N ALA A 69 -57.26 22.10 17.27
CA ALA A 69 -58.49 21.60 16.70
C ALA A 69 -59.27 22.65 15.91
N SER A 70 -59.09 23.93 16.22
CA SER A 70 -59.81 24.98 15.53
C SER A 70 -58.95 26.24 15.49
N THR A 71 -59.27 27.12 14.54
CA THR A 71 -58.57 28.38 14.36
C THR A 71 -59.36 29.57 14.90
N SER A 72 -60.17 29.36 15.94
CA SER A 72 -60.97 30.42 16.52
C SER A 72 -60.19 31.30 17.49
N ARG A 73 -59.02 30.86 17.93
CA ARG A 73 -58.17 31.62 18.86
C ARG A 73 -58.92 31.97 20.14
N SER A 74 -59.73 31.04 20.63
CA SER A 74 -60.46 31.20 21.87
C SER A 74 -60.34 29.92 22.68
N ILE A 75 -60.15 30.07 24.00
CA ILE A 75 -59.90 28.96 24.90
C ILE A 75 -60.95 29.01 26.00
N CYS A 76 -61.73 27.95 26.14
CA CYS A 76 -62.74 27.94 27.19
C CYS A 76 -62.08 27.79 28.55
N TRP A 77 -62.81 28.18 29.60
CA TRP A 77 -62.23 28.23 30.94
C TRP A 77 -61.72 26.86 31.40
N ARG A 78 -62.42 25.79 31.02
CA ARG A 78 -61.91 24.45 31.33
C ARG A 78 -60.60 24.18 30.60
N CYS A 79 -60.51 24.58 29.32
CA CYS A 79 -59.24 24.47 28.61
C CYS A 79 -58.16 25.32 29.27
N VAL A 80 -58.53 26.51 29.75
CA VAL A 80 -57.57 27.38 30.42
C VAL A 80 -57.03 26.72 31.68
N VAL A 81 -57.91 26.10 32.47
CA VAL A 81 -57.47 25.37 33.66
C VAL A 81 -56.58 24.20 33.26
N LEU A 82 -56.89 23.56 32.13
CA LEU A 82 -56.05 22.47 31.66
C LEU A 82 -54.64 22.94 31.33
N ARG A 83 -54.50 24.17 30.85
CA ARG A 83 -53.20 24.69 30.45
C ARG A 83 -52.33 25.10 31.64
N LYS A 84 -52.84 25.03 32.86
CA LYS A 84 -52.10 25.50 34.02
C LYS A 84 -50.80 24.71 34.20
N LYS A 85 -49.71 25.43 34.44
CA LYS A 85 -48.42 24.79 34.68
C LYS A 85 -48.39 23.89 35.91
N PRO A 86 -48.95 24.25 37.07
CA PRO A 86 -48.68 23.45 38.28
C PRO A 86 -49.04 21.97 38.17
N MET A 87 -50.07 21.62 37.42
CA MET A 87 -50.44 20.22 37.26
C MET A 87 -49.93 19.62 35.94
N LEU A 88 -49.15 20.38 35.17
CA LEU A 88 -48.56 19.82 33.95
C LEU A 88 -47.58 18.71 34.29
N TYR A 89 -46.76 18.90 35.32
CA TYR A 89 -45.87 17.87 35.81
C TYR A 89 -46.55 16.93 36.79
N GLY A 90 -47.78 17.21 37.19
CA GLY A 90 -48.55 16.30 38.01
C GLY A 90 -49.29 15.22 37.24
N LEU A 91 -49.37 15.36 35.92
CA LEU A 91 -50.02 14.38 35.06
C LEU A 91 -49.07 13.86 33.98
N SER A 92 -47.78 13.74 34.33
CA SER A 92 -46.81 13.23 33.37
C SER A 92 -47.11 11.80 32.95
N ALA A 93 -47.48 10.96 33.91
CA ALA A 93 -47.87 9.57 33.64
C ALA A 93 -49.04 9.26 34.56
N ALA A 94 -50.26 9.33 34.01
CA ALA A 94 -51.45 9.21 34.83
C ALA A 94 -52.60 8.58 34.06
N VAL A 95 -53.53 8.02 34.82
CA VAL A 95 -54.81 7.55 34.32
C VAL A 95 -55.90 8.20 35.16
N VAL A 96 -56.86 8.82 34.49
CA VAL A 96 -57.92 9.59 35.14
C VAL A 96 -59.24 8.86 34.94
N THR A 97 -59.86 8.45 36.04
CA THR A 97 -61.18 7.84 36.04
C THR A 97 -62.13 8.70 36.88
N GLN A 98 -63.41 8.36 36.83
CA GLN A 98 -64.43 9.12 37.54
C GLN A 98 -64.17 9.17 39.05
N ASP A 99 -63.42 8.21 39.58
CA ASP A 99 -63.13 8.16 41.01
C ASP A 99 -61.81 8.83 41.37
N GLY A 100 -61.09 9.38 40.41
CA GLY A 100 -59.88 10.12 40.69
C GLY A 100 -58.78 9.76 39.73
N ILE A 101 -57.56 10.19 40.07
CA ILE A 101 -56.39 9.97 39.22
C ILE A 101 -55.48 8.95 39.88
N TYR A 102 -54.71 8.24 39.05
CA TYR A 102 -53.76 7.26 39.52
C TYR A 102 -52.50 7.35 38.67
N SER A 103 -51.39 6.91 39.25
CA SER A 103 -50.08 6.99 38.60
C SER A 103 -49.75 5.68 37.92
N ILE A 104 -49.24 5.76 36.69
CA ILE A 104 -48.84 4.59 35.92
C ILE A 104 -47.35 4.61 35.63
N SER A 105 -46.58 5.40 36.37
CA SER A 105 -45.13 5.45 36.17
C SER A 105 -44.49 4.10 36.49
N LYS A 106 -44.95 3.45 37.56
CA LYS A 106 -44.41 2.15 37.93
C LYS A 106 -44.81 1.09 36.90
N ASP A 107 -43.92 0.11 36.70
CA ASP A 107 -44.16 -0.94 35.73
C ASP A 107 -45.36 -1.78 36.10
N VAL A 108 -45.54 -2.06 37.40
CA VAL A 108 -46.68 -2.85 37.85
C VAL A 108 -47.99 -2.12 37.56
N ASN A 109 -47.99 -0.79 37.68
CA ASN A 109 -49.19 -0.03 37.34
C ASN A 109 -49.53 -0.17 35.86
N LYS A 110 -48.51 -0.13 34.99
CA LYS A 110 -48.76 -0.34 33.57
C LYS A 110 -49.27 -1.76 33.30
N ALA A 111 -48.73 -2.74 34.00
CA ALA A 111 -49.22 -4.12 33.84
C ALA A 111 -50.69 -4.21 34.25
N TRP A 112 -51.05 -3.59 35.37
CA TRP A 112 -52.44 -3.59 35.81
C TRP A 112 -53.35 -2.91 34.80
N LEU A 113 -52.91 -1.77 34.26
CA LEU A 113 -53.75 -1.05 33.31
C LEU A 113 -53.93 -1.82 32.01
N PHE A 114 -52.87 -2.48 31.53
CA PHE A 114 -52.91 -3.14 30.23
C PHE A 114 -53.29 -4.61 30.30
N THR A 115 -53.51 -5.15 31.50
CA THR A 115 -53.98 -6.53 31.65
C THR A 115 -55.34 -6.62 32.33
N THR A 116 -55.57 -5.85 33.39
CA THR A 116 -56.85 -5.82 34.10
C THR A 116 -57.28 -4.37 34.23
N PRO A 117 -57.75 -3.77 33.14
CA PRO A 117 -58.04 -2.34 33.14
C PRO A 117 -59.29 -2.02 33.94
N PRO A 118 -59.43 -0.78 34.42
CA PRO A 118 -60.64 -0.41 35.13
C PRO A 118 -61.84 -0.47 34.21
N PRO A 119 -63.03 -0.74 34.74
CA PRO A 119 -64.23 -0.90 33.90
C PRO A 119 -64.96 0.39 33.57
N ALA A 120 -64.36 1.55 33.80
CA ALA A 120 -64.99 2.84 33.56
C ALA A 120 -64.24 3.59 32.47
N PRO A 121 -64.88 4.54 31.80
CA PRO A 121 -64.15 5.41 30.87
C PRO A 121 -63.06 6.19 31.59
N PHE A 122 -61.90 6.31 30.95
CA PHE A 122 -60.76 6.95 31.57
C PHE A 122 -59.94 7.69 30.52
N LEU A 123 -58.88 8.34 30.99
CA LEU A 123 -57.92 9.02 30.13
C LEU A 123 -56.51 8.57 30.52
N VAL A 124 -55.71 8.22 29.53
CA VAL A 124 -54.37 7.67 29.75
C VAL A 124 -53.35 8.60 29.10
N VAL A 125 -52.51 9.22 29.93
CA VAL A 125 -51.51 10.18 29.46
C VAL A 125 -50.14 9.72 29.97
N HIS A 126 -49.16 9.70 29.07
CA HIS A 126 -47.77 9.40 29.42
C HIS A 126 -46.88 10.43 28.75
N SER A 127 -45.94 10.99 29.50
CA SER A 127 -45.09 12.07 29.01
C SER A 127 -43.74 11.53 28.57
N SER A 128 -43.29 11.98 27.40
CA SER A 128 -41.98 11.61 26.87
C SER A 128 -40.92 12.66 27.13
N SER A 129 -41.25 13.72 27.87
CA SER A 129 -40.31 14.78 28.19
C SER A 129 -40.61 15.29 29.59
N THR A 130 -39.91 16.34 30.00
CA THR A 130 -40.08 16.88 31.34
C THR A 130 -41.41 17.61 31.48
N MET A 131 -41.79 18.41 30.48
CA MET A 131 -43.00 19.22 30.58
C MET A 131 -43.52 19.48 29.17
N GLN A 132 -44.71 18.95 28.86
CA GLN A 132 -45.36 19.20 27.58
C GLN A 132 -46.86 19.08 27.76
N HIS A 133 -47.59 19.70 26.83
CA HIS A 133 -49.05 19.71 26.88
C HIS A 133 -49.59 18.44 26.24
N LEU A 134 -50.31 17.62 27.01
CA LEU A 134 -50.82 16.36 26.52
C LEU A 134 -52.31 16.18 26.83
N SER A 135 -52.78 16.79 27.92
CA SER A 135 -54.11 16.47 28.45
C SER A 135 -55.23 16.90 27.49
N TRP A 136 -55.10 18.07 26.87
CA TRP A 136 -56.22 18.61 26.09
C TRP A 136 -56.28 18.06 24.67
N ARG A 137 -55.33 17.23 24.24
CA ARG A 137 -55.31 16.73 22.88
C ARG A 137 -55.47 15.22 22.79
N THR A 138 -55.95 14.58 23.85
CA THR A 138 -56.17 13.14 23.82
C THR A 138 -57.66 12.82 23.90
N PRO A 139 -58.18 12.01 22.99
CA PRO A 139 -59.60 11.64 23.06
C PRO A 139 -59.90 10.77 24.27
N VAL A 140 -61.12 10.91 24.79
CA VAL A 140 -61.55 10.12 25.93
C VAL A 140 -62.18 8.83 25.43
N THR A 141 -61.70 7.70 25.94
CA THR A 141 -62.23 6.40 25.56
C THR A 141 -63.52 6.11 26.30
N LEU A 142 -64.40 5.35 25.66
CA LEU A 142 -65.68 4.96 26.24
C LEU A 142 -65.82 3.46 26.44
N ASP A 143 -64.95 2.65 25.83
CA ASP A 143 -64.99 1.21 25.97
C ASP A 143 -63.63 0.72 26.48
N ASN A 144 -63.67 -0.33 27.31
CA ASN A 144 -62.45 -0.87 27.88
C ASN A 144 -61.70 -1.79 26.92
N ARG A 145 -62.34 -2.21 25.83
CA ARG A 145 -61.69 -3.08 24.85
C ARG A 145 -60.74 -2.33 23.94
N ARG A 146 -60.89 -1.01 23.83
CA ARG A 146 -60.10 -0.18 22.91
C ARG A 146 -59.65 1.06 23.69
N ILE A 147 -58.45 1.00 24.23
CA ILE A 147 -57.92 2.06 25.09
C ILE A 147 -57.14 3.06 24.25
N HIS A 148 -57.34 4.34 24.53
CA HIS A 148 -56.60 5.42 23.89
C HIS A 148 -55.54 5.94 24.87
N VAL A 149 -54.29 5.96 24.44
CA VAL A 149 -53.19 6.44 25.28
C VAL A 149 -52.42 7.49 24.50
N ARG A 150 -52.15 8.62 25.14
CA ARG A 150 -51.37 9.70 24.52
C ARG A 150 -49.97 9.69 25.09
N TYR A 151 -48.99 9.33 24.26
CA TYR A 151 -47.58 9.27 24.66
C TYR A 151 -46.81 10.26 23.80
N GLY A 152 -46.49 11.42 24.39
CA GLY A 152 -45.79 12.46 23.67
C GLY A 152 -46.58 12.93 22.47
N PRO A 153 -45.91 13.00 21.32
CA PRO A 153 -46.60 13.33 20.07
C PRO A 153 -47.29 12.14 19.40
N ASN A 154 -47.47 11.03 20.11
CA ASN A 154 -48.05 9.82 19.55
C ASN A 154 -49.38 9.51 20.22
N LEU A 155 -50.33 9.04 19.42
CA LEU A 155 -51.66 8.65 19.88
C LEU A 155 -51.85 7.18 19.58
N PHE A 156 -51.78 6.33 20.60
CA PHE A 156 -51.79 4.89 20.44
C PHE A 156 -53.13 4.31 20.86
N ILE A 157 -53.53 3.25 20.16
CA ILE A 157 -54.72 2.47 20.49
C ILE A 157 -54.25 1.10 20.95
N VAL A 158 -54.63 0.72 22.17
CA VAL A 158 -54.16 -0.51 22.80
C VAL A 158 -55.36 -1.39 23.13
N ARG A 159 -55.29 -2.65 22.69
CA ARG A 159 -56.30 -3.65 23.05
C ARG A 159 -55.73 -4.59 24.09
N PRO A 160 -56.25 -4.58 25.33
CA PRO A 160 -55.66 -5.44 26.37
C PRO A 160 -55.71 -6.92 26.05
N GLU A 161 -56.73 -7.38 25.30
CA GLU A 161 -56.82 -8.81 25.00
C GLU A 161 -55.67 -9.25 24.09
N VAL A 162 -55.29 -8.42 23.13
CA VAL A 162 -54.16 -8.75 22.26
C VAL A 162 -52.88 -8.79 23.07
N VAL A 163 -52.72 -7.86 24.02
CA VAL A 163 -51.55 -7.86 24.89
C VAL A 163 -51.49 -9.13 25.71
N ARG A 164 -52.64 -9.55 26.26
CA ARG A 164 -52.69 -10.78 27.04
C ARG A 164 -52.35 -11.99 26.18
N LYS A 165 -52.86 -12.03 24.95
CA LYS A 165 -52.55 -13.15 24.05
C LYS A 165 -51.07 -13.21 23.74
N ALA A 166 -50.46 -12.06 23.44
CA ALA A 166 -49.03 -12.03 23.14
C ALA A 166 -48.20 -12.44 24.35
N LEU A 167 -48.59 -11.97 25.54
CA LEU A 167 -47.87 -12.34 26.75
C LEU A 167 -48.00 -13.84 27.03
N SER A 168 -49.19 -14.40 26.80
CA SER A 168 -49.38 -15.84 26.98
C SER A 168 -48.53 -16.63 25.99
N ILE A 169 -48.44 -16.17 24.75
CA ILE A 169 -47.61 -16.85 23.76
C ILE A 169 -46.14 -16.79 24.17
N ALA A 170 -45.69 -15.63 24.66
CA ALA A 170 -44.31 -15.51 25.11
C ALA A 170 -44.03 -16.44 26.29
N ASP A 171 -44.95 -16.51 27.25
CA ASP A 171 -44.78 -17.40 28.38
C ASP A 171 -44.76 -18.86 27.93
N ARG A 172 -45.63 -19.21 26.99
CA ARG A 172 -45.68 -20.58 26.49
C ARG A 172 -44.36 -20.96 25.80
N VAL A 173 -43.82 -20.06 24.97
CA VAL A 173 -42.58 -20.37 24.28
C VAL A 173 -41.39 -20.34 25.24
N ASN A 174 -41.50 -19.62 26.35
CA ASN A 174 -40.42 -19.57 27.34
C ASN A 174 -40.45 -20.74 28.31
N GLU A 175 -41.48 -21.58 28.26
CA GLU A 175 -41.50 -22.78 29.10
C GLU A 175 -40.47 -23.79 28.60
N GLY A 176 -39.80 -24.44 29.55
CA GLY A 176 -38.79 -25.42 29.22
C GLY A 176 -37.38 -24.89 29.09
N GLN A 177 -37.13 -23.64 29.46
CA GLN A 177 -35.81 -23.04 29.41
C GLN A 177 -35.38 -22.59 30.80
N LYS A 178 -34.07 -22.61 31.03
CA LYS A 178 -33.52 -22.27 32.33
C LYS A 178 -33.41 -20.76 32.54
N LYS A 179 -33.28 -19.98 31.47
CA LYS A 179 -33.17 -18.53 31.56
C LYS A 179 -34.17 -17.89 30.62
N TRP A 180 -34.89 -16.89 31.12
CA TRP A 180 -35.92 -16.24 30.31
C TRP A 180 -35.30 -15.46 29.16
N VAL A 181 -35.90 -15.59 27.98
CA VAL A 181 -35.46 -14.89 26.78
C VAL A 181 -36.68 -14.29 26.09
N THR A 182 -36.55 -13.03 25.66
CA THR A 182 -37.64 -12.35 24.99
C THR A 182 -37.68 -12.75 23.52
N PRO A 183 -38.79 -13.28 23.01
CA PRO A 183 -38.86 -13.65 21.59
C PRO A 183 -38.71 -12.46 20.65
N VAL A 184 -39.23 -11.29 21.03
CA VAL A 184 -39.23 -10.11 20.16
C VAL A 184 -38.69 -8.93 20.94
N TYR A 185 -37.84 -8.13 20.30
CA TYR A 185 -37.26 -6.95 20.91
C TYR A 185 -38.22 -5.77 20.76
N PHE A 186 -38.47 -5.08 21.87
CA PHE A 186 -39.32 -3.90 21.90
C PHE A 186 -38.62 -2.79 22.66
N ASP A 187 -38.95 -1.55 22.33
CA ASP A 187 -38.28 -0.38 22.87
C ASP A 187 -39.25 0.44 23.71
N ARG A 188 -38.82 0.79 24.93
CA ARG A 188 -39.63 1.67 25.77
C ARG A 188 -39.75 3.06 25.16
N LYS A 189 -38.65 3.58 24.61
CA LYS A 189 -38.69 4.87 23.95
C LYS A 189 -39.47 4.82 22.64
N ALA A 190 -39.56 3.62 22.04
CA ALA A 190 -40.28 3.42 20.78
C ALA A 190 -39.74 4.34 19.68
N ALA A 191 -38.42 4.32 19.50
CA ALA A 191 -37.78 5.11 18.46
C ALA A 191 -36.69 4.39 17.69
N ALA A 192 -36.21 3.24 18.15
CA ALA A 192 -35.12 2.55 17.48
C ALA A 192 -35.61 1.84 16.22
N MET A 193 -34.67 1.55 15.33
CA MET A 193 -35.00 0.86 14.08
C MET A 193 -35.30 -0.62 14.30
N GLY A 194 -34.85 -1.18 15.41
CA GLY A 194 -35.15 -2.56 15.74
C GLY A 194 -36.50 -2.76 16.41
N HIS A 195 -37.27 -1.70 16.57
CA HIS A 195 -38.57 -1.79 17.22
C HIS A 195 -39.50 -2.71 16.44
N GLY A 196 -40.12 -3.66 17.15
CA GLY A 196 -41.05 -4.57 16.51
C GLY A 196 -40.43 -5.62 15.62
N LEU A 197 -39.15 -5.92 15.80
CA LEU A 197 -38.46 -6.93 15.01
C LEU A 197 -38.18 -8.16 15.85
N ILE A 198 -38.30 -9.32 15.23
CA ILE A 198 -38.22 -10.60 15.92
C ILE A 198 -36.77 -11.06 15.96
N THR A 199 -36.29 -11.43 17.14
CA THR A 199 -34.92 -11.88 17.31
C THR A 199 -34.74 -13.28 16.69
N ARG A 200 -33.48 -13.70 16.59
CA ARG A 200 -33.17 -14.99 15.97
C ARG A 200 -33.74 -16.14 16.79
N ALA A 201 -33.71 -16.03 18.12
CA ALA A 201 -34.29 -17.07 18.97
C ALA A 201 -35.79 -17.19 18.73
N GLY A 202 -36.48 -16.05 18.67
CA GLY A 202 -37.91 -16.09 18.38
C GLY A 202 -38.20 -16.69 17.02
N ALA A 203 -37.35 -16.40 16.02
CA ALA A 203 -37.51 -17.04 14.72
C ALA A 203 -37.29 -18.54 14.81
N GLU A 204 -36.38 -18.99 15.69
CA GLU A 204 -36.08 -20.41 15.76
C GLU A 204 -37.16 -21.20 16.53
N MET A 205 -37.80 -20.60 17.53
CA MET A 205 -38.72 -21.37 18.37
C MET A 205 -40.17 -20.88 18.30
N LEU A 206 -40.53 -20.14 17.25
CA LEU A 206 -41.93 -19.80 17.02
C LEU A 206 -42.30 -20.10 15.57
N THR A 207 -43.54 -20.54 15.39
CA THR A 207 -44.04 -20.84 14.06
C THR A 207 -44.27 -19.55 13.28
N GLN A 208 -44.49 -19.71 11.97
CA GLN A 208 -44.68 -18.55 11.10
C GLN A 208 -45.96 -17.78 11.46
N GLU A 209 -46.98 -18.48 11.97
CA GLU A 209 -48.20 -17.80 12.39
C GLU A 209 -47.93 -16.84 13.53
N GLU A 210 -47.07 -17.24 14.47
CA GLU A 210 -46.66 -16.34 15.55
C GLU A 210 -45.96 -15.11 14.99
N GLN A 211 -45.10 -15.31 13.99
CA GLN A 211 -44.40 -14.18 13.37
C GLN A 211 -45.39 -13.22 12.71
N GLU A 212 -46.37 -13.76 11.98
CA GLU A 212 -47.37 -12.90 11.35
C GLU A 212 -48.21 -12.15 12.38
N PHE A 213 -48.58 -12.83 13.47
CA PHE A 213 -49.34 -12.16 14.53
C PHE A 213 -48.52 -11.04 15.16
N PHE A 214 -47.23 -11.28 15.42
CA PHE A 214 -46.39 -10.27 16.03
C PHE A 214 -46.14 -9.11 15.08
N GLN A 215 -46.11 -9.37 13.77
CA GLN A 215 -45.90 -8.29 12.80
C GLN A 215 -47.12 -7.39 12.68
N SER A 216 -48.32 -7.93 12.88
CA SER A 216 -49.56 -7.22 12.56
C SER A 216 -50.23 -6.62 13.79
N VAL A 217 -49.45 -6.11 14.74
CA VAL A 217 -49.98 -5.42 15.90
C VAL A 217 -49.70 -3.92 15.75
N THR A 218 -50.65 -3.10 16.18
CA THR A 218 -50.50 -1.66 16.08
C THR A 218 -49.40 -1.18 17.02
N PRO A 219 -48.81 -0.01 16.75
CA PRO A 219 -47.68 0.45 17.57
C PRO A 219 -47.99 0.55 19.06
N GLY A 220 -49.26 0.81 19.42
CA GLY A 220 -49.61 0.86 20.82
C GLY A 220 -49.36 -0.46 21.54
N GLU A 221 -49.68 -1.58 20.89
CA GLU A 221 -49.42 -2.88 21.48
C GLU A 221 -47.93 -3.09 21.70
N ARG A 222 -47.11 -2.73 20.72
CA ARG A 222 -45.66 -2.89 20.86
C ARG A 222 -45.11 -2.03 22.01
N TRP A 223 -45.55 -0.77 22.07
CA TRP A 223 -45.08 0.11 23.13
C TRP A 223 -45.50 -0.38 24.50
N ALA A 224 -46.74 -0.87 24.63
CA ALA A 224 -47.20 -1.40 25.91
C ALA A 224 -46.46 -2.68 26.28
N LEU A 225 -46.20 -3.55 25.30
CA LEU A 225 -45.49 -4.79 25.56
C LEU A 225 -44.06 -4.55 25.98
N SER A 226 -43.44 -3.48 25.46
CA SER A 226 -42.04 -3.21 25.79
C SER A 226 -41.82 -3.08 27.29
N TYR A 227 -42.82 -2.62 28.04
CA TYR A 227 -42.64 -2.39 29.47
C TYR A 227 -42.67 -3.70 30.26
N LEU A 228 -43.49 -4.67 29.85
CA LEU A 228 -43.70 -5.87 30.64
C LEU A 228 -43.17 -7.15 30.01
N MET A 229 -42.88 -7.15 28.71
CA MET A 229 -42.41 -8.35 28.01
C MET A 229 -40.90 -8.48 28.17
N HIS A 230 -40.49 -8.74 29.42
CA HIS A 230 -39.07 -8.88 29.75
C HIS A 230 -38.92 -9.97 30.80
N SER A 231 -37.67 -10.22 31.20
CA SER A 231 -37.38 -11.33 32.11
C SER A 231 -38.01 -11.10 33.47
N LYS A 232 -37.79 -9.94 34.09
CA LYS A 232 -38.35 -9.63 35.39
C LYS A 232 -39.82 -9.29 35.21
N ARG A 233 -40.64 -10.33 35.16
CA ARG A 233 -42.06 -10.16 34.86
C ARG A 233 -42.76 -9.46 36.02
N PRO A 234 -43.40 -8.31 35.78
CA PRO A 234 -44.12 -7.63 36.86
C PRO A 234 -45.57 -8.07 36.97
N GLU A 235 -45.98 -8.48 38.16
CA GLU A 235 -47.38 -8.83 38.37
C GLU A 235 -48.23 -7.55 38.42
N PRO A 236 -49.47 -7.60 37.91
CA PRO A 236 -50.33 -6.42 37.95
C PRO A 236 -50.56 -5.92 39.38
N GLU A 237 -50.54 -4.61 39.54
CA GLU A 237 -50.71 -3.99 40.85
C GLU A 237 -51.43 -2.66 40.67
N VAL A 238 -52.39 -2.39 41.54
CA VAL A 238 -53.19 -1.17 41.43
C VAL A 238 -52.31 0.04 41.63
N GLY A 239 -52.59 1.10 40.87
CA GLY A 239 -51.83 2.32 40.95
C GLY A 239 -52.11 3.09 42.23
N GLU A 240 -51.28 4.11 42.45
CA GLU A 240 -51.37 4.93 43.66
C GLU A 240 -52.26 6.13 43.42
N CYS A 241 -53.20 6.35 44.34
CA CYS A 241 -54.10 7.51 44.25
C CYS A 241 -53.36 8.77 44.68
N ILE A 242 -53.30 9.75 43.78
CA ILE A 242 -52.51 10.95 44.01
C ILE A 242 -53.37 12.18 43.74
N THR A 243 -54.70 12.00 43.74
CA THR A 243 -55.59 13.10 43.40
C THR A 243 -55.52 14.22 44.43
N GLU A 244 -55.39 13.88 45.70
CA GLU A 244 -55.33 14.91 46.74
C GLU A 244 -54.06 15.75 46.63
N LYS A 245 -52.94 15.12 46.25
CA LYS A 245 -51.70 15.89 46.07
C LYS A 245 -51.84 16.88 44.92
N VAL A 246 -52.46 16.44 43.81
CA VAL A 246 -52.69 17.33 42.68
C VAL A 246 -53.62 18.48 43.08
N MET A 247 -54.67 18.16 43.84
CA MET A 247 -55.60 19.20 44.27
C MET A 247 -54.92 20.22 45.17
N THR A 248 -54.08 19.76 46.10
CA THR A 248 -53.43 20.70 47.01
C THR A 248 -52.30 21.46 46.30
N SER A 249 -51.72 20.89 45.25
CA SER A 249 -50.69 21.61 44.49
C SER A 249 -51.32 22.70 43.64
N LEU A 250 -52.42 22.37 42.95
CA LEU A 250 -53.11 23.38 42.14
C LEU A 250 -53.73 24.46 43.02
N ASN A 251 -54.31 24.08 44.15
CA ASN A 251 -54.92 25.03 45.07
C ASN A 251 -54.49 24.76 46.50
N VAL B 2 -73.37 -3.37 -6.87
CA VAL B 2 -72.49 -4.26 -7.64
C VAL B 2 -71.65 -5.11 -6.69
N ASN B 3 -71.36 -4.57 -5.51
CA ASN B 3 -70.65 -5.28 -4.46
C ASN B 3 -69.26 -5.75 -4.94
N LEU B 4 -68.41 -4.78 -5.26
CA LEU B 4 -67.11 -5.08 -5.85
C LEU B 4 -65.97 -4.84 -4.86
N LYS B 5 -64.77 -5.21 -5.29
CA LYS B 5 -63.56 -5.14 -4.46
C LYS B 5 -62.44 -4.49 -5.25
N VAL B 6 -61.63 -3.71 -4.55
CA VAL B 6 -60.51 -2.98 -5.13
C VAL B 6 -59.23 -3.40 -4.40
N THR B 7 -58.20 -3.73 -5.19
CA THR B 7 -56.89 -4.10 -4.66
C THR B 7 -55.84 -3.14 -5.21
N ILE B 8 -54.92 -2.73 -4.34
CA ILE B 8 -53.90 -1.74 -4.70
C ILE B 8 -52.53 -2.27 -4.25
N ASP B 9 -51.57 -2.27 -5.19
CA ASP B 9 -50.19 -2.58 -4.88
C ASP B 9 -49.34 -1.35 -5.15
N LEU B 10 -48.40 -1.06 -4.26
CA LEU B 10 -47.55 0.11 -4.35
C LEU B 10 -46.09 -0.29 -4.28
N SER B 11 -45.28 0.28 -5.17
CA SER B 11 -43.86 -0.06 -5.22
C SER B 11 -43.09 0.54 -4.06
N ASN B 12 -43.38 1.80 -3.74
CA ASN B 12 -42.68 2.54 -2.68
C ASN B 12 -43.31 2.26 -1.33
N PRO B 13 -42.53 1.95 -0.30
CA PRO B 13 -43.10 1.82 1.04
C PRO B 13 -43.81 3.10 1.49
N MET B 14 -44.89 2.92 2.23
CA MET B 14 -45.75 4.03 2.64
C MET B 14 -45.80 4.14 4.16
N MET B 15 -46.42 5.22 4.62
CA MET B 15 -46.62 5.44 6.04
C MET B 15 -47.62 4.42 6.60
N GLU B 16 -47.41 4.00 7.84
CA GLU B 16 -48.35 3.12 8.51
C GLU B 16 -49.42 3.94 9.20
N PRO B 17 -50.69 3.84 8.80
CA PRO B 17 -51.72 4.70 9.40
C PRO B 17 -51.95 4.36 10.87
N GLY B 18 -52.12 5.41 11.67
CA GLY B 18 -52.47 5.24 13.07
C GLY B 18 -53.94 4.98 13.32
N ASP B 19 -54.78 5.20 12.31
CA ASP B 19 -56.21 4.90 12.37
C ASP B 19 -56.65 4.35 11.02
N LEU B 20 -57.91 3.94 10.96
CA LEU B 20 -58.44 3.32 9.75
C LEU B 20 -58.41 4.31 8.58
N LEU B 21 -57.92 3.84 7.44
CA LEU B 21 -57.96 4.59 6.19
C LEU B 21 -59.17 4.13 5.40
N HIS B 22 -60.05 5.06 5.07
CA HIS B 22 -61.34 4.76 4.47
C HIS B 22 -61.30 5.03 2.96
N LEU B 23 -61.87 4.11 2.19
CA LEU B 23 -61.87 4.24 0.74
C LEU B 23 -62.66 5.46 0.28
N ASP B 24 -63.81 5.72 0.92
CA ASP B 24 -64.61 6.87 0.54
C ASP B 24 -63.88 8.18 0.79
N ALA B 25 -63.01 8.21 1.80
CA ALA B 25 -62.21 9.41 2.04
C ALA B 25 -61.24 9.66 0.89
N LEU B 26 -60.57 8.61 0.40
CA LEU B 26 -59.67 8.75 -0.74
C LEU B 26 -60.44 9.18 -1.99
N LEU B 27 -61.62 8.57 -2.21
CA LEU B 27 -62.42 8.94 -3.37
C LEU B 27 -62.89 10.39 -3.27
N GLY B 28 -63.25 10.84 -2.07
CA GLY B 28 -63.63 12.23 -1.90
C GLY B 28 -62.48 13.19 -2.12
N ALA B 29 -61.28 12.81 -1.67
CA ALA B 29 -60.11 13.64 -1.94
C ALA B 29 -59.84 13.75 -3.44
N LEU B 30 -59.95 12.63 -4.16
CA LEU B 30 -59.77 12.66 -5.61
C LEU B 30 -60.85 13.51 -6.28
N ARG B 31 -62.09 13.40 -5.80
CA ARG B 31 -63.18 14.21 -6.35
C ARG B 31 -62.93 15.70 -6.12
N VAL B 32 -62.44 16.06 -4.94
CA VAL B 32 -62.11 17.45 -4.65
C VAL B 32 -60.99 17.92 -5.56
N SER B 33 -59.98 17.08 -5.80
CA SER B 33 -58.89 17.45 -6.69
C SER B 33 -59.40 17.70 -8.11
N ARG B 34 -60.28 16.82 -8.61
CA ARG B 34 -60.79 17.01 -9.96
C ARG B 34 -61.73 18.21 -10.04
N ALA B 35 -62.47 18.50 -8.97
CA ALA B 35 -63.30 19.70 -8.94
C ALA B 35 -62.45 20.95 -8.96
N ARG B 36 -61.33 20.95 -8.23
CA ARG B 36 -60.38 22.07 -8.30
C ARG B 36 -59.82 22.21 -9.72
N ALA B 37 -59.50 21.09 -10.36
CA ALA B 37 -59.02 21.14 -11.73
C ALA B 37 -60.07 21.69 -12.68
N GLU B 38 -61.35 21.46 -12.39
CA GLU B 38 -62.43 21.85 -13.29
C GLU B 38 -62.91 23.28 -13.03
N HIS B 39 -63.35 23.57 -11.80
CA HIS B 39 -64.00 24.83 -11.47
C HIS B 39 -63.04 25.85 -10.86
N GLY B 40 -61.77 25.81 -11.24
CA GLY B 40 -60.80 26.75 -10.72
C GLY B 40 -60.33 26.38 -9.31
N ASP B 41 -59.41 27.20 -8.81
CA ASP B 41 -58.79 26.93 -7.52
C ASP B 41 -59.64 27.38 -6.33
N ALA B 42 -60.30 28.53 -6.45
CA ALA B 42 -61.11 29.07 -5.35
C ALA B 42 -62.43 28.30 -5.30
N ILE B 43 -62.40 27.15 -4.63
CA ILE B 43 -63.55 26.25 -4.54
C ILE B 43 -63.67 25.74 -3.11
N ASN B 44 -64.89 25.72 -2.59
CA ASN B 44 -65.13 25.17 -1.26
C ASN B 44 -64.92 23.66 -1.30
N PRO B 45 -64.05 23.10 -0.46
CA PRO B 45 -63.82 21.65 -0.51
C PRO B 45 -65.04 20.82 -0.15
N ARG B 46 -65.91 21.31 0.73
CA ARG B 46 -67.00 20.51 1.26
C ARG B 46 -68.23 20.49 0.36
N ASP B 47 -68.23 21.23 -0.75
CA ASP B 47 -69.38 21.22 -1.64
C ASP B 47 -69.35 20.04 -2.61
N TYR B 48 -68.19 19.42 -2.82
CA TYR B 48 -68.04 18.37 -3.81
C TYR B 48 -67.59 17.04 -3.24
N HIS B 49 -67.09 17.00 -2.00
CA HIS B 49 -66.47 15.79 -1.49
C HIS B 49 -67.48 14.67 -1.23
N TYR B 50 -68.77 15.00 -1.14
CA TYR B 50 -69.79 13.97 -0.97
C TYR B 50 -70.33 13.44 -2.30
N ASP B 51 -69.98 14.06 -3.42
CA ASP B 51 -70.46 13.61 -4.73
C ASP B 51 -69.55 12.49 -5.21
N LEU B 52 -69.92 11.26 -4.83
CA LEU B 52 -69.16 10.07 -5.20
C LEU B 52 -70.10 8.99 -5.71
N PRO B 53 -69.60 8.13 -6.61
CA PRO B 53 -70.44 7.02 -7.13
C PRO B 53 -70.49 5.84 -6.17
N LEU B 54 -71.00 6.09 -4.96
CA LEU B 54 -71.15 5.06 -3.95
C LEU B 54 -72.52 5.19 -3.29
N GLU B 55 -73.06 4.07 -2.86
CA GLU B 55 -74.34 4.07 -2.17
C GLU B 55 -74.16 4.51 -0.72
N ARG B 56 -75.28 4.70 -0.02
CA ARG B 56 -75.27 5.21 1.35
C ARG B 56 -76.14 4.32 2.22
N TYR B 57 -75.58 3.87 3.35
CA TYR B 57 -76.37 3.21 4.37
C TYR B 57 -77.04 4.25 5.26
N GLN B 58 -78.21 3.90 5.79
CA GLN B 58 -78.99 4.81 6.62
C GLN B 58 -79.21 4.19 7.99
N ALA B 59 -78.69 4.85 9.02
CA ALA B 59 -78.97 4.46 10.39
C ALA B 59 -80.41 4.85 10.75
N PRO B 60 -80.98 4.26 11.81
CA PRO B 60 -82.36 4.59 12.18
C PRO B 60 -82.60 6.06 12.42
N SER B 61 -81.58 6.82 12.85
CA SER B 61 -81.70 8.26 13.06
C SER B 61 -80.57 8.95 12.31
N GLY B 62 -80.80 9.22 11.03
CA GLY B 62 -79.81 9.91 10.22
C GLY B 62 -78.49 9.16 10.17
N ASP B 63 -77.40 9.91 10.31
CA ASP B 63 -76.05 9.36 10.43
C ASP B 63 -75.72 8.42 9.26
N TRP B 64 -76.03 8.89 8.05
CA TRP B 64 -75.74 8.09 6.86
C TRP B 64 -74.24 8.00 6.62
N VAL B 65 -73.77 6.81 6.22
CA VAL B 65 -72.37 6.58 5.93
C VAL B 65 -72.27 5.87 4.58
N PHE B 66 -71.11 6.02 3.94
CA PHE B 66 -70.87 5.36 2.66
C PHE B 66 -70.65 3.87 2.86
N LYS B 67 -70.93 3.10 1.80
CA LYS B 67 -70.80 1.65 1.88
C LYS B 67 -69.33 1.21 1.89
N ALA B 68 -68.44 2.05 1.37
CA ALA B 68 -67.04 1.67 1.24
C ALA B 68 -66.43 1.40 2.62
N SER B 69 -65.58 0.38 2.69
CA SER B 69 -64.97 -0.06 3.94
C SER B 69 -63.52 0.41 4.02
N ALA B 70 -62.91 0.16 5.19
CA ALA B 70 -61.53 0.53 5.42
C ALA B 70 -60.58 -0.45 4.73
N PHE B 71 -59.35 0.01 4.52
CA PHE B 71 -58.36 -0.80 3.83
C PHE B 71 -57.75 -1.85 4.75
N LYS B 72 -57.57 -3.05 4.21
CA LYS B 72 -56.89 -4.15 4.87
C LYS B 72 -55.50 -4.34 4.28
N LEU B 73 -54.55 -4.65 5.17
CA LEU B 73 -53.13 -4.70 4.85
C LEU B 73 -52.65 -6.14 4.83
N LYS B 74 -51.82 -6.47 3.84
CA LYS B 74 -51.08 -7.73 3.80
C LYS B 74 -49.60 -7.37 3.71
N ARG B 75 -48.84 -7.67 4.76
CA ARG B 75 -47.46 -7.21 4.86
C ARG B 75 -46.53 -8.09 4.03
N GLN B 76 -45.69 -7.44 3.23
CA GLN B 76 -44.64 -8.14 2.48
C GLN B 76 -43.27 -8.01 3.13
N LEU B 77 -43.05 -6.99 3.95
CA LEU B 77 -41.78 -6.75 4.61
C LEU B 77 -42.05 -6.38 6.05
N PRO B 78 -41.10 -6.63 6.95
CA PRO B 78 -41.26 -6.19 8.33
C PRO B 78 -41.28 -4.67 8.44
N ASN B 79 -42.01 -4.19 9.44
CA ASN B 79 -42.13 -2.75 9.65
C ASN B 79 -40.79 -2.15 10.06
N GLN B 80 -40.50 -0.96 9.56
CA GLN B 80 -39.23 -0.29 9.83
C GLN B 80 -39.48 1.14 10.29
N MET B 81 -38.74 1.58 11.31
CA MET B 81 -38.91 2.93 11.82
C MET B 81 -38.13 3.91 10.96
N TRP B 82 -38.76 5.06 10.67
CA TRP B 82 -38.17 6.12 9.86
C TRP B 82 -38.10 7.38 10.71
N MET B 83 -36.93 8.00 10.74
CA MET B 83 -36.67 9.16 11.58
C MET B 83 -36.51 10.41 10.71
N GLN B 84 -37.13 11.50 11.14
CA GLN B 84 -36.93 12.79 10.52
C GLN B 84 -36.73 13.84 11.60
N THR B 85 -36.21 15.00 11.21
CA THR B 85 -35.98 16.08 12.15
C THR B 85 -36.03 17.41 11.41
N GLY B 86 -36.17 18.49 12.19
CA GLY B 86 -36.23 19.83 11.65
C GLY B 86 -35.49 20.83 12.52
N ARG B 87 -34.79 21.76 11.86
CA ARG B 87 -34.03 22.79 12.54
C ARG B 87 -33.78 23.93 11.58
N LEU B 88 -33.50 25.11 12.14
CA LEU B 88 -33.20 26.31 11.36
C LEU B 88 -31.73 26.64 11.51
N SER B 89 -31.09 26.97 10.39
CA SER B 89 -29.65 27.17 10.36
C SER B 89 -29.28 28.45 11.11
N ILE B 90 -28.37 28.31 12.09
CA ILE B 90 -27.89 29.45 12.85
C ILE B 90 -26.99 30.35 12.01
N VAL B 91 -26.14 29.76 11.15
CA VAL B 91 -25.11 30.53 10.46
C VAL B 91 -25.72 31.48 9.43
N GLU B 92 -26.67 30.98 8.63
CA GLU B 92 -27.26 31.82 7.60
C GLU B 92 -28.08 32.96 8.22
N ALA B 93 -28.80 32.67 9.31
CA ALA B 93 -29.49 33.72 10.03
C ALA B 93 -28.50 34.74 10.59
N ALA B 94 -27.35 34.27 11.07
CA ALA B 94 -26.31 35.18 11.55
C ALA B 94 -25.84 36.11 10.45
N ARG B 95 -25.54 35.57 9.28
CA ARG B 95 -25.06 36.40 8.17
C ARG B 95 -26.12 37.39 7.74
N HIS B 96 -27.37 36.94 7.63
CA HIS B 96 -28.45 37.84 7.20
C HIS B 96 -28.70 38.93 8.23
N ARG B 97 -28.65 38.59 9.52
CA ARG B 97 -28.84 39.60 10.56
C ARG B 97 -27.71 40.62 10.56
N GLN B 98 -26.48 40.15 10.35
CA GLN B 98 -25.36 41.10 10.25
C GLN B 98 -25.48 41.98 9.01
N SER B 99 -26.03 41.45 7.93
CA SER B 99 -26.20 42.22 6.70
C SER B 99 -27.47 43.05 6.68
N GLY B 100 -28.31 42.96 7.72
CA GLY B 100 -29.54 43.71 7.76
C GLY B 100 -30.71 43.08 7.04
N TYR B 101 -30.51 41.92 6.41
CA TYR B 101 -31.59 41.22 5.72
C TYR B 101 -32.61 40.61 6.67
N LEU B 102 -32.25 40.44 7.95
CA LEU B 102 -33.14 39.88 8.96
C LEU B 102 -33.18 40.83 10.15
N GLN B 103 -34.37 41.28 10.51
CA GLN B 103 -34.56 42.20 11.63
C GLN B 103 -34.72 41.37 12.91
N LEU B 104 -33.64 41.25 13.68
CA LEU B 104 -33.66 40.54 14.95
C LEU B 104 -32.75 41.27 15.94
N ARG B 105 -33.23 41.43 17.16
CA ARG B 105 -32.49 42.16 18.19
C ARG B 105 -31.99 41.29 19.33
N ALA B 106 -32.52 40.08 19.48
CA ALA B 106 -32.10 39.20 20.56
C ALA B 106 -30.63 38.81 20.39
N GLY B 107 -29.91 38.76 21.51
CA GLY B 107 -28.49 38.46 21.45
C GLY B 107 -28.20 37.04 20.98
N LYS B 108 -28.94 36.07 21.50
CA LYS B 108 -28.71 34.67 21.19
C LYS B 108 -30.04 33.94 21.27
N PRO B 109 -30.18 32.79 20.62
CA PRO B 109 -31.42 32.03 20.71
C PRO B 109 -31.74 31.65 22.15
N ASN B 110 -33.02 31.76 22.51
CA ASN B 110 -33.46 31.45 23.86
C ASN B 110 -33.48 29.94 24.05
N PRO B 111 -32.78 29.40 25.06
CA PRO B 111 -32.78 27.94 25.25
C PRO B 111 -34.14 27.38 25.63
N ALA B 112 -35.05 28.20 26.13
CA ALA B 112 -36.38 27.73 26.55
C ALA B 112 -37.30 27.47 25.36
N GLY B 113 -36.90 27.85 24.15
CA GLY B 113 -37.73 27.62 22.97
C GLY B 113 -37.63 28.75 21.96
N GLY B 114 -38.37 28.63 20.86
CA GLY B 114 -38.37 29.65 19.84
C GLY B 114 -38.19 29.10 18.45
N PRO B 115 -37.95 29.98 17.48
CA PRO B 115 -37.81 29.53 16.09
C PRO B 115 -36.64 28.59 15.86
N PHE B 116 -35.57 28.72 16.62
CA PHE B 116 -34.35 27.98 16.37
C PHE B 116 -34.28 26.65 17.10
N LYS B 117 -35.33 26.26 17.81
CA LYS B 117 -35.33 24.97 18.48
C LYS B 117 -35.37 23.83 17.46
N THR B 118 -34.64 22.75 17.76
CA THR B 118 -34.57 21.58 16.89
C THR B 118 -35.50 20.50 17.39
N SER B 119 -36.18 19.83 16.47
CA SER B 119 -37.14 18.79 16.80
C SER B 119 -36.81 17.53 16.01
N ILE B 120 -37.18 16.38 16.58
CA ILE B 120 -36.96 15.09 15.94
C ILE B 120 -38.17 14.20 16.22
N TYR B 121 -38.50 13.35 15.25
CA TYR B 121 -39.64 12.44 15.39
C TYR B 121 -39.39 11.18 14.57
N HIS B 122 -40.13 10.13 14.92
CA HIS B 122 -40.01 8.82 14.29
C HIS B 122 -41.41 8.26 14.01
N ARG B 123 -41.56 7.61 12.87
CA ARG B 123 -42.83 7.02 12.47
C ARG B 123 -42.60 5.68 11.80
N PRO B 124 -43.55 4.76 11.91
CA PRO B 124 -43.41 3.46 11.25
C PRO B 124 -43.59 3.55 9.74
N ILE B 125 -42.99 2.59 9.04
CA ILE B 125 -43.04 2.49 7.59
C ILE B 125 -43.24 1.03 7.23
N VAL B 126 -44.18 0.78 6.31
CA VAL B 126 -44.52 -0.57 5.88
C VAL B 126 -44.70 -0.59 4.37
N GLN B 127 -44.47 -1.76 3.77
CA GLN B 127 -44.77 -2.03 2.36
C GLN B 127 -45.73 -3.20 2.32
N ALA B 128 -46.88 -3.01 1.67
CA ALA B 128 -47.96 -3.97 1.82
C ALA B 128 -48.85 -4.00 0.57
N GLU B 129 -49.79 -4.93 0.60
CA GLU B 129 -50.85 -5.07 -0.38
C GLU B 129 -52.15 -4.63 0.27
N LEU B 130 -52.89 -3.73 -0.38
CA LEU B 130 -54.07 -3.13 0.22
C LEU B 130 -55.33 -3.64 -0.47
N THR B 131 -56.34 -3.96 0.33
CA THR B 131 -57.61 -4.47 -0.20
C THR B 131 -58.78 -3.73 0.43
N ALA B 132 -59.84 -3.52 -0.35
CA ALA B 132 -61.04 -2.86 0.16
C ALA B 132 -62.25 -3.38 -0.58
N PHE B 133 -63.40 -3.30 0.08
CA PHE B 133 -64.68 -3.73 -0.48
C PHE B 133 -65.64 -2.55 -0.47
N CYS B 134 -66.42 -2.40 -1.54
CA CYS B 134 -67.38 -1.31 -1.60
C CYS B 134 -68.51 -1.67 -2.54
N VAL B 135 -69.61 -0.93 -2.43
CA VAL B 135 -70.80 -1.13 -3.24
C VAL B 135 -71.06 0.15 -4.01
N GLY B 136 -71.09 0.06 -5.34
CA GLY B 136 -71.33 1.22 -6.16
C GLY B 136 -70.90 0.97 -7.59
N ASP B 137 -70.99 2.03 -8.40
CA ASP B 137 -70.62 1.94 -9.80
C ASP B 137 -69.11 1.72 -9.94
N GLN B 138 -68.73 1.13 -11.07
CA GLN B 138 -67.35 0.74 -11.30
C GLN B 138 -66.55 1.76 -12.11
N GLN B 139 -67.16 2.30 -13.17
CA GLN B 139 -66.42 3.17 -14.10
C GLN B 139 -65.93 4.43 -13.39
N GLY B 140 -66.78 5.06 -12.58
CA GLY B 140 -66.34 6.22 -11.84
C GLY B 140 -65.23 5.90 -10.87
N ILE B 141 -65.33 4.75 -10.18
CA ILE B 141 -64.28 4.34 -9.24
C ILE B 141 -62.97 4.12 -9.98
N GLU B 142 -63.01 3.45 -11.13
CA GLU B 142 -61.79 3.18 -11.86
C GLU B 142 -61.18 4.47 -12.40
N ALA B 143 -62.01 5.41 -12.85
CA ALA B 143 -61.49 6.70 -13.31
C ALA B 143 -60.82 7.46 -12.16
N LEU B 144 -61.48 7.51 -11.00
CA LEU B 144 -60.91 8.22 -9.86
C LEU B 144 -59.59 7.59 -9.43
N LEU B 145 -59.55 6.25 -9.38
CA LEU B 145 -58.31 5.57 -8.99
C LEU B 145 -57.20 5.79 -10.01
N SER B 146 -57.55 5.78 -11.30
CA SER B 146 -56.56 6.09 -12.33
C SER B 146 -56.05 7.52 -12.21
N GLU B 147 -56.86 8.43 -11.66
CA GLU B 147 -56.37 9.79 -11.43
C GLU B 147 -55.33 9.85 -10.31
N CYS B 148 -55.45 8.98 -9.30
CA CYS B 148 -54.56 9.04 -8.15
C CYS B 148 -53.14 8.61 -8.51
N ARG B 149 -52.17 9.11 -7.75
CA ARG B 149 -50.77 8.77 -7.94
C ARG B 149 -50.06 8.33 -6.66
N GLN B 150 -50.53 8.72 -5.48
CA GLN B 150 -49.93 8.34 -4.22
C GLN B 150 -51.02 7.97 -3.23
N ILE B 151 -50.63 7.32 -2.14
CA ILE B 151 -51.57 6.92 -1.10
C ILE B 151 -50.82 6.90 0.23
N GLY B 152 -51.47 7.39 1.27
CA GLY B 152 -50.90 7.47 2.59
C GLY B 152 -50.52 8.89 2.97
N GLY B 153 -49.86 9.01 4.12
CA GLY B 153 -49.42 10.31 4.60
C GLY B 153 -48.02 10.66 4.12
N LYS B 154 -47.61 11.90 4.43
CA LYS B 154 -46.28 12.41 4.08
C LYS B 154 -46.04 12.30 2.57
N ARG B 155 -47.05 12.66 1.79
CA ARG B 155 -46.97 12.57 0.34
C ARG B 155 -45.98 13.56 -0.27
N GLY B 156 -45.73 14.68 0.40
CA GLY B 156 -44.77 15.64 -0.11
C GLY B 156 -43.37 15.09 -0.15
N VAL B 157 -43.01 14.27 0.85
CA VAL B 157 -41.68 13.67 0.90
C VAL B 157 -41.53 12.59 -0.18
N GLY B 158 -42.63 12.02 -0.65
CA GLY B 158 -42.60 11.05 -1.71
C GLY B 158 -42.97 9.63 -1.33
N PHE B 159 -43.49 9.41 -0.12
CA PHE B 159 -43.84 8.07 0.33
C PHE B 159 -45.09 7.57 -0.40
N GLY B 160 -45.22 6.24 -0.46
CA GLY B 160 -46.43 5.61 -0.94
C GLY B 160 -46.82 5.83 -2.39
N GLN B 161 -45.85 5.68 -3.30
CA GLN B 161 -46.17 5.72 -4.72
C GLN B 161 -46.83 4.41 -5.12
N VAL B 162 -48.01 4.50 -5.73
CA VAL B 162 -48.82 3.33 -6.06
C VAL B 162 -48.34 2.75 -7.38
N ALA B 163 -48.21 1.42 -7.43
CA ALA B 163 -47.79 0.75 -8.65
C ALA B 163 -49.00 0.42 -9.54
N GLY B 164 -50.08 -0.06 -8.94
CA GLY B 164 -51.25 -0.42 -9.73
C GLY B 164 -52.45 -0.69 -8.85
N PHE B 165 -53.59 -0.83 -9.52
CA PHE B 165 -54.87 -1.07 -8.85
C PHE B 165 -55.75 -1.93 -9.76
N LYS B 166 -56.72 -2.59 -9.15
CA LYS B 166 -57.68 -3.40 -9.87
C LYS B 166 -59.02 -3.37 -9.15
N VAL B 167 -60.10 -3.35 -9.93
CA VAL B 167 -61.47 -3.34 -9.40
C VAL B 167 -62.23 -4.47 -10.08
N GLU B 168 -62.78 -5.38 -9.29
CA GLU B 168 -63.50 -6.52 -9.84
C GLU B 168 -64.76 -6.80 -9.03
N PRO B 169 -65.83 -7.26 -9.68
CA PRO B 169 -67.04 -7.63 -8.93
C PRO B 169 -66.83 -8.91 -8.15
N VAL B 170 -67.47 -8.96 -6.98
CA VAL B 170 -67.39 -10.11 -6.08
C VAL B 170 -68.80 -10.46 -5.64
N ALA B 171 -68.97 -11.71 -5.19
CA ALA B 171 -70.28 -12.19 -4.76
C ALA B 171 -70.76 -11.43 -3.52
N GLU B 172 -72.08 -11.41 -3.35
CA GLU B 172 -72.69 -10.66 -2.26
C GLU B 172 -72.27 -11.19 -0.89
N THR B 173 -71.95 -12.48 -0.79
CA THR B 173 -71.52 -13.05 0.48
C THR B 173 -70.04 -12.85 0.74
N ASP B 174 -69.28 -12.36 -0.24
CA ASP B 174 -67.84 -12.21 -0.12
C ASP B 174 -67.40 -10.75 -0.23
N CYS B 175 -68.26 -9.82 0.18
CA CYS B 175 -67.97 -8.38 0.13
C CYS B 175 -68.29 -7.77 1.48
N PRO B 176 -67.46 -8.00 2.49
CA PRO B 176 -67.73 -7.44 3.83
C PRO B 176 -67.35 -5.97 3.88
N TRP B 177 -68.37 -5.11 3.93
CA TRP B 177 -68.16 -3.68 4.06
C TRP B 177 -68.46 -3.16 5.45
N SER B 178 -68.81 -4.04 6.39
CA SER B 178 -69.09 -3.63 7.76
C SER B 178 -67.83 -3.36 8.57
N TRP B 179 -66.66 -3.76 8.06
CA TRP B 179 -65.39 -3.45 8.72
C TRP B 179 -65.11 -1.97 8.46
N ARG B 180 -65.71 -1.13 9.29
CA ARG B 180 -65.75 0.31 9.04
C ARG B 180 -66.13 1.00 10.35
N ALA B 181 -66.19 2.32 10.30
CA ALA B 181 -66.72 3.12 11.41
C ALA B 181 -68.22 3.30 11.20
N LEU B 182 -69.00 2.88 12.20
CA LEU B 182 -70.44 2.86 12.10
C LEU B 182 -71.06 3.63 13.26
N PRO B 183 -72.25 4.20 13.06
CA PRO B 183 -72.91 4.91 14.15
C PRO B 183 -73.25 3.98 15.30
N ALA B 184 -73.48 4.59 16.47
CA ALA B 184 -73.76 3.81 17.68
C ALA B 184 -75.04 3.00 17.53
N ASP B 185 -76.05 3.57 16.88
CA ASP B 185 -77.33 2.91 16.69
C ASP B 185 -77.35 2.01 15.44
N ALA B 186 -76.19 1.57 14.97
CA ALA B 186 -76.13 0.71 13.81
C ALA B 186 -76.77 -0.65 14.10
N ASP B 187 -77.27 -1.28 13.05
CA ASP B 187 -77.92 -2.58 13.20
C ASP B 187 -76.93 -3.62 13.72
N PRO B 188 -77.29 -4.38 14.75
CA PRO B 188 -76.33 -5.37 15.30
C PRO B 188 -75.88 -6.42 14.31
N ARG B 189 -76.61 -6.63 13.21
CA ARG B 189 -76.17 -7.61 12.22
C ARG B 189 -74.85 -7.21 11.61
N LEU B 190 -74.67 -5.91 11.31
CA LEU B 190 -73.41 -5.44 10.75
C LEU B 190 -72.30 -5.44 11.81
N VAL B 191 -72.64 -5.17 13.06
CA VAL B 191 -71.64 -5.07 14.12
C VAL B 191 -71.10 -6.46 14.45
N THR B 192 -69.78 -6.58 14.49
CA THR B 192 -69.09 -7.80 14.86
C THR B 192 -68.41 -7.62 16.22
N SER B 193 -67.68 -8.65 16.65
CA SER B 193 -66.97 -8.58 17.93
C SER B 193 -65.77 -7.64 17.86
N GLU B 194 -65.24 -7.38 16.67
CA GLU B 194 -64.09 -6.49 16.55
C GLU B 194 -64.47 -5.04 16.85
N HIS B 195 -65.70 -4.65 16.57
CA HIS B 195 -66.12 -3.28 16.79
C HIS B 195 -66.12 -2.95 18.28
N ALA B 196 -65.73 -1.70 18.59
CA ALA B 196 -65.72 -1.23 19.97
C ALA B 196 -66.21 0.21 19.99
N ARG B 197 -66.73 0.62 21.15
CA ARG B 197 -67.26 1.97 21.32
C ARG B 197 -66.11 2.95 21.49
N CYS B 198 -66.10 4.01 20.68
CA CYS B 198 -65.03 4.98 20.73
C CYS B 198 -65.51 6.30 20.13
N ILE B 199 -64.79 7.37 20.46
CA ILE B 199 -65.04 8.70 19.91
C ILE B 199 -64.24 8.82 18.62
N ALA B 200 -64.93 8.88 17.49
CA ALA B 200 -64.28 8.92 16.19
C ALA B 200 -65.21 9.58 15.19
N ALA B 201 -64.74 9.69 13.95
CA ALA B 201 -65.51 10.26 12.86
C ALA B 201 -66.00 9.15 11.93
N ILE B 202 -67.28 9.25 11.53
CA ILE B 202 -67.87 8.26 10.64
C ILE B 202 -67.97 8.74 9.20
N ARG B 203 -67.68 10.00 8.93
CA ARG B 203 -67.96 10.58 7.63
C ARG B 203 -67.14 11.85 7.45
N GLY B 204 -66.93 12.23 6.19
CA GLY B 204 -66.24 13.44 5.86
C GLY B 204 -64.78 13.42 6.27
N PRO B 205 -64.22 14.59 6.58
CA PRO B 205 -62.83 14.64 7.08
C PRO B 205 -62.69 13.96 8.42
N TYR B 206 -61.94 12.86 8.46
CA TYR B 206 -61.79 12.09 9.68
C TYR B 206 -60.81 12.73 10.67
N TRP B 207 -60.11 13.78 10.26
CA TRP B 207 -59.16 14.46 11.13
C TRP B 207 -59.76 15.67 11.85
N ASP B 208 -61.00 16.02 11.54
CA ASP B 208 -61.64 17.17 12.17
C ASP B 208 -62.21 16.74 13.52
N ARG B 209 -61.60 17.24 14.60
CA ARG B 209 -62.04 16.84 15.94
C ARG B 209 -63.38 17.46 16.32
N THR B 210 -63.80 18.54 15.66
CA THR B 210 -65.07 19.17 15.98
C THR B 210 -66.26 18.33 15.54
N LEU B 211 -66.06 17.38 14.62
CA LEU B 211 -67.13 16.53 14.12
C LEU B 211 -67.07 15.12 14.68
N HIS B 212 -66.17 14.85 15.62
CA HIS B 212 -66.08 13.52 16.21
C HIS B 212 -67.28 13.23 17.09
N VAL B 213 -67.79 12.00 17.02
CA VAL B 213 -68.95 11.57 17.78
C VAL B 213 -68.68 10.16 18.32
N GLU B 214 -69.53 9.74 19.25
CA GLU B 214 -69.48 8.37 19.75
C GLU B 214 -69.99 7.41 18.69
N ALA B 215 -69.24 6.33 18.46
CA ALA B 215 -69.56 5.41 17.39
C ALA B 215 -68.90 4.07 17.70
N LEU B 216 -69.05 3.12 16.77
CA LEU B 216 -68.44 1.81 16.87
C LEU B 216 -67.43 1.63 15.76
N ALA B 217 -66.19 1.33 16.12
CA ALA B 217 -65.11 1.18 15.15
C ALA B 217 -64.17 0.07 15.59
N PRO B 218 -63.53 -0.61 14.65
CA PRO B 218 -62.51 -1.61 14.99
C PRO B 218 -61.11 -1.02 14.99
N THR B 219 -60.22 -1.72 15.69
CA THR B 219 -58.82 -1.33 15.70
C THR B 219 -58.17 -1.67 14.36
N PRO B 220 -57.42 -0.72 13.76
CA PRO B 220 -56.73 -0.92 12.48
C PRO B 220 -55.81 -2.15 12.48
N MET C 1 -47.13 17.52 -13.95
CA MET C 1 -45.79 17.78 -14.48
C MET C 1 -44.76 16.86 -13.83
N GLN C 2 -43.83 16.35 -14.65
CA GLN C 2 -42.86 15.36 -14.20
C GLN C 2 -41.46 15.76 -14.66
N ILE C 3 -40.56 15.99 -13.70
CA ILE C 3 -39.16 16.30 -13.98
C ILE C 3 -38.30 15.19 -13.41
N GLU C 4 -37.39 14.67 -14.23
CA GLU C 4 -36.47 13.61 -13.80
C GLU C 4 -35.05 14.09 -14.02
N VAL C 5 -34.27 14.15 -12.94
CA VAL C 5 -32.89 14.62 -12.98
C VAL C 5 -31.98 13.45 -12.69
N THR C 6 -31.14 13.10 -13.66
CA THR C 6 -30.14 12.05 -13.51
C THR C 6 -28.79 12.72 -13.28
N VAL C 7 -28.16 12.39 -12.15
CA VAL C 7 -26.93 13.03 -11.72
C VAL C 7 -25.88 11.97 -11.44
N ARG C 8 -24.62 12.41 -11.39
CA ARG C 8 -23.50 11.55 -11.04
C ARG C 8 -22.69 12.25 -9.95
N ASN C 9 -22.30 11.50 -8.93
CA ASN C 9 -21.55 12.07 -7.81
C ASN C 9 -20.06 11.91 -8.07
N ILE C 10 -19.28 12.88 -7.58
CA ILE C 10 -17.83 12.82 -7.68
C ILE C 10 -17.19 12.38 -6.36
N THR C 11 -17.84 12.67 -5.23
CA THR C 11 -17.31 12.42 -3.91
C THR C 11 -18.26 11.54 -3.12
N PRO C 12 -17.77 10.83 -2.10
CA PRO C 12 -18.65 9.95 -1.33
C PRO C 12 -19.79 10.71 -0.67
N ILE C 13 -20.94 10.04 -0.58
CA ILE C 13 -22.14 10.61 0.02
C ILE C 13 -22.28 10.04 1.43
N PHE C 14 -22.53 10.92 2.40
CA PHE C 14 -22.62 10.52 3.80
C PHE C 14 -23.86 11.16 4.41
N SER C 15 -24.82 10.33 4.82
CA SER C 15 -26.01 10.78 5.52
C SER C 15 -26.10 10.01 6.83
N ALA C 16 -25.90 10.71 7.95
CA ALA C 16 -25.86 10.07 9.28
C ALA C 16 -27.18 9.35 9.59
N ALA C 17 -27.06 8.15 10.17
CA ALA C 17 -28.21 7.30 10.55
C ALA C 17 -28.27 7.24 12.07
N PRO C 18 -29.43 7.43 12.72
CA PRO C 18 -29.50 7.44 14.19
C PRO C 18 -29.63 6.04 14.81
N GLY C 19 -28.49 5.49 15.24
CA GLY C 19 -28.41 4.17 15.88
C GLY C 19 -27.08 3.99 16.58
N SER C 20 -26.94 2.97 17.42
CA SER C 20 -25.64 2.70 18.08
C SER C 20 -25.02 1.48 17.42
N ASN C 21 -23.85 1.65 16.78
CA ASN C 21 -23.18 0.54 16.05
C ASN C 21 -21.70 0.48 16.43
N TYR C 22 -21.15 -0.73 16.51
CA TYR C 22 -19.75 -0.90 16.85
C TYR C 22 -19.08 -1.82 15.83
N ILE C 23 -17.81 -1.56 15.56
CA ILE C 23 -17.03 -2.33 14.59
C ILE C 23 -15.68 -2.68 15.22
N THR C 24 -15.08 -3.74 14.71
CA THR C 24 -13.76 -4.17 15.19
C THR C 24 -12.67 -3.51 14.35
N ILE C 25 -11.42 -3.94 14.57
CA ILE C 25 -10.32 -3.46 13.75
C ILE C 25 -10.45 -3.96 12.33
N ASP C 26 -10.83 -5.24 12.17
CA ASP C 26 -11.01 -5.82 10.85
C ASP C 26 -12.41 -5.53 10.30
N GLY C 27 -12.78 -6.19 9.21
CA GLY C 27 -14.00 -5.88 8.49
C GLY C 27 -15.30 -6.16 9.24
N THR C 28 -15.32 -7.22 10.06
CA THR C 28 -16.55 -7.67 10.69
C THR C 28 -17.19 -6.56 11.53
N ILE C 29 -18.49 -6.39 11.37
CA ILE C 29 -19.24 -5.34 12.05
C ILE C 29 -20.15 -5.94 13.10
N ASN C 30 -20.52 -5.12 14.10
CA ASN C 30 -21.38 -5.52 15.21
C ASN C 30 -20.87 -6.80 15.89
N PRO C 31 -19.71 -6.73 16.53
CA PRO C 31 -19.15 -7.95 17.13
C PRO C 31 -19.89 -8.33 18.39
N PRO C 32 -19.87 -9.61 18.76
CA PRO C 32 -20.39 -10.00 20.07
C PRO C 32 -19.49 -9.44 21.17
N PRO C 33 -20.04 -9.21 22.37
CA PRO C 33 -19.22 -8.66 23.46
C PRO C 33 -18.08 -9.59 23.82
N GLY C 34 -16.94 -8.99 24.16
CA GLY C 34 -15.75 -9.73 24.51
C GLY C 34 -14.52 -9.38 23.69
N VAL C 35 -14.65 -8.50 22.70
CA VAL C 35 -13.55 -8.10 21.85
C VAL C 35 -13.55 -6.58 21.77
N SER C 36 -12.37 -6.01 21.51
CA SER C 36 -12.22 -4.56 21.37
C SER C 36 -13.09 -4.04 20.23
N ARG C 37 -13.83 -2.97 20.50
CA ARG C 37 -14.76 -2.41 19.52
C ARG C 37 -14.67 -0.88 19.53
N PHE C 38 -15.06 -0.27 18.42
CA PHE C 38 -15.04 1.17 18.24
C PHE C 38 -16.39 1.63 17.71
N PRO C 39 -16.83 2.83 18.08
CA PRO C 39 -18.13 3.32 17.57
C PRO C 39 -18.11 3.53 16.07
N LEU C 40 -19.27 3.34 15.45
CA LEU C 40 -19.40 3.46 14.00
C LEU C 40 -20.70 4.18 13.67
N VAL C 41 -20.64 4.99 12.61
CA VAL C 41 -21.81 5.70 12.09
C VAL C 41 -22.00 5.28 10.64
N ARG C 42 -23.21 4.82 10.31
CA ARG C 42 -23.50 4.29 8.98
C ARG C 42 -24.40 5.25 8.22
N THR C 43 -24.42 5.09 6.89
CA THR C 43 -25.26 5.90 6.04
C THR C 43 -26.72 5.45 6.14
N ARG C 44 -27.61 6.30 5.61
CA ARG C 44 -29.03 5.98 5.62
C ARG C 44 -29.31 4.84 4.65
N MET C 45 -30.03 3.83 5.14
CA MET C 45 -30.35 2.65 4.33
C MET C 45 -31.81 2.28 4.54
N MET C 46 -32.46 1.87 3.44
CA MET C 46 -33.87 1.53 3.45
C MET C 46 -34.04 0.13 2.87
N TYR C 47 -34.92 -0.65 3.51
CA TYR C 47 -35.24 -1.99 3.01
C TYR C 47 -36.36 -1.90 1.98
N VAL C 48 -36.14 -2.56 0.84
CA VAL C 48 -37.07 -2.50 -0.28
C VAL C 48 -37.33 -3.91 -0.78
N ALA C 49 -38.39 -4.05 -1.58
CA ALA C 49 -38.76 -5.34 -2.17
C ALA C 49 -37.98 -5.57 -3.45
N ALA C 50 -37.64 -6.83 -3.72
CA ALA C 50 -36.89 -7.18 -4.92
C ALA C 50 -37.54 -8.36 -5.61
N ASP C 51 -37.74 -8.22 -6.92
CA ASP C 51 -38.22 -9.28 -7.81
C ASP C 51 -37.30 -9.36 -9.03
N VAL C 52 -36.23 -10.15 -8.91
CA VAL C 52 -35.32 -10.35 -10.03
C VAL C 52 -35.19 -11.84 -10.33
N GLY C 53 -35.29 -12.21 -11.61
CA GLY C 53 -35.08 -13.56 -12.05
C GLY C 53 -36.20 -14.53 -11.72
N ASP C 54 -37.12 -14.15 -10.83
CA ASP C 54 -38.18 -15.03 -10.38
C ASP C 54 -39.39 -14.23 -9.90
N GLY C 55 -40.33 -14.90 -9.24
CA GLY C 55 -41.56 -14.26 -8.81
C GLY C 55 -41.70 -14.03 -7.33
N VAL C 56 -40.85 -14.66 -6.51
CA VAL C 56 -40.89 -14.45 -5.07
C VAL C 56 -40.08 -13.21 -4.74
N ILE C 57 -40.55 -12.45 -3.74
CA ILE C 57 -39.99 -11.15 -3.41
C ILE C 57 -39.02 -11.34 -2.25
N LYS C 58 -37.87 -10.66 -2.31
CA LYS C 58 -36.90 -10.69 -1.22
C LYS C 58 -36.68 -9.29 -0.68
N SER C 59 -36.47 -9.20 0.63
CA SER C 59 -36.21 -7.91 1.28
C SER C 59 -34.72 -7.61 1.16
N VAL C 60 -34.38 -6.46 0.58
CA VAL C 60 -32.99 -6.12 0.33
C VAL C 60 -32.73 -4.68 0.77
N PRO C 61 -31.61 -4.41 1.44
CA PRO C 61 -31.26 -3.03 1.78
C PRO C 61 -30.74 -2.25 0.57
N LEU C 62 -30.89 -0.94 0.64
CA LEU C 62 -30.42 -0.05 -0.40
C LEU C 62 -30.11 1.31 0.21
N GLN C 63 -28.97 1.89 -0.17
CA GLN C 63 -28.55 3.18 0.35
C GLN C 63 -29.16 4.29 -0.49
N ILE C 64 -29.83 5.23 0.18
CA ILE C 64 -30.55 6.32 -0.48
C ILE C 64 -30.25 7.61 0.27
N VAL C 65 -30.69 8.72 -0.32
CA VAL C 65 -30.64 10.03 0.29
C VAL C 65 -32.08 10.46 0.59
N PRO C 66 -32.40 10.82 1.83
CA PRO C 66 -33.80 11.14 2.16
C PRO C 66 -34.34 12.31 1.35
N GLY C 67 -35.63 12.22 1.01
CA GLY C 67 -36.24 13.25 0.19
C GLY C 67 -36.42 14.56 0.91
N ASN C 68 -36.52 14.52 2.24
CA ASN C 68 -36.62 15.75 3.02
C ASN C 68 -35.36 16.59 2.88
N THR C 69 -34.19 15.95 2.93
CA THR C 69 -32.93 16.68 2.75
C THR C 69 -32.86 17.32 1.37
N MET C 70 -33.26 16.58 0.33
CA MET C 70 -33.25 17.12 -1.02
C MET C 70 -34.22 18.29 -1.16
N ARG C 71 -35.41 18.17 -0.57
CA ARG C 71 -36.38 19.26 -0.63
C ARG C 71 -35.86 20.50 0.08
N SER C 72 -35.25 20.33 1.26
CA SER C 72 -34.72 21.48 1.99
C SER C 72 -33.55 22.11 1.24
N LEU C 73 -32.68 21.29 0.63
CA LEU C 73 -31.58 21.83 -0.15
C LEU C 73 -32.08 22.61 -1.36
N LEU C 74 -33.11 22.09 -2.03
CA LEU C 74 -33.70 22.81 -3.15
C LEU C 74 -34.31 24.13 -2.71
N ARG C 75 -35.00 24.13 -1.56
CA ARG C 75 -35.57 25.36 -1.03
C ARG C 75 -34.48 26.37 -0.71
N ARG C 76 -33.40 25.92 -0.08
CA ARG C 76 -32.30 26.83 0.26
C ARG C 76 -31.64 27.39 -0.99
N THR C 77 -31.45 26.55 -2.01
CA THR C 77 -30.86 27.04 -3.26
C THR C 77 -31.77 28.07 -3.92
N MET C 78 -33.08 27.78 -3.98
CA MET C 78 -34.02 28.71 -4.58
C MET C 78 -34.04 30.05 -3.84
N LEU C 79 -34.04 30.01 -2.51
CA LEU C 79 -34.00 31.24 -1.74
C LEU C 79 -32.71 32.02 -1.96
N LYS C 80 -31.56 31.36 -1.78
CA LYS C 80 -30.27 32.06 -1.78
C LYS C 80 -29.92 32.61 -3.16
N HIS C 81 -30.14 31.83 -4.22
CA HIS C 81 -29.67 32.23 -5.55
C HIS C 81 -30.67 33.09 -6.30
N VAL C 82 -31.93 33.16 -5.86
CA VAL C 82 -32.97 33.90 -6.55
C VAL C 82 -33.63 34.94 -5.64
N ILE C 83 -34.24 34.49 -4.55
CA ILE C 83 -35.12 35.38 -3.78
C ILE C 83 -34.32 36.47 -3.08
N GLU C 84 -33.24 36.09 -2.40
CA GLU C 84 -32.46 37.07 -1.64
C GLU C 84 -31.84 38.15 -2.52
N PRO C 85 -31.17 37.85 -3.64
CA PRO C 85 -30.63 38.95 -4.46
C PRO C 85 -31.70 39.92 -4.94
N ALA C 86 -32.86 39.41 -5.37
CA ALA C 86 -33.92 40.29 -5.84
C ALA C 86 -34.49 41.14 -4.72
N LEU C 87 -34.70 40.55 -3.55
CA LEU C 87 -35.25 41.29 -2.42
C LEU C 87 -34.28 42.35 -1.94
N VAL C 88 -32.98 42.05 -1.95
CA VAL C 88 -31.97 43.04 -1.60
C VAL C 88 -31.92 44.16 -2.64
N GLU C 89 -32.03 43.80 -3.92
CA GLU C 89 -32.01 44.81 -4.98
C GLU C 89 -33.19 45.76 -4.85
N LYS C 90 -34.38 45.23 -4.58
CA LYS C 90 -35.55 46.07 -4.36
C LYS C 90 -35.42 46.89 -3.08
N GLY C 91 -34.70 46.38 -2.09
CA GLY C 91 -34.55 47.07 -0.83
C GLY C 91 -35.48 46.59 0.26
N ASN C 92 -36.41 45.70 -0.06
CA ASN C 92 -37.35 45.17 0.91
C ASN C 92 -36.62 44.33 1.96
N LYS C 93 -37.04 44.47 3.21
CA LYS C 93 -36.43 43.73 4.32
C LYS C 93 -37.51 42.92 5.03
N LEU C 94 -37.16 41.68 5.38
CA LEU C 94 -38.10 40.75 5.99
C LEU C 94 -38.04 40.85 7.51
N SER C 95 -39.17 40.53 8.15
CA SER C 95 -39.22 40.42 9.59
C SER C 95 -38.73 39.04 10.03
N ILE C 96 -38.61 38.87 11.35
CA ILE C 96 -38.13 37.60 11.90
C ILE C 96 -39.12 36.48 11.57
N GLY C 97 -40.42 36.74 11.74
CA GLY C 97 -41.41 35.72 11.45
C GLY C 97 -41.46 35.35 9.98
N ALA C 98 -41.41 36.36 9.11
CA ALA C 98 -41.40 36.08 7.67
C ALA C 98 -40.14 35.31 7.26
N TYR C 99 -38.99 35.69 7.83
CA TYR C 99 -37.75 34.97 7.54
C TYR C 99 -37.85 33.51 7.97
N ALA C 100 -38.33 33.26 9.18
CA ALA C 100 -38.47 31.89 9.67
C ALA C 100 -39.45 31.10 8.83
N THR C 101 -40.58 31.71 8.44
CA THR C 101 -41.56 31.02 7.62
C THR C 101 -41.00 30.69 6.24
N ALA C 102 -40.23 31.62 5.66
CA ALA C 102 -39.70 31.39 4.31
C ALA C 102 -38.60 30.35 4.31
N TYR C 103 -37.75 30.33 5.33
CA TYR C 103 -36.59 29.45 5.30
C TYR C 103 -36.85 28.08 5.94
N SER C 104 -37.70 28.03 6.97
CA SER C 104 -37.94 26.80 7.69
C SER C 104 -39.36 26.29 7.51
N GLY C 105 -40.26 27.13 6.98
CA GLY C 105 -41.65 26.73 6.85
C GLY C 105 -42.34 26.52 8.18
N ASN C 106 -41.76 27.01 9.27
CA ASN C 106 -42.29 26.80 10.60
C ASN C 106 -43.52 27.68 10.83
N ALA C 107 -44.34 27.24 11.78
CA ALA C 107 -45.51 28.00 12.18
C ALA C 107 -45.27 28.81 13.45
N THR C 108 -44.00 29.05 13.79
CA THR C 108 -43.68 29.81 14.99
C THR C 108 -43.72 31.31 14.74
N GLY C 109 -44.83 31.76 14.15
CA GLY C 109 -45.13 33.19 14.12
C GLY C 109 -46.18 33.54 15.15
N ASN C 110 -47.43 33.65 14.71
CA ASN C 110 -48.56 33.58 15.63
C ASN C 110 -48.75 32.11 16.01
N PRO C 111 -48.43 31.73 17.25
CA PRO C 111 -48.41 30.31 17.60
C PRO C 111 -49.75 29.62 17.37
N ASP C 112 -50.82 30.34 17.67
CA ASP C 112 -52.16 29.83 17.45
C ASP C 112 -52.45 29.73 15.96
N GLY C 113 -53.37 28.84 15.59
CA GLY C 113 -53.72 28.67 14.19
C GLY C 113 -54.28 29.93 13.55
N VAL C 114 -53.96 30.16 12.29
CA VAL C 114 -54.38 31.37 11.60
C VAL C 114 -55.56 31.06 10.68
N PRO C 115 -56.74 31.59 10.96
CA PRO C 115 -57.87 31.43 10.02
C PRO C 115 -57.62 32.21 8.74
N SER C 116 -58.03 31.61 7.63
CA SER C 116 -57.80 32.20 6.31
C SER C 116 -59.09 32.23 5.50
N SER C 117 -58.99 32.80 4.30
CA SER C 117 -60.11 32.84 3.38
C SER C 117 -59.68 32.27 2.03
N PHE C 118 -60.66 31.78 1.27
CA PHE C 118 -60.34 31.12 0.01
C PHE C 118 -59.76 32.09 -1.01
N ASP C 119 -60.11 33.38 -0.93
CA ASP C 119 -59.47 34.36 -1.80
C ASP C 119 -57.97 34.43 -1.53
N GLU C 120 -57.61 34.65 -0.26
CA GLU C 120 -56.20 34.74 0.10
C GLU C 120 -55.49 33.40 -0.06
N ILE C 121 -56.20 32.30 0.20
CA ILE C 121 -55.61 30.98 0.01
C ILE C 121 -55.25 30.77 -1.46
N ALA C 122 -56.16 31.15 -2.36
CA ALA C 122 -55.87 31.04 -3.79
C ALA C 122 -54.73 31.97 -4.20
N THR C 123 -54.70 33.20 -3.65
CA THR C 123 -53.64 34.13 -4.02
C THR C 123 -52.26 33.63 -3.60
N MET C 124 -52.13 33.11 -2.37
CA MET C 124 -50.84 32.58 -1.94
C MET C 124 -50.50 31.28 -2.67
N ARG C 125 -51.48 30.45 -2.98
CA ARG C 125 -51.17 29.25 -3.76
C ARG C 125 -50.82 29.59 -5.21
N ALA C 126 -51.16 30.79 -5.67
CA ALA C 126 -50.72 31.27 -6.98
C ALA C 126 -49.37 31.97 -6.91
N HIS C 127 -48.83 32.19 -5.71
CA HIS C 127 -47.54 32.85 -5.59
C HIS C 127 -46.43 31.95 -6.12
N PRO C 128 -45.44 32.51 -6.81
CA PRO C 128 -44.37 31.67 -7.39
C PRO C 128 -43.59 30.88 -6.35
N PHE C 129 -43.39 31.43 -5.14
CA PHE C 129 -42.57 30.78 -4.14
C PHE C 129 -43.38 30.27 -2.94
N ILE C 130 -44.30 31.08 -2.42
CA ILE C 130 -45.07 30.67 -1.24
C ILE C 130 -45.94 29.46 -1.55
N GLY C 131 -46.57 29.45 -2.73
CA GLY C 131 -47.41 28.33 -3.11
C GLY C 131 -46.65 27.04 -3.36
N LEU C 132 -45.35 27.15 -3.64
CA LEU C 132 -44.56 25.95 -3.93
C LEU C 132 -44.33 25.11 -2.67
N PHE C 133 -44.00 25.75 -1.56
CA PHE C 133 -43.63 25.06 -0.33
C PHE C 133 -44.73 25.15 0.72
N GLY C 134 -45.70 26.04 0.51
CA GLY C 134 -46.77 26.23 1.47
C GLY C 134 -46.26 26.55 2.86
N GLY C 135 -46.74 25.80 3.85
CA GLY C 135 -46.30 25.98 5.22
C GLY C 135 -46.85 27.23 5.87
N GLY C 136 -46.18 27.68 6.93
CA GLY C 136 -46.61 28.85 7.65
C GLY C 136 -47.62 28.52 8.74
N PRO C 137 -48.05 29.52 9.48
CA PRO C 137 -49.06 29.28 10.53
C PRO C 137 -50.38 28.75 9.97
N ARG C 138 -50.70 29.10 8.73
CA ARG C 138 -51.90 28.62 8.07
C ARG C 138 -51.78 27.17 7.62
N MET C 139 -50.55 26.66 7.53
CA MET C 139 -50.29 25.31 7.01
C MET C 139 -50.92 25.13 5.62
N LEU C 140 -50.57 26.05 4.72
CA LEU C 140 -51.05 25.99 3.32
C LEU C 140 -50.42 24.77 2.63
N GLU C 141 -51.19 24.09 1.78
CA GLU C 141 -50.69 22.89 1.05
C GLU C 141 -49.64 23.32 0.02
N GLY C 142 -48.62 22.47 -0.20
CA GLY C 142 -47.52 22.77 -1.13
C GLY C 142 -47.73 22.17 -2.51
N ARG C 143 -47.51 22.98 -3.56
CA ARG C 143 -47.64 22.59 -4.95
C ARG C 143 -46.42 21.82 -5.47
N LEU C 144 -45.34 21.77 -4.70
CA LEU C 144 -44.11 21.11 -5.11
C LEU C 144 -44.00 19.75 -4.42
N MET C 145 -43.64 18.72 -5.18
CA MET C 145 -43.51 17.37 -4.68
C MET C 145 -42.11 16.87 -5.00
N VAL C 146 -41.39 16.41 -3.98
CA VAL C 146 -39.99 16.02 -4.08
C VAL C 146 -39.84 14.56 -3.66
N ASP C 147 -39.09 13.80 -4.45
CA ASP C 147 -38.78 12.41 -4.16
C ASP C 147 -37.38 12.29 -3.57
N SER C 148 -37.07 11.09 -3.08
CA SER C 148 -35.74 10.80 -2.57
C SER C 148 -34.78 10.51 -3.72
N LEU C 149 -33.49 10.51 -3.40
CA LEU C 149 -32.45 10.24 -4.38
C LEU C 149 -32.19 8.73 -4.43
N TYR C 150 -32.46 8.13 -5.59
CA TYR C 150 -32.33 6.69 -5.74
C TYR C 150 -31.15 6.35 -6.65
N PRO C 151 -30.15 5.63 -6.16
CA PRO C 151 -29.08 5.16 -7.05
C PRO C 151 -29.61 4.11 -8.01
N ILE C 152 -28.98 4.06 -9.19
CA ILE C 152 -29.36 3.10 -10.22
C ILE C 152 -28.68 1.78 -9.87
N HIS C 153 -29.38 0.93 -9.12
CA HIS C 153 -28.84 -0.33 -8.64
C HIS C 153 -29.86 -1.44 -8.90
N THR C 154 -29.39 -2.68 -8.86
CA THR C 154 -30.28 -3.82 -9.04
C THR C 154 -31.33 -3.89 -7.94
N ASN C 155 -30.95 -3.57 -6.70
CA ASN C 155 -31.91 -3.59 -5.60
C ASN C 155 -33.06 -2.61 -5.83
N ALA C 156 -32.80 -1.59 -6.68
CA ALA C 156 -33.75 -0.49 -6.95
C ALA C 156 -34.65 -0.83 -8.15
N GLU C 157 -34.63 -2.08 -8.61
CA GLU C 157 -35.44 -2.48 -9.79
C GLU C 157 -36.94 -2.28 -9.51
N ARG C 158 -37.42 -2.52 -8.28
CA ARG C 158 -38.86 -2.32 -8.00
C ARG C 158 -39.24 -0.83 -8.16
N ILE C 159 -38.41 0.07 -7.63
CA ILE C 159 -38.69 1.54 -7.68
C ILE C 159 -38.75 2.03 -9.14
N LEU C 160 -37.82 1.58 -9.99
CA LEU C 160 -37.81 2.00 -11.41
C LEU C 160 -38.23 0.82 -12.28
N GLY C 161 -39.38 0.94 -12.96
CA GLY C 161 -39.90 -0.17 -13.79
C GLY C 161 -39.08 -0.52 -15.03
N ALA C 162 -38.66 0.48 -15.81
CA ALA C 162 -37.94 0.20 -17.08
C ALA C 162 -37.22 1.45 -17.61
N GLY C 163 -36.47 1.28 -18.70
CA GLY C 163 -35.73 2.36 -19.38
C GLY C 163 -34.31 2.50 -18.88
N TYR C 164 -33.92 1.69 -17.90
CA TYR C 164 -32.54 1.73 -17.36
C TYR C 164 -31.87 0.36 -17.56
N GLU C 165 -32.21 -0.35 -18.64
CA GLU C 165 -31.64 -1.69 -18.79
C GLU C 165 -30.13 -1.67 -18.66
N ASN C 166 -29.49 -0.54 -18.94
CA ASN C 166 -28.04 -0.38 -18.82
C ASN C 166 -27.69 0.46 -17.60
N GLU C 167 -26.39 0.60 -17.34
CA GLU C 167 -25.86 1.40 -16.24
C GLU C 167 -26.39 0.96 -14.88
N MET C 168 -26.60 -0.34 -14.72
CA MET C 168 -27.14 -0.88 -13.46
C MET C 168 -26.00 -1.39 -12.60
N MET C 169 -25.84 -0.80 -11.42
CA MET C 169 -24.83 -1.24 -10.46
C MET C 169 -25.25 -2.53 -9.76
N SER C 170 -24.26 -3.35 -9.46
CA SER C 170 -24.44 -4.58 -8.69
C SER C 170 -23.39 -4.66 -7.59
N GLY C 171 -23.67 -5.44 -6.55
CA GLY C 171 -22.75 -5.59 -5.44
C GLY C 171 -22.81 -4.43 -4.47
N PRO C 172 -21.93 -4.45 -3.47
CA PRO C 172 -21.96 -3.40 -2.44
C PRO C 172 -21.53 -2.05 -2.99
N ILE C 173 -22.05 -0.99 -2.38
CA ILE C 173 -21.76 0.38 -2.78
C ILE C 173 -21.30 1.22 -1.60
N THR C 174 -20.84 0.59 -0.53
CA THR C 174 -20.47 1.29 0.70
C THR C 174 -19.11 0.81 1.18
N GLN C 175 -18.43 1.68 1.94
CA GLN C 175 -17.13 1.36 2.49
C GLN C 175 -16.92 2.17 3.77
N VAL C 176 -16.11 1.63 4.67
CA VAL C 176 -15.83 2.24 5.97
C VAL C 176 -14.55 3.04 5.88
N VAL C 177 -14.57 4.26 6.43
CA VAL C 177 -13.42 5.16 6.45
C VAL C 177 -13.11 5.49 7.91
N TRP C 178 -11.84 5.39 8.28
CA TRP C 178 -11.41 5.57 9.64
C TRP C 178 -10.85 6.97 9.86
N ALA C 179 -10.74 7.36 11.13
CA ALA C 179 -10.19 8.67 11.50
C ALA C 179 -9.71 8.60 12.94
N ARG C 180 -8.54 9.19 13.18
CA ARG C 180 -8.00 9.33 14.52
C ARG C 180 -7.77 10.79 14.84
N ARG C 181 -7.99 11.16 16.10
CA ARG C 181 -7.65 12.48 16.61
C ARG C 181 -6.38 12.38 17.43
N MET C 182 -5.40 13.22 17.09
CA MET C 182 -4.09 13.22 17.74
C MET C 182 -4.06 14.23 18.88
N ASP C 183 -2.88 14.41 19.46
CA ASP C 183 -2.65 15.41 20.50
C ASP C 183 -1.53 16.34 20.04
N PRO C 184 -1.82 17.60 19.71
CA PRO C 184 -0.77 18.50 19.21
C PRO C 184 0.35 18.75 20.21
N ILE C 185 0.09 18.63 21.51
CA ILE C 185 1.12 18.91 22.50
C ILE C 185 2.20 17.84 22.46
N LEU C 186 1.81 16.57 22.27
CA LEU C 186 2.77 15.47 22.24
C LEU C 186 3.73 15.56 21.06
N ASN C 187 3.45 16.40 20.06
CA ASN C 187 4.32 16.55 18.91
C ASN C 187 5.36 17.63 19.09
N LEU C 188 5.38 18.31 20.23
CA LEU C 188 6.39 19.33 20.50
C LEU C 188 7.76 18.68 20.64
N GLY C 189 8.77 19.29 20.03
CA GLY C 189 10.09 18.67 20.00
C GLY C 189 11.27 19.58 20.26
N SER C 190 11.03 20.88 20.43
CA SER C 190 12.13 21.82 20.65
C SER C 190 11.57 23.07 21.34
N SER C 191 12.49 23.90 21.84
CA SER C 191 12.09 25.13 22.50
C SER C 191 11.45 26.11 21.52
N GLU C 192 11.93 26.13 20.27
CA GLU C 192 11.33 27.00 19.27
C GLU C 192 9.89 26.62 18.97
N ASP C 193 9.53 25.35 19.17
CA ASP C 193 8.15 24.93 18.99
C ASP C 193 7.27 25.50 20.10
N VAL C 194 7.81 25.63 21.31
CA VAL C 194 7.04 26.06 22.48
C VAL C 194 7.25 27.55 22.78
N GLU C 195 7.86 28.29 21.86
CA GLU C 195 8.07 29.72 22.08
C GLU C 195 6.81 30.56 21.88
N VAL C 196 5.66 29.92 21.68
CA VAL C 196 4.41 30.63 21.42
C VAL C 196 3.41 30.49 22.57
N ILE C 197 3.70 29.69 23.59
CA ILE C 197 2.79 29.47 24.70
C ILE C 197 3.17 30.37 25.86
N ASN C 198 2.19 30.63 26.73
CA ASN C 198 2.40 31.44 27.94
C ASN C 198 3.25 30.63 28.91
N GLY C 199 4.55 30.83 28.83
CA GLY C 199 5.50 30.02 29.57
C GLY C 199 6.13 29.05 28.59
N GLY C 200 7.32 28.59 28.92
CA GLY C 200 8.04 27.70 28.04
C GLY C 200 7.79 26.24 28.33
N ALA C 201 8.82 25.56 28.84
CA ALA C 201 8.74 24.13 29.08
C ALA C 201 7.79 23.77 30.21
N VAL C 202 7.67 24.63 31.23
CA VAL C 202 6.99 24.25 32.47
C VAL C 202 5.51 23.95 32.22
N ALA C 203 4.84 24.81 31.43
CA ALA C 203 3.42 24.61 31.17
C ALA C 203 3.16 23.30 30.42
N ALA C 204 4.00 23.01 29.42
CA ALA C 204 3.86 21.77 28.68
C ALA C 204 4.11 20.55 29.57
N ASN C 205 5.08 20.64 30.47
CA ASN C 205 5.33 19.55 31.40
C ASN C 205 4.15 19.35 32.35
N GLY C 206 3.55 20.45 32.81
CA GLY C 206 2.35 20.33 33.63
C GLY C 206 1.21 19.69 32.88
N TRP C 207 1.10 19.99 31.57
CA TRP C 207 0.08 19.33 30.76
C TRP C 207 0.34 17.83 30.67
N ILE C 208 1.60 17.44 30.48
CA ILE C 208 1.94 16.01 30.50
C ILE C 208 1.55 15.39 31.83
N GLN C 209 1.89 16.05 32.93
CA GLN C 209 1.63 15.46 34.24
C GLN C 209 0.13 15.32 34.50
N ASP C 210 -0.65 16.31 34.09
CA ASP C 210 -2.11 16.21 34.22
C ASP C 210 -2.65 15.09 33.35
N LEU C 211 -2.16 14.95 32.13
CA LEU C 211 -2.61 13.88 31.25
C LEU C 211 -2.28 12.52 31.84
N LEU C 212 -1.07 12.36 32.39
CA LEU C 212 -0.68 11.08 32.98
C LEU C 212 -1.47 10.80 34.26
N ALA C 213 -1.77 11.83 35.04
CA ALA C 213 -2.61 11.63 36.22
C ALA C 213 -4.00 11.18 35.82
N ASN C 214 -4.57 11.78 34.77
CA ASN C 214 -5.87 11.33 34.27
C ASN C 214 -5.78 9.91 33.73
N SER C 215 -4.67 9.57 33.09
CA SER C 215 -4.50 8.20 32.59
C SER C 215 -4.46 7.19 33.73
N LYS C 216 -3.74 7.51 34.81
CA LYS C 216 -3.72 6.63 35.97
C LYS C 216 -5.09 6.55 36.62
N ALA C 217 -5.81 7.66 36.68
CA ALA C 217 -7.17 7.64 37.23
C ALA C 217 -8.08 6.74 36.41
N ALA C 218 -7.96 6.80 35.08
CA ALA C 218 -8.76 5.92 34.23
C ALA C 218 -8.35 4.47 34.38
N ALA C 219 -7.05 4.20 34.47
CA ALA C 219 -6.54 2.84 34.59
C ALA C 219 -6.80 2.24 35.96
N SER C 220 -7.11 3.05 36.97
CA SER C 220 -7.49 2.54 38.28
C SER C 220 -9.00 2.45 38.46
N LYS C 221 -9.75 3.43 37.96
CA LYS C 221 -11.20 3.42 38.10
C LYS C 221 -11.83 2.26 37.33
N LYS C 222 -11.33 1.98 36.13
CA LYS C 222 -11.89 0.93 35.28
C LYS C 222 -11.22 -0.42 35.50
N LYS C 223 -10.31 -0.52 36.46
CA LYS C 223 -9.66 -1.79 36.75
C LYS C 223 -9.94 -2.23 38.19
N ARG C 241 -11.13 15.69 28.16
CA ARG C 241 -10.58 14.35 28.20
C ARG C 241 -9.39 14.23 27.25
N GLY C 242 -8.96 12.99 26.99
CA GLY C 242 -7.89 12.74 26.05
C GLY C 242 -8.28 13.11 24.62
N LEU C 243 -7.43 13.91 23.97
CA LEU C 243 -7.72 14.33 22.60
C LEU C 243 -7.72 13.15 21.65
N LYS C 244 -6.75 12.24 21.79
CA LYS C 244 -6.57 11.15 20.85
C LYS C 244 -7.78 10.21 20.87
N ALA C 245 -8.23 9.82 19.69
CA ALA C 245 -9.37 8.93 19.56
C ALA C 245 -9.28 8.23 18.21
N PHE C 246 -10.08 7.17 18.07
CA PHE C 246 -10.09 6.34 16.86
C PHE C 246 -11.51 5.89 16.59
N ASN C 247 -12.06 6.32 15.45
CA ASN C 247 -13.43 5.98 15.10
C ASN C 247 -13.51 5.69 13.61
N ALA C 248 -14.67 5.22 13.18
CA ALA C 248 -14.92 4.89 11.78
C ALA C 248 -16.33 5.28 11.40
N HIS C 249 -16.55 5.49 10.11
CA HIS C 249 -17.86 5.85 9.60
C HIS C 249 -18.02 5.32 8.18
N GLU C 250 -19.23 4.89 7.86
CA GLU C 250 -19.54 4.29 6.56
C GLU C 250 -19.99 5.36 5.59
N VAL C 251 -19.54 5.25 4.34
CA VAL C 251 -19.91 6.18 3.28
C VAL C 251 -20.25 5.38 2.03
N VAL C 252 -20.96 6.03 1.12
CA VAL C 252 -21.27 5.45 -0.19
C VAL C 252 -20.11 5.75 -1.14
N ILE C 253 -19.69 4.74 -1.89
CA ILE C 253 -18.53 4.89 -2.78
C ILE C 253 -18.81 5.98 -3.81
N PRO C 254 -17.82 6.80 -4.16
CA PRO C 254 -18.06 7.89 -5.10
C PRO C 254 -18.07 7.41 -6.55
N GLY C 255 -18.65 8.25 -7.40
CA GLY C 255 -18.63 8.02 -8.83
C GLY C 255 -19.93 7.52 -9.44
N LEU C 256 -20.83 6.96 -8.63
CA LEU C 256 -22.01 6.29 -9.17
C LEU C 256 -23.08 7.31 -9.52
N LYS C 257 -24.20 6.80 -10.05
CA LYS C 257 -25.24 7.60 -10.65
C LYS C 257 -26.53 7.50 -9.82
N TRP C 258 -27.26 8.61 -9.74
CA TRP C 258 -28.50 8.69 -8.99
C TRP C 258 -29.58 9.32 -9.85
N VAL C 259 -30.84 9.06 -9.49
CA VAL C 259 -32.00 9.61 -10.18
C VAL C 259 -32.88 10.32 -9.14
N TRP C 260 -33.47 11.44 -9.54
CA TRP C 260 -34.28 12.28 -8.66
C TRP C 260 -35.55 12.66 -9.41
N ARG C 261 -36.69 12.62 -8.72
CA ARG C 261 -37.98 12.89 -9.34
C ARG C 261 -38.67 14.05 -8.63
N ILE C 262 -39.12 15.02 -9.43
CA ILE C 262 -39.84 16.20 -8.95
C ILE C 262 -41.15 16.29 -9.71
N SER C 263 -42.18 16.83 -9.04
CA SER C 263 -43.47 17.02 -9.69
C SER C 263 -44.16 18.26 -9.14
N LEU C 264 -45.13 18.76 -9.89
CA LEU C 264 -45.95 19.89 -9.47
C LEU C 264 -47.39 19.62 -9.83
N ASP C 265 -48.30 20.07 -8.97
CA ASP C 265 -49.74 19.83 -9.15
C ASP C 265 -50.37 21.07 -9.76
N ARG C 266 -50.60 21.03 -11.08
CA ARG C 266 -51.17 22.14 -11.83
C ARG C 266 -50.39 23.43 -11.60
N PRO C 267 -49.12 23.49 -12.03
CA PRO C 267 -48.30 24.66 -11.74
C PRO C 267 -48.44 25.75 -12.79
N THR C 268 -48.15 26.98 -12.37
CA THR C 268 -48.02 28.08 -13.31
C THR C 268 -46.63 28.09 -13.93
N ASP C 269 -46.48 28.85 -15.02
CA ASP C 269 -45.21 28.88 -15.72
C ASP C 269 -44.11 29.51 -14.87
N ALA C 270 -44.47 30.48 -14.02
CA ALA C 270 -43.48 31.15 -13.20
C ALA C 270 -42.82 30.18 -12.22
N GLN C 271 -43.61 29.30 -11.60
CA GLN C 271 -43.05 28.34 -10.67
C GLN C 271 -42.14 27.34 -11.39
N VAL C 272 -42.52 26.92 -12.59
CA VAL C 272 -41.69 26.00 -13.36
C VAL C 272 -40.36 26.66 -13.73
N GLY C 273 -40.41 27.92 -14.15
CA GLY C 273 -39.18 28.65 -14.43
C GLY C 273 -38.32 28.81 -13.19
N LEU C 274 -38.96 29.04 -12.04
CA LEU C 274 -38.22 29.14 -10.78
C LEU C 274 -37.52 27.83 -10.44
N VAL C 275 -38.21 26.70 -10.65
CA VAL C 275 -37.61 25.40 -10.41
C VAL C 275 -36.44 25.17 -11.36
N LEU C 276 -36.59 25.55 -12.62
CA LEU C 276 -35.50 25.39 -13.58
C LEU C 276 -34.28 26.22 -13.19
N LEU C 277 -34.51 27.48 -12.80
CA LEU C 277 -33.39 28.32 -12.36
C LEU C 277 -32.75 27.76 -11.10
N ALA C 278 -33.57 27.24 -10.18
CA ALA C 278 -33.03 26.63 -8.97
C ALA C 278 -32.14 25.45 -9.30
N LEU C 279 -32.55 24.62 -10.27
CA LEU C 279 -31.70 23.52 -10.70
C LEU C 279 -30.40 24.04 -11.31
N ASN C 280 -30.49 25.06 -12.18
CA ASN C 280 -29.30 25.62 -12.81
C ASN C 280 -28.29 26.10 -11.78
N LYS C 281 -28.77 26.60 -10.63
CA LYS C 281 -27.88 26.97 -9.54
C LYS C 281 -27.76 25.84 -8.52
N MET C 282 -28.50 24.75 -8.70
CA MET C 282 -28.41 23.60 -7.80
C MET C 282 -27.12 22.84 -8.00
N THR C 283 -26.50 22.97 -9.18
CA THR C 283 -25.24 22.28 -9.43
C THR C 283 -24.11 22.74 -8.51
N ASN C 284 -24.30 23.88 -7.81
CA ASN C 284 -23.23 24.47 -7.02
C ASN C 284 -23.22 23.88 -5.60
N GLU C 285 -24.35 23.35 -5.16
CA GLU C 285 -24.53 23.03 -3.75
C GLU C 285 -24.04 21.62 -3.45
N ARG C 286 -24.04 21.27 -2.16
CA ARG C 286 -23.65 19.95 -1.69
C ARG C 286 -24.90 19.17 -1.27
N ILE C 287 -24.93 17.88 -1.62
CA ILE C 287 -26.11 17.07 -1.38
C ILE C 287 -26.36 16.87 0.12
N ALA C 288 -25.31 16.49 0.85
CA ALA C 288 -25.49 16.05 2.23
C ALA C 288 -24.41 16.61 3.14
N GLY C 289 -24.32 16.05 4.35
CA GLY C 289 -23.36 16.50 5.33
C GLY C 289 -21.95 16.00 5.04
N GLY C 290 -21.02 16.41 5.90
CA GLY C 290 -19.62 16.11 5.68
C GLY C 290 -18.96 17.17 4.83
N HIS C 291 -19.19 18.45 5.19
CA HIS C 291 -18.71 19.55 4.37
C HIS C 291 -17.19 19.63 4.39
N SER C 292 -16.60 19.39 5.56
CA SER C 292 -15.12 19.49 5.76
C SER C 292 -14.40 18.50 4.87
N LYS C 293 -14.99 17.32 4.64
CA LYS C 293 -14.40 16.26 3.78
C LYS C 293 -14.86 16.43 2.33
N ASP C 294 -15.63 17.49 2.05
CA ASP C 294 -16.16 17.86 0.70
C ASP C 294 -17.07 16.76 0.16
N TYR C 295 -17.85 16.12 1.03
CA TYR C 295 -18.82 15.08 0.61
C TYR C 295 -20.06 15.75 -0.01
N GLY C 296 -20.80 15.00 -0.83
CA GLY C 296 -22.04 15.52 -1.44
C GLY C 296 -21.84 16.23 -2.76
N ARG C 297 -20.59 16.35 -3.22
CA ARG C 297 -20.32 17.03 -4.52
C ARG C 297 -20.93 16.16 -5.63
N PHE C 298 -21.49 16.81 -6.66
CA PHE C 298 -22.15 16.11 -7.76
C PHE C 298 -22.21 17.03 -8.97
N VAL C 299 -22.50 16.41 -10.12
CA VAL C 299 -22.77 17.14 -11.37
C VAL C 299 -24.05 16.58 -11.96
N ILE C 300 -24.72 17.39 -12.78
CA ILE C 300 -25.96 16.99 -13.41
C ILE C 300 -25.64 16.38 -14.78
N ASP C 301 -26.11 15.15 -14.99
CA ASP C 301 -25.83 14.43 -16.23
C ASP C 301 -26.98 14.57 -17.23
N GLY C 302 -28.19 14.77 -16.74
CA GLY C 302 -29.34 14.91 -17.64
C GLY C 302 -30.58 15.38 -16.91
N VAL C 303 -31.40 16.14 -17.62
CA VAL C 303 -32.68 16.62 -17.10
C VAL C 303 -33.74 16.33 -18.14
N SER C 304 -34.79 15.60 -17.75
CA SER C 304 -35.90 15.26 -18.62
C SER C 304 -37.16 15.93 -18.11
N LEU C 305 -37.83 16.67 -18.99
CA LEU C 305 -39.05 17.39 -18.66
C LEU C 305 -40.20 16.73 -19.42
N ASN C 306 -41.08 16.05 -18.69
CA ASN C 306 -42.22 15.33 -19.28
C ASN C 306 -41.76 14.35 -20.35
N GLY C 307 -40.64 13.67 -20.08
CA GLY C 307 -40.09 12.72 -21.02
C GLY C 307 -39.22 13.31 -22.11
N GLU C 308 -39.01 14.62 -22.11
CA GLU C 308 -38.21 15.30 -23.13
C GLU C 308 -36.91 15.78 -22.50
N GLN C 309 -35.79 15.46 -23.15
CA GLN C 309 -34.48 15.88 -22.67
C GLN C 309 -34.26 17.36 -22.97
N VAL C 310 -33.93 18.14 -21.94
CA VAL C 310 -33.80 19.59 -22.10
C VAL C 310 -32.40 20.03 -21.66
N TRP C 311 -31.67 19.16 -20.97
CA TRP C 311 -30.35 19.50 -20.46
C TRP C 311 -29.32 19.51 -21.57
N SER C 312 -28.36 20.43 -21.47
CA SER C 312 -27.31 20.57 -22.47
C SER C 312 -25.98 20.84 -21.76
N GLN C 313 -24.97 21.16 -22.56
CA GLN C 313 -23.64 21.44 -22.01
C GLN C 313 -23.63 22.71 -21.18
N SER C 314 -24.26 23.77 -21.65
CA SER C 314 -24.19 25.07 -20.98
C SER C 314 -25.38 25.31 -20.06
N GLY C 315 -26.39 24.45 -20.10
CA GLY C 315 -27.55 24.63 -19.23
C GLY C 315 -28.80 24.08 -19.88
N ILE C 316 -29.94 24.66 -19.50
CA ILE C 316 -31.23 24.20 -19.98
C ILE C 316 -31.62 24.98 -21.23
N THR C 317 -31.41 24.39 -22.40
CA THR C 317 -31.83 24.99 -23.67
C THR C 317 -33.27 24.60 -23.97
N GLY C 318 -34.15 25.60 -23.96
CA GLY C 318 -35.56 25.37 -24.17
C GLY C 318 -36.41 26.01 -23.09
N GLY C 319 -37.71 25.79 -23.18
CA GLY C 319 -38.63 26.33 -22.20
C GLY C 319 -38.66 27.84 -22.14
N GLU C 320 -38.74 28.50 -23.30
CA GLU C 320 -38.64 29.96 -23.34
C GLU C 320 -39.76 30.65 -22.58
N GLN C 321 -41.00 30.18 -22.74
CA GLN C 321 -42.12 30.80 -22.04
C GLN C 321 -41.93 30.72 -20.54
N TYR C 322 -41.40 29.60 -20.04
CA TYR C 322 -41.12 29.49 -18.62
C TYR C 322 -40.10 30.53 -18.16
N PHE C 323 -39.04 30.74 -18.95
CA PHE C 323 -38.04 31.73 -18.57
C PHE C 323 -38.60 33.14 -18.58
N ASP C 324 -39.40 33.49 -19.59
CA ASP C 324 -40.01 34.82 -19.59
C ASP C 324 -40.99 34.99 -18.43
N ALA C 325 -41.75 33.94 -18.11
CA ALA C 325 -42.67 34.00 -16.98
C ALA C 325 -41.93 34.19 -15.67
N VAL C 326 -40.82 33.46 -15.47
CA VAL C 326 -40.08 33.58 -14.23
C VAL C 326 -39.38 34.93 -14.15
N ALA C 327 -38.94 35.47 -15.30
CA ALA C 327 -38.36 36.81 -15.29
C ALA C 327 -39.41 37.86 -14.91
N GLU C 328 -40.61 37.74 -15.48
CA GLU C 328 -41.69 38.65 -15.13
C GLU C 328 -42.05 38.55 -13.65
N ALA C 329 -42.07 37.33 -13.11
CA ALA C 329 -42.36 37.15 -11.69
C ALA C 329 -41.26 37.75 -10.82
N ILE C 330 -39.99 37.45 -11.12
CA ILE C 330 -38.89 37.93 -10.30
C ILE C 330 -38.73 39.43 -10.42
N ASP C 331 -39.35 40.04 -11.44
CA ASP C 331 -39.28 41.49 -11.57
C ASP C 331 -40.33 42.18 -10.72
N GLY C 332 -41.03 41.41 -9.88
CA GLY C 332 -42.12 41.96 -9.08
C GLY C 332 -42.27 41.42 -7.68
N LEU C 333 -41.25 40.76 -7.12
CA LEU C 333 -41.37 40.26 -5.75
C LEU C 333 -41.19 41.39 -4.75
N SER C 334 -41.97 41.33 -3.68
CA SER C 334 -41.88 42.27 -2.56
C SER C 334 -42.05 41.50 -1.25
N SER C 335 -41.47 42.05 -0.19
CA SER C 335 -41.51 41.38 1.11
C SER C 335 -42.88 41.48 1.78
N LYS C 336 -43.73 42.40 1.35
CA LYS C 336 -45.03 42.59 2.00
C LYS C 336 -45.90 41.35 1.83
N GLU C 337 -45.77 40.64 0.71
CA GLU C 337 -46.52 39.40 0.52
C GLU C 337 -46.11 38.36 1.57
N PHE C 338 -44.80 38.20 1.78
CA PHE C 338 -44.33 37.25 2.79
C PHE C 338 -44.80 37.66 4.18
N GLU C 339 -44.74 38.95 4.49
CA GLU C 339 -45.20 39.43 5.80
C GLU C 339 -46.68 39.13 6.00
N GLN C 340 -47.53 39.53 5.06
CA GLN C 340 -48.96 39.29 5.20
C GLN C 340 -49.30 37.80 5.18
N PHE C 341 -48.42 36.97 4.59
CA PHE C 341 -48.65 35.53 4.62
C PHE C 341 -48.29 34.94 5.99
N ALA C 342 -47.22 35.46 6.60
CA ALA C 342 -46.77 34.98 7.91
C ALA C 342 -47.71 35.46 9.01
N GLN C 343 -48.10 36.74 8.95
CA GLN C 343 -49.00 37.34 9.96
C GLN C 343 -50.37 37.57 9.32
N SER C 344 -51.44 37.08 9.96
CA SER C 344 -52.81 37.25 9.42
C SER C 344 -53.77 37.59 10.56
N MET D 1 -14.61 28.37 -4.40
CA MET D 1 -13.49 29.02 -5.05
C MET D 1 -12.84 28.05 -6.04
N GLN D 2 -12.82 26.78 -5.67
CA GLN D 2 -12.47 25.68 -6.58
C GLN D 2 -11.07 25.83 -7.15
N ILE D 3 -10.06 25.75 -6.26
CA ILE D 3 -8.69 25.66 -6.72
C ILE D 3 -8.34 24.21 -7.00
N GLU D 4 -7.66 23.98 -8.13
CA GLU D 4 -7.25 22.64 -8.52
C GLU D 4 -5.74 22.59 -8.69
N VAL D 5 -5.08 21.72 -7.93
CA VAL D 5 -3.63 21.64 -7.92
C VAL D 5 -3.20 20.24 -8.31
N THR D 6 -2.36 20.14 -9.34
CA THR D 6 -1.79 18.88 -9.78
C THR D 6 -0.34 18.81 -9.33
N VAL D 7 0.03 17.68 -8.71
CA VAL D 7 1.34 17.48 -8.16
C VAL D 7 1.92 16.17 -8.70
N ARG D 8 3.19 15.93 -8.39
CA ARG D 8 3.88 14.71 -8.78
C ARG D 8 4.83 14.30 -7.66
N ASN D 9 4.79 13.04 -7.27
CA ASN D 9 5.65 12.53 -6.21
C ASN D 9 6.95 11.99 -6.81
N ILE D 10 8.06 12.22 -6.11
CA ILE D 10 9.36 11.72 -6.53
C ILE D 10 9.91 10.66 -5.58
N THR D 11 9.19 10.35 -4.51
CA THR D 11 9.48 9.25 -3.62
C THR D 11 8.20 8.48 -3.39
N PRO D 12 8.28 7.19 -3.02
CA PRO D 12 7.06 6.42 -2.82
C PRO D 12 6.14 7.00 -1.76
N ILE D 13 4.84 6.82 -1.93
CA ILE D 13 3.82 7.33 -1.02
C ILE D 13 3.30 6.16 -0.20
N PHE D 14 3.25 6.33 1.12
CA PHE D 14 2.77 5.29 2.02
C PHE D 14 1.81 5.89 3.02
N SER D 15 0.67 5.23 3.22
CA SER D 15 -0.33 5.64 4.19
C SER D 15 -0.99 4.40 4.77
N ALA D 16 -0.65 4.07 6.01
CA ALA D 16 -1.05 2.80 6.59
C ALA D 16 -2.56 2.67 6.67
N ALA D 17 -3.05 1.45 6.47
CA ALA D 17 -4.47 1.14 6.59
C ALA D 17 -4.68 0.25 7.79
N PRO D 18 -5.64 0.56 8.67
CA PRO D 18 -5.86 -0.26 9.87
C PRO D 18 -6.25 -1.68 9.50
N GLY D 19 -5.76 -2.63 10.30
CA GLY D 19 -6.05 -4.03 10.14
C GLY D 19 -4.77 -4.84 10.06
N SER D 20 -4.92 -6.09 9.65
CA SER D 20 -3.78 -6.99 9.54
C SER D 20 -3.92 -7.85 8.29
N ASN D 21 -2.82 -8.02 7.58
CA ASN D 21 -2.76 -8.89 6.41
C ASN D 21 -1.46 -9.67 6.44
N TYR D 22 -1.43 -10.77 5.69
CA TYR D 22 -0.25 -11.62 5.63
C TYR D 22 0.08 -11.91 4.18
N ILE D 23 1.37 -11.98 3.87
CA ILE D 23 1.87 -12.23 2.53
C ILE D 23 2.84 -13.40 2.57
N THR D 24 2.72 -14.31 1.62
CA THR D 24 3.68 -15.39 1.50
C THR D 24 4.96 -14.87 0.83
N ILE D 25 6.01 -15.70 0.88
CA ILE D 25 7.32 -15.24 0.44
C ILE D 25 7.32 -14.91 -1.05
N ASP D 26 6.61 -15.70 -1.85
CA ASP D 26 6.61 -15.48 -3.30
C ASP D 26 5.87 -14.20 -3.67
N GLY D 27 4.80 -13.88 -2.93
CA GLY D 27 4.11 -12.61 -3.12
C GLY D 27 2.60 -12.66 -3.18
N THR D 28 1.92 -13.77 -2.87
CA THR D 28 0.47 -13.75 -2.80
C THR D 28 0.03 -13.10 -1.50
N ILE D 29 -1.04 -12.31 -1.57
CA ILE D 29 -1.56 -11.63 -0.41
C ILE D 29 -2.73 -12.40 0.17
N ASN D 30 -2.74 -12.54 1.49
CA ASN D 30 -3.72 -13.35 2.22
C ASN D 30 -3.72 -14.77 1.68
N PRO D 31 -2.65 -15.53 1.89
CA PRO D 31 -2.63 -16.91 1.40
C PRO D 31 -3.51 -17.79 2.26
N PRO D 32 -3.98 -18.93 1.73
CA PRO D 32 -4.76 -19.84 2.56
C PRO D 32 -3.92 -20.43 3.68
N PRO D 33 -4.53 -20.79 4.80
CA PRO D 33 -3.74 -21.30 5.94
C PRO D 33 -3.03 -22.60 5.60
N GLY D 34 -1.89 -22.82 6.27
CA GLY D 34 -1.06 -23.97 6.05
C GLY D 34 0.26 -23.66 5.36
N VAL D 35 0.42 -22.45 4.84
CA VAL D 35 1.65 -22.03 4.18
C VAL D 35 2.25 -20.88 4.98
N SER D 36 3.58 -20.78 4.91
CA SER D 36 4.29 -19.74 5.66
C SER D 36 3.87 -18.36 5.20
N ARG D 37 3.73 -17.44 6.16
CA ARG D 37 3.27 -16.09 5.87
C ARG D 37 4.02 -15.11 6.77
N PHE D 38 4.11 -13.88 6.29
CA PHE D 38 4.75 -12.78 7.00
C PHE D 38 3.79 -11.62 7.11
N PRO D 39 3.81 -10.89 8.22
CA PRO D 39 2.91 -9.74 8.38
C PRO D 39 3.15 -8.68 7.31
N LEU D 40 2.07 -8.03 6.88
CA LEU D 40 2.11 -7.02 5.83
C LEU D 40 1.25 -5.83 6.26
N VAL D 41 1.61 -4.65 5.80
CA VAL D 41 0.83 -3.44 6.02
C VAL D 41 0.50 -2.86 4.65
N ARG D 42 -0.79 -2.60 4.41
CA ARG D 42 -1.28 -2.15 3.12
C ARG D 42 -1.57 -0.66 3.16
N THR D 43 -1.41 0.00 2.02
CA THR D 43 -1.68 1.42 1.93
C THR D 43 -3.18 1.69 1.79
N ARG D 44 -3.56 2.95 1.99
CA ARG D 44 -4.97 3.32 1.97
C ARG D 44 -5.57 3.12 0.59
N MET D 45 -6.81 2.67 0.54
CA MET D 45 -7.49 2.31 -0.69
C MET D 45 -8.96 2.69 -0.62
N MET D 46 -9.52 3.15 -1.73
CA MET D 46 -10.94 3.44 -1.84
C MET D 46 -11.51 2.70 -3.04
N TYR D 47 -12.77 2.31 -2.94
CA TYR D 47 -13.46 1.68 -4.06
C TYR D 47 -14.20 2.74 -4.87
N VAL D 48 -13.99 2.74 -6.18
CA VAL D 48 -14.60 3.72 -7.07
C VAL D 48 -15.31 2.96 -8.18
N ALA D 49 -16.54 3.38 -8.50
CA ALA D 49 -17.26 2.76 -9.59
C ALA D 49 -16.62 3.14 -10.92
N ALA D 50 -16.33 2.15 -11.75
CA ALA D 50 -15.67 2.38 -13.03
C ALA D 50 -16.07 1.31 -14.02
N ASP D 51 -15.88 1.62 -15.29
CA ASP D 51 -16.23 0.72 -16.38
C ASP D 51 -15.09 -0.27 -16.62
N VAL D 52 -15.29 -1.52 -16.21
CA VAL D 52 -14.38 -2.60 -16.57
C VAL D 52 -14.90 -3.21 -17.87
N GLY D 53 -14.16 -3.00 -18.95
CA GLY D 53 -14.66 -3.40 -20.24
C GLY D 53 -15.33 -2.25 -20.97
N ASP D 54 -16.44 -2.54 -21.65
CA ASP D 54 -17.12 -1.54 -22.48
C ASP D 54 -18.26 -0.85 -21.75
N GLY D 55 -19.24 -1.62 -21.28
CA GLY D 55 -20.43 -1.05 -20.69
C GLY D 55 -20.69 -1.48 -19.26
N VAL D 56 -20.31 -2.71 -18.93
CA VAL D 56 -20.50 -3.20 -17.57
C VAL D 56 -19.63 -2.41 -16.62
N ILE D 57 -20.22 -1.95 -15.52
CA ILE D 57 -19.57 -1.04 -14.59
C ILE D 57 -19.54 -1.69 -13.21
N LYS D 58 -18.34 -1.86 -12.66
CA LYS D 58 -18.14 -2.48 -11.36
C LYS D 58 -17.32 -1.57 -10.46
N SER D 59 -17.26 -1.94 -9.19
CA SER D 59 -16.41 -1.25 -8.24
C SER D 59 -14.97 -1.74 -8.36
N VAL D 60 -14.03 -0.82 -8.49
CA VAL D 60 -12.61 -1.17 -8.60
C VAL D 60 -11.83 -0.49 -7.49
N PRO D 61 -10.79 -1.14 -6.94
CA PRO D 61 -9.96 -0.56 -5.88
C PRO D 61 -9.06 0.55 -6.45
N LEU D 62 -8.77 1.58 -5.65
CA LEU D 62 -7.89 2.70 -6.08
C LEU D 62 -6.97 3.10 -4.92
N GLN D 63 -5.84 3.72 -5.24
CA GLN D 63 -4.87 4.17 -4.19
C GLN D 63 -5.00 5.68 -4.05
N ILE D 64 -5.30 6.16 -2.84
CA ILE D 64 -5.48 7.63 -2.60
C ILE D 64 -4.96 8.00 -1.20
N VAL D 65 -4.76 9.30 -0.99
CA VAL D 65 -4.35 9.85 0.31
C VAL D 65 -5.59 10.45 0.95
N PRO D 66 -5.91 10.11 2.20
CA PRO D 66 -7.15 10.62 2.80
C PRO D 66 -7.17 12.14 2.86
N GLY D 67 -8.37 12.70 2.63
CA GLY D 67 -8.53 14.14 2.69
C GLY D 67 -8.34 14.72 4.07
N ASN D 68 -8.58 13.93 5.11
CA ASN D 68 -8.29 14.38 6.47
C ASN D 68 -6.81 14.71 6.62
N THR D 69 -5.96 13.82 6.13
CA THR D 69 -4.51 14.03 6.21
C THR D 69 -4.09 15.26 5.42
N MET D 70 -4.62 15.42 4.20
CA MET D 70 -4.24 16.56 3.38
C MET D 70 -4.71 17.88 4.00
N ARG D 71 -5.91 17.91 4.56
CA ARG D 71 -6.40 19.11 5.21
C ARG D 71 -5.56 19.47 6.43
N SER D 72 -5.22 18.46 7.25
CA SER D 72 -4.37 18.73 8.40
C SER D 72 -3.00 19.21 7.99
N LEU D 73 -2.44 18.64 6.92
CA LEU D 73 -1.14 19.08 6.43
C LEU D 73 -1.19 20.51 5.92
N LEU D 74 -2.26 20.87 5.21
CA LEU D 74 -2.41 22.25 4.77
C LEU D 74 -2.51 23.21 5.95
N ARG D 75 -3.26 22.81 6.98
CA ARG D 75 -3.36 23.65 8.17
C ARG D 75 -2.00 23.86 8.82
N ARG D 76 -1.26 22.78 9.04
CA ARG D 76 0.03 22.89 9.70
C ARG D 76 1.02 23.70 8.86
N THR D 77 0.96 23.55 7.53
CA THR D 77 1.84 24.33 6.66
C THR D 77 1.52 25.82 6.77
N MET D 78 0.23 26.18 6.69
CA MET D 78 -0.13 27.59 6.75
C MET D 78 0.03 28.17 8.14
N LEU D 79 0.09 27.33 9.17
CA LEU D 79 0.14 27.82 10.54
C LEU D 79 1.56 27.93 11.07
N LYS D 80 2.41 26.95 10.76
CA LYS D 80 3.78 26.94 11.28
C LYS D 80 4.64 28.04 10.67
N HIS D 81 4.42 28.35 9.39
CA HIS D 81 5.31 29.22 8.65
C HIS D 81 4.82 30.67 8.56
N VAL D 82 3.56 30.94 8.88
CA VAL D 82 3.01 32.28 8.69
C VAL D 82 2.46 32.83 9.99
N ILE D 83 1.54 32.08 10.62
CA ILE D 83 0.90 32.56 11.84
C ILE D 83 1.91 32.68 12.97
N GLU D 84 2.71 31.64 13.18
CA GLU D 84 3.68 31.65 14.28
C GLU D 84 4.75 32.73 14.11
N PRO D 85 5.39 32.91 12.94
CA PRO D 85 6.40 33.98 12.83
C PRO D 85 5.81 35.37 13.06
N ALA D 86 4.73 35.69 12.35
CA ALA D 86 4.09 36.99 12.51
C ALA D 86 3.44 37.17 13.86
N LEU D 87 3.29 36.10 14.65
CA LEU D 87 2.70 36.21 15.97
C LEU D 87 3.76 36.42 17.03
N VAL D 88 4.81 35.59 17.04
CA VAL D 88 5.84 35.68 18.06
C VAL D 88 6.78 36.87 17.87
N GLU D 89 6.73 37.53 16.70
CA GLU D 89 7.56 38.71 16.51
C GLU D 89 7.15 39.83 17.45
N LYS D 90 5.87 39.89 17.82
CA LYS D 90 5.43 40.77 18.89
C LYS D 90 5.53 40.06 20.23
N GLY D 91 4.99 40.69 21.26
CA GLY D 91 4.99 40.11 22.58
C GLY D 91 3.79 39.19 22.80
N ASN D 92 3.08 38.88 21.73
CA ASN D 92 1.86 38.09 21.82
C ASN D 92 2.17 36.61 21.95
N LYS D 93 1.47 35.94 22.87
CA LYS D 93 1.64 34.51 23.10
C LYS D 93 0.28 33.90 23.40
N LEU D 94 0.17 32.61 23.17
CA LEU D 94 -1.06 31.87 23.38
C LEU D 94 -1.03 31.11 24.69
N SER D 95 -2.22 30.76 25.18
CA SER D 95 -2.32 29.82 26.28
C SER D 95 -2.10 28.40 25.77
N ILE D 96 -2.02 27.45 26.69
CA ILE D 96 -1.93 26.04 26.31
C ILE D 96 -3.19 25.60 25.57
N GLY D 97 -4.37 25.98 26.07
CA GLY D 97 -5.62 25.64 25.43
C GLY D 97 -5.77 26.32 24.10
N ALA D 98 -5.28 27.56 23.99
CA ALA D 98 -5.33 28.25 22.70
C ALA D 98 -4.48 27.54 21.67
N TYR D 99 -3.30 27.08 22.06
CA TYR D 99 -2.43 26.34 21.15
C TYR D 99 -3.09 25.02 20.72
N ALA D 100 -3.63 24.28 21.69
CA ALA D 100 -4.27 23.01 21.36
C ALA D 100 -5.46 23.21 20.44
N THR D 101 -6.27 24.23 20.69
CA THR D 101 -7.42 24.51 19.84
C THR D 101 -6.99 24.94 18.44
N ALA D 102 -5.94 25.76 18.35
CA ALA D 102 -5.47 26.20 17.05
C ALA D 102 -4.94 25.04 16.23
N TYR D 103 -4.24 24.10 16.87
CA TYR D 103 -3.60 23.03 16.10
C TYR D 103 -4.57 21.88 15.82
N SER D 104 -5.19 21.32 16.85
CA SER D 104 -6.04 20.15 16.69
C SER D 104 -7.50 20.49 16.45
N GLY D 105 -7.86 21.78 16.43
CA GLY D 105 -9.24 22.15 16.24
C GLY D 105 -10.12 22.00 17.45
N ASN D 106 -9.55 21.64 18.60
CA ASN D 106 -10.32 21.44 19.82
C ASN D 106 -9.38 21.54 21.01
N ALA D 107 -9.96 21.74 22.20
CA ALA D 107 -9.19 21.89 23.43
C ALA D 107 -9.17 20.62 24.26
N THR D 108 -10.34 20.04 24.56
CA THR D 108 -10.42 18.85 25.38
C THR D 108 -11.38 17.80 24.81
N GLY D 109 -12.13 18.13 23.77
CA GLY D 109 -13.06 17.17 23.20
C GLY D 109 -14.42 17.15 23.84
N ASN D 110 -14.79 18.19 24.58
CA ASN D 110 -16.09 18.25 25.23
C ASN D 110 -16.89 19.44 24.73
N PRO D 111 -18.02 19.22 24.05
CA PRO D 111 -18.83 20.35 23.59
C PRO D 111 -19.53 21.05 24.75
N ASP D 112 -19.96 22.28 24.49
CA ASP D 112 -20.68 23.09 25.45
C ASP D 112 -22.12 23.22 25.00
N GLY D 113 -23.06 22.95 25.92
CA GLY D 113 -24.47 23.07 25.59
C GLY D 113 -24.89 24.50 25.28
N VAL D 114 -24.29 25.46 25.97
CA VAL D 114 -24.64 26.87 25.75
C VAL D 114 -24.17 27.28 24.36
N PRO D 115 -25.02 27.84 23.51
CA PRO D 115 -24.58 28.32 22.21
C PRO D 115 -23.87 29.67 22.31
N SER D 116 -23.47 30.17 21.15
CA SER D 116 -22.81 31.46 21.08
C SER D 116 -23.73 32.51 20.46
N SER D 117 -23.28 33.76 20.51
CA SER D 117 -24.06 34.88 19.99
C SER D 117 -23.90 35.00 18.48
N PHE D 118 -24.89 35.62 17.85
CA PHE D 118 -24.84 35.80 16.39
C PHE D 118 -23.66 36.66 15.98
N ASP D 119 -23.41 37.74 16.72
CA ASP D 119 -22.29 38.62 16.40
C ASP D 119 -20.96 37.89 16.52
N GLU D 120 -20.81 37.06 17.55
CA GLU D 120 -19.58 36.30 17.71
C GLU D 120 -19.39 35.33 16.55
N ILE D 121 -20.46 34.66 16.12
CA ILE D 121 -20.35 33.73 14.99
C ILE D 121 -19.96 34.48 13.73
N ALA D 122 -20.62 35.60 13.44
CA ALA D 122 -20.33 36.36 12.24
C ALA D 122 -18.94 36.97 12.27
N THR D 123 -18.39 37.25 13.46
CA THR D 123 -17.05 37.78 13.55
C THR D 123 -16.00 36.68 13.40
N MET D 124 -16.25 35.52 14.00
CA MET D 124 -15.29 34.42 13.90
C MET D 124 -15.27 33.84 12.50
N ARG D 125 -16.39 33.89 11.79
CA ARG D 125 -16.39 33.32 10.44
C ARG D 125 -15.83 34.27 9.42
N ALA D 126 -15.39 35.46 9.83
CA ALA D 126 -14.69 36.38 8.95
C ALA D 126 -13.21 36.50 9.29
N HIS D 127 -12.75 35.80 10.31
CA HIS D 127 -11.33 35.83 10.67
C HIS D 127 -10.50 35.17 9.56
N PRO D 128 -9.28 35.65 9.34
CA PRO D 128 -8.44 35.03 8.29
C PRO D 128 -8.17 33.54 8.51
N PHE D 129 -7.98 33.12 9.75
CA PHE D 129 -7.64 31.73 10.04
C PHE D 129 -8.77 30.95 10.69
N ILE D 130 -9.45 31.52 11.68
CA ILE D 130 -10.54 30.81 12.35
C ILE D 130 -11.67 30.52 11.37
N GLY D 131 -11.94 31.44 10.45
CA GLY D 131 -12.99 31.22 9.47
C GLY D 131 -12.70 30.08 8.53
N LEU D 132 -11.43 29.74 8.31
CA LEU D 132 -11.10 28.63 7.43
C LEU D 132 -11.36 27.29 8.12
N PHE D 133 -10.99 27.16 9.38
CA PHE D 133 -11.17 25.93 10.14
C PHE D 133 -12.01 26.24 11.37
N GLY D 134 -13.27 25.81 11.35
CA GLY D 134 -14.09 25.91 12.54
C GLY D 134 -13.72 24.83 13.54
N GLY D 135 -14.35 24.90 14.72
CA GLY D 135 -14.14 23.86 15.71
C GLY D 135 -14.14 24.44 17.11
N GLY D 136 -13.37 23.79 17.98
CA GLY D 136 -13.27 24.19 19.36
C GLY D 136 -14.55 23.91 20.12
N PRO D 137 -14.64 24.41 21.33
CA PRO D 137 -15.90 24.29 22.08
C PRO D 137 -17.01 25.04 21.36
N ARG D 138 -18.24 24.56 21.51
CA ARG D 138 -19.37 25.13 20.78
C ARG D 138 -19.04 25.14 19.29
N MET D 139 -18.93 23.95 18.70
CA MET D 139 -18.30 23.79 17.40
C MET D 139 -18.98 24.64 16.32
N LEU D 140 -18.16 25.31 15.53
CA LEU D 140 -18.60 26.11 14.40
C LEU D 140 -18.13 25.47 13.11
N GLU D 141 -18.60 26.00 11.99
CA GLU D 141 -18.26 25.45 10.68
C GLU D 141 -17.37 26.44 9.94
N GLY D 142 -16.28 25.94 9.37
CA GLY D 142 -15.43 26.76 8.55
C GLY D 142 -15.89 26.73 7.11
N ARG D 143 -15.25 27.56 6.28
CA ARG D 143 -15.61 27.67 4.89
C ARG D 143 -14.54 27.07 3.98
N LEU D 144 -13.84 26.06 4.46
CA LEU D 144 -12.83 25.33 3.69
C LEU D 144 -13.25 23.87 3.58
N MET D 145 -13.24 23.34 2.35
CA MET D 145 -13.53 21.94 2.11
C MET D 145 -12.38 21.34 1.31
N VAL D 146 -11.89 20.19 1.78
CA VAL D 146 -10.69 19.56 1.25
C VAL D 146 -11.04 18.15 0.78
N ASP D 147 -10.67 17.85 -0.46
CA ASP D 147 -10.90 16.53 -1.04
C ASP D 147 -9.62 15.69 -1.00
N SER D 148 -9.78 14.40 -1.28
CA SER D 148 -8.65 13.49 -1.24
C SER D 148 -7.74 13.70 -2.45
N LEU D 149 -6.62 12.98 -2.44
CA LEU D 149 -5.66 13.05 -3.53
C LEU D 149 -5.81 11.83 -4.44
N TYR D 150 -6.22 12.06 -5.68
CA TYR D 150 -6.48 10.99 -6.63
C TYR D 150 -5.40 10.97 -7.71
N PRO D 151 -4.72 9.86 -7.93
CA PRO D 151 -3.83 9.76 -9.09
C PRO D 151 -4.63 9.74 -10.38
N ILE D 152 -4.03 10.26 -11.44
CA ILE D 152 -4.69 10.33 -12.73
C ILE D 152 -4.62 8.96 -13.39
N HIS D 153 -5.60 8.12 -13.11
CA HIS D 153 -5.62 6.73 -13.53
C HIS D 153 -6.95 6.43 -14.21
N THR D 154 -6.96 5.40 -15.07
CA THR D 154 -8.17 5.05 -15.82
C THR D 154 -9.29 4.62 -14.89
N ASN D 155 -8.95 4.10 -13.71
CA ASN D 155 -9.97 3.72 -12.75
C ASN D 155 -10.75 4.93 -12.25
N ALA D 156 -10.16 6.13 -12.32
CA ALA D 156 -10.79 7.35 -11.89
C ALA D 156 -11.36 8.15 -13.05
N GLU D 157 -11.87 7.48 -14.09
CA GLU D 157 -12.42 8.19 -15.23
C GLU D 157 -13.75 8.86 -14.89
N ARG D 158 -14.56 8.21 -14.06
CA ARG D 158 -15.87 8.76 -13.76
C ARG D 158 -15.80 9.89 -12.73
N ILE D 159 -14.79 9.87 -11.86
CA ILE D 159 -14.63 10.95 -10.88
C ILE D 159 -14.33 12.26 -11.57
N LEU D 160 -13.44 12.24 -12.56
CA LEU D 160 -13.00 13.43 -13.26
C LEU D 160 -13.30 13.28 -14.74
N GLY D 161 -14.13 14.17 -15.28
CA GLY D 161 -14.65 14.00 -16.63
C GLY D 161 -13.74 14.40 -17.76
N ALA D 162 -13.39 15.68 -17.84
CA ALA D 162 -12.66 16.22 -18.98
C ALA D 162 -11.42 16.96 -18.48
N GLY D 163 -10.61 17.40 -19.44
CA GLY D 163 -9.35 18.04 -19.14
C GLY D 163 -8.18 17.11 -18.97
N TYR D 164 -8.43 15.80 -18.81
CA TYR D 164 -7.38 14.82 -18.66
C TYR D 164 -7.67 13.59 -19.51
N GLU D 165 -8.16 13.79 -20.74
CA GLU D 165 -8.50 12.65 -21.59
C GLU D 165 -7.25 11.84 -21.96
N ASN D 166 -6.10 12.48 -21.91
CA ASN D 166 -4.80 11.86 -22.14
C ASN D 166 -4.03 11.80 -20.83
N GLU D 167 -2.75 11.40 -20.94
CA GLU D 167 -1.85 11.17 -19.81
C GLU D 167 -2.54 10.47 -18.65
N MET D 168 -3.40 9.50 -18.97
CA MET D 168 -4.05 8.66 -17.98
C MET D 168 -3.41 7.28 -18.02
N MET D 169 -2.97 6.81 -16.86
CA MET D 169 -2.21 5.58 -16.78
C MET D 169 -3.15 4.39 -16.59
N SER D 170 -2.57 3.20 -16.60
CA SER D 170 -3.31 1.98 -16.33
C SER D 170 -2.35 0.91 -15.84
N GLY D 171 -2.92 -0.11 -15.19
CA GLY D 171 -2.13 -1.21 -14.70
C GLY D 171 -1.72 -1.07 -13.25
N PRO D 172 -0.92 -2.01 -12.76
CA PRO D 172 -0.51 -1.99 -11.36
C PRO D 172 0.16 -0.68 -10.98
N ILE D 173 -0.05 -0.25 -9.73
CA ILE D 173 0.41 1.03 -9.23
C ILE D 173 1.25 0.87 -7.96
N THR D 174 1.07 -0.23 -7.22
CA THR D 174 1.73 -0.41 -5.93
C THR D 174 2.87 -1.41 -6.05
N GLN D 175 3.73 -1.40 -5.03
CA GLN D 175 4.86 -2.33 -4.94
C GLN D 175 5.12 -2.69 -3.49
N VAL D 176 5.54 -3.94 -3.26
CA VAL D 176 5.82 -4.42 -1.91
C VAL D 176 7.32 -4.34 -1.63
N VAL D 177 7.66 -3.98 -0.39
CA VAL D 177 9.05 -3.90 0.05
C VAL D 177 9.18 -4.62 1.39
N TRP D 178 10.40 -5.02 1.72
CA TRP D 178 10.69 -5.84 2.89
C TRP D 178 11.77 -5.20 3.76
N ALA D 179 11.85 -5.69 5.00
CA ALA D 179 12.86 -5.25 5.97
C ALA D 179 13.12 -6.37 6.97
N ARG D 180 14.32 -6.36 7.56
CA ARG D 180 14.74 -7.44 8.47
C ARG D 180 14.99 -6.98 9.90
N ARG D 181 15.81 -5.94 10.10
CA ARG D 181 16.20 -5.48 11.45
C ARG D 181 16.95 -6.57 12.21
N MET D 182 18.17 -6.87 11.76
CA MET D 182 18.98 -7.89 12.41
C MET D 182 19.47 -7.45 13.79
N ASP D 183 20.05 -8.42 14.53
CA ASP D 183 20.60 -8.28 15.87
C ASP D 183 22.08 -7.98 15.80
N PRO D 184 22.53 -6.83 16.33
CA PRO D 184 23.95 -6.46 16.19
C PRO D 184 24.92 -7.44 16.85
N ILE D 185 24.54 -8.04 17.98
CA ILE D 185 25.47 -8.85 18.75
C ILE D 185 25.94 -10.06 17.93
N LEU D 186 25.00 -10.71 17.23
CA LEU D 186 25.37 -11.85 16.40
C LEU D 186 26.31 -11.46 15.28
N ASN D 187 26.41 -10.17 14.96
CA ASN D 187 27.37 -9.67 13.99
C ASN D 187 28.72 -9.35 14.62
N LEU D 188 28.84 -9.47 15.95
CA LEU D 188 30.09 -9.19 16.65
C LEU D 188 30.94 -10.45 16.70
N GLY D 189 32.17 -10.38 16.20
CA GLY D 189 33.06 -11.50 16.25
C GLY D 189 34.50 -11.15 16.59
N SER D 190 34.78 -9.86 16.72
CA SER D 190 36.15 -9.38 16.93
C SER D 190 36.26 -8.77 18.32
N SER D 191 37.37 -9.06 18.99
CA SER D 191 37.60 -8.59 20.36
C SER D 191 37.91 -7.11 20.45
N GLU D 192 38.58 -6.55 19.44
CA GLU D 192 38.88 -5.11 19.46
C GLU D 192 37.64 -4.25 19.27
N ASP D 193 36.51 -4.84 18.88
CA ASP D 193 35.25 -4.11 18.74
C ASP D 193 34.31 -4.29 19.92
N VAL D 194 34.70 -5.07 20.92
CA VAL D 194 33.86 -5.31 22.10
C VAL D 194 34.41 -4.60 23.33
N GLU D 195 35.49 -3.83 23.18
CA GLU D 195 36.08 -3.13 24.32
C GLU D 195 35.11 -2.14 24.94
N VAL D 196 34.18 -1.61 24.15
CA VAL D 196 33.20 -0.65 24.67
C VAL D 196 32.24 -1.35 25.63
N ILE D 197 31.82 -2.57 25.29
CA ILE D 197 30.83 -3.26 26.09
C ILE D 197 31.37 -3.52 27.50
N ASN D 198 30.56 -3.16 28.50
CA ASN D 198 30.87 -3.48 29.88
C ASN D 198 30.85 -5.00 30.06
N GLY D 199 31.95 -5.55 30.58
CA GLY D 199 32.11 -6.98 30.68
C GLY D 199 32.65 -7.65 29.44
N GLY D 200 32.29 -7.17 28.26
CA GLY D 200 32.87 -7.71 27.03
C GLY D 200 32.39 -9.12 26.75
N ALA D 201 33.34 -10.06 26.72
CA ALA D 201 33.04 -11.42 26.32
C ALA D 201 32.04 -12.08 27.26
N VAL D 202 32.17 -11.83 28.56
CA VAL D 202 31.27 -12.45 29.53
C VAL D 202 29.83 -11.97 29.31
N ALA D 203 29.65 -10.66 29.14
CA ALA D 203 28.33 -10.11 28.89
C ALA D 203 27.76 -10.64 27.57
N ALA D 204 28.59 -10.71 26.54
CA ALA D 204 28.13 -11.21 25.25
C ALA D 204 27.65 -12.65 25.36
N ASN D 205 28.44 -13.51 26.02
CA ASN D 205 28.05 -14.90 26.16
C ASN D 205 26.82 -15.05 27.04
N GLY D 206 26.68 -14.20 28.07
CA GLY D 206 25.44 -14.20 28.85
C GLY D 206 24.23 -13.88 28.00
N TRP D 207 24.35 -12.87 27.13
CA TRP D 207 23.23 -12.52 26.26
C TRP D 207 22.92 -13.67 25.29
N ILE D 208 23.95 -14.32 24.76
CA ILE D 208 23.71 -15.44 23.85
C ILE D 208 23.00 -16.57 24.56
N GLN D 209 23.45 -16.91 25.78
CA GLN D 209 22.75 -17.94 26.55
C GLN D 209 21.32 -17.53 26.84
N ASP D 210 21.07 -16.24 27.05
CA ASP D 210 19.71 -15.75 27.19
C ASP D 210 18.91 -16.01 25.92
N LEU D 211 19.54 -15.82 24.75
CA LEU D 211 18.83 -16.05 23.49
C LEU D 211 18.46 -17.51 23.31
N LEU D 212 19.39 -18.43 23.60
CA LEU D 212 19.03 -19.85 23.56
C LEU D 212 17.96 -20.19 24.58
N ALA D 213 18.00 -19.57 25.76
CA ALA D 213 16.94 -19.81 26.73
C ALA D 213 15.59 -19.36 26.21
N ASN D 214 15.55 -18.19 25.57
CA ASN D 214 14.31 -17.69 24.99
C ASN D 214 13.80 -18.62 23.91
N SER D 215 14.69 -19.09 23.03
CA SER D 215 14.29 -19.99 21.96
C SER D 215 13.75 -21.30 22.52
N LYS D 216 14.40 -21.84 23.56
CA LYS D 216 13.91 -23.06 24.19
C LYS D 216 12.54 -22.86 24.82
N ALA D 217 12.33 -21.70 25.46
CA ALA D 217 11.06 -21.43 26.10
C ALA D 217 9.94 -21.26 25.08
N ALA D 218 10.22 -20.58 23.97
CA ALA D 218 9.17 -20.27 22.99
C ALA D 218 8.62 -21.53 22.35
N ALA D 219 9.49 -22.48 22.00
CA ALA D 219 9.04 -23.71 21.35
C ALA D 219 8.25 -24.60 22.29
N SER D 220 8.38 -24.39 23.60
CA SER D 220 7.66 -25.20 24.58
C SER D 220 6.23 -24.71 24.73
N GLY D 240 10.65 -11.05 25.01
CA GLY D 240 9.32 -11.29 24.47
C GLY D 240 9.33 -11.66 23.00
N ARG D 241 10.07 -10.87 22.22
CA ARG D 241 10.20 -11.10 20.79
C ARG D 241 11.66 -11.01 20.38
N GLY D 242 11.99 -11.71 19.30
CA GLY D 242 13.37 -11.70 18.80
C GLY D 242 13.66 -10.40 18.08
N LEU D 243 14.90 -9.91 18.25
CA LEU D 243 15.30 -8.68 17.58
C LEU D 243 15.29 -8.85 16.07
N LYS D 244 15.74 -10.00 15.58
CA LYS D 244 15.78 -10.26 14.15
C LYS D 244 14.42 -10.78 13.69
N ALA D 245 13.85 -10.13 12.69
CA ALA D 245 12.56 -10.51 12.13
C ALA D 245 12.58 -10.28 10.63
N PHE D 246 11.39 -10.32 10.02
CA PHE D 246 11.24 -10.10 8.59
C PHE D 246 9.81 -9.64 8.33
N ASN D 247 9.65 -8.40 7.87
CA ASN D 247 8.33 -7.82 7.66
C ASN D 247 8.30 -7.12 6.31
N ALA D 248 7.09 -6.76 5.89
CA ALA D 248 6.88 -6.16 4.58
C ALA D 248 5.79 -5.10 4.66
N HIS D 249 5.80 -4.21 3.68
CA HIS D 249 4.74 -3.21 3.55
C HIS D 249 4.68 -2.74 2.10
N GLU D 250 3.51 -2.20 1.73
CA GLU D 250 3.23 -1.84 0.34
C GLU D 250 3.17 -0.33 0.19
N VAL D 251 3.70 0.17 -0.93
CA VAL D 251 3.79 1.59 -1.20
C VAL D 251 3.33 1.86 -2.63
N VAL D 252 3.23 3.14 -2.97
CA VAL D 252 2.88 3.57 -4.32
C VAL D 252 4.15 3.97 -5.06
N ILE D 253 4.24 3.56 -6.33
CA ILE D 253 5.48 3.80 -7.09
C ILE D 253 5.66 5.29 -7.32
N PRO D 254 6.89 5.79 -7.39
CA PRO D 254 7.09 7.22 -7.64
C PRO D 254 6.89 7.58 -9.10
N GLY D 255 6.81 8.88 -9.35
CA GLY D 255 6.64 9.41 -10.68
C GLY D 255 5.22 9.59 -11.15
N LEU D 256 4.23 9.35 -10.28
CA LEU D 256 2.85 9.46 -10.68
C LEU D 256 2.40 10.92 -10.67
N LYS D 257 1.24 11.17 -11.27
CA LYS D 257 0.60 12.48 -11.27
C LYS D 257 -0.68 12.41 -10.45
N TRP D 258 -0.82 13.32 -9.49
CA TRP D 258 -1.98 13.37 -8.63
C TRP D 258 -2.71 14.69 -8.81
N VAL D 259 -4.02 14.68 -8.61
CA VAL D 259 -4.86 15.87 -8.68
C VAL D 259 -5.54 16.06 -7.33
N TRP D 260 -5.59 17.32 -6.88
CA TRP D 260 -6.14 17.70 -5.59
C TRP D 260 -7.07 18.88 -5.81
N ARG D 261 -8.22 18.87 -5.14
CA ARG D 261 -9.23 19.90 -5.32
C ARG D 261 -9.61 20.47 -3.96
N ILE D 262 -9.59 21.79 -3.84
CA ILE D 262 -9.96 22.48 -2.60
C ILE D 262 -11.01 23.54 -2.93
N SER D 263 -12.02 23.66 -2.07
CA SER D 263 -13.13 24.56 -2.34
C SER D 263 -13.38 25.45 -1.12
N LEU D 264 -13.84 26.66 -1.41
CA LEU D 264 -14.29 27.59 -0.38
C LEU D 264 -15.60 28.21 -0.84
N ASP D 265 -16.51 28.46 0.10
CA ASP D 265 -17.79 29.08 -0.19
C ASP D 265 -17.82 30.49 0.39
N ARG D 266 -18.02 31.48 -0.48
CA ARG D 266 -18.10 32.88 -0.09
C ARG D 266 -16.92 33.30 0.80
N PRO D 267 -15.70 33.24 0.29
CA PRO D 267 -14.54 33.50 1.16
C PRO D 267 -14.10 34.96 1.13
N THR D 268 -13.46 35.37 2.23
CA THR D 268 -12.81 36.66 2.29
C THR D 268 -11.51 36.62 1.49
N ASP D 269 -11.13 37.76 0.91
CA ASP D 269 -9.91 37.83 0.13
C ASP D 269 -8.68 37.47 0.95
N ALA D 270 -8.68 37.81 2.23
CA ALA D 270 -7.57 37.43 3.10
C ALA D 270 -7.46 35.91 3.22
N GLN D 271 -8.60 35.22 3.29
CA GLN D 271 -8.58 33.76 3.44
C GLN D 271 -7.99 33.08 2.22
N VAL D 272 -8.44 33.47 1.02
CA VAL D 272 -7.90 32.88 -0.19
C VAL D 272 -6.44 33.28 -0.37
N GLY D 273 -6.06 34.49 0.04
CA GLY D 273 -4.66 34.87 0.02
C GLY D 273 -3.80 33.98 0.92
N LEU D 274 -4.31 33.68 2.12
CA LEU D 274 -3.57 32.78 3.01
C LEU D 274 -3.46 31.38 2.43
N VAL D 275 -4.53 30.89 1.78
CA VAL D 275 -4.46 29.59 1.11
C VAL D 275 -3.39 29.62 0.03
N LEU D 276 -3.34 30.70 -0.75
CA LEU D 276 -2.34 30.83 -1.80
C LEU D 276 -0.93 30.85 -1.21
N LEU D 277 -0.75 31.52 -0.08
CA LEU D 277 0.55 31.54 0.57
C LEU D 277 0.97 30.12 0.98
N ALA D 278 0.05 29.39 1.62
CA ALA D 278 0.36 28.03 2.04
C ALA D 278 0.72 27.15 0.85
N LEU D 279 -0.01 27.29 -0.26
CA LEU D 279 0.34 26.54 -1.46
C LEU D 279 1.71 26.94 -1.99
N ASN D 280 1.99 28.25 -2.02
CA ASN D 280 3.27 28.76 -2.50
C ASN D 280 4.45 28.29 -1.68
N LYS D 281 4.23 27.91 -0.42
CA LYS D 281 5.32 27.44 0.43
C LYS D 281 5.11 25.97 0.82
N MET D 282 4.31 25.26 0.03
CA MET D 282 3.96 23.87 0.32
C MET D 282 5.16 22.92 0.21
N THR D 283 6.24 23.36 -0.42
CA THR D 283 7.40 22.50 -0.63
C THR D 283 8.04 22.10 0.70
N ASN D 284 9.12 21.32 0.59
CA ASN D 284 9.80 20.69 1.73
C ASN D 284 8.79 20.17 2.76
N GLU D 285 7.90 19.29 2.32
CA GLU D 285 6.89 18.68 3.17
C GLU D 285 6.77 17.20 2.86
N ARG D 286 6.37 16.42 3.86
CA ARG D 286 6.12 15.00 3.72
C ARG D 286 4.63 14.77 3.81
N ILE D 287 4.06 14.08 2.81
CA ILE D 287 2.61 14.02 2.69
C ILE D 287 2.01 13.18 3.80
N ALA D 288 2.32 11.88 3.82
CA ALA D 288 1.60 11.00 4.75
C ALA D 288 2.48 10.38 5.82
N GLY D 289 3.51 9.64 5.41
CA GLY D 289 4.28 8.84 6.35
C GLY D 289 5.59 8.38 5.73
N GLY D 290 6.26 7.48 6.44
CA GLY D 290 7.59 7.07 6.03
C GLY D 290 8.64 8.16 6.14
N HIS D 291 8.62 8.90 7.24
CA HIS D 291 9.51 10.05 7.38
C HIS D 291 10.96 9.62 7.47
N SER D 292 11.25 8.54 8.20
CA SER D 292 12.63 8.07 8.32
C SER D 292 13.16 7.60 6.98
N LYS D 293 12.34 6.92 6.19
CA LYS D 293 12.73 6.39 4.90
C LYS D 293 12.58 7.41 3.77
N ASP D 294 12.17 8.64 4.08
CA ASP D 294 11.99 9.70 3.09
C ASP D 294 10.89 9.36 2.09
N TYR D 295 9.72 8.99 2.61
CA TYR D 295 8.55 8.83 1.78
C TYR D 295 7.73 10.12 1.77
N GLY D 296 7.12 10.41 0.63
CA GLY D 296 6.18 11.52 0.54
C GLY D 296 6.74 12.82 0.00
N ARG D 297 7.94 12.82 -0.56
CA ARG D 297 8.43 14.04 -1.19
C ARG D 297 7.74 14.24 -2.54
N PHE D 298 7.40 15.48 -2.85
CA PHE D 298 6.60 15.77 -4.02
C PHE D 298 6.95 17.15 -4.55
N VAL D 299 6.55 17.39 -5.81
CA VAL D 299 6.76 18.66 -6.48
C VAL D 299 5.45 19.12 -7.08
N ILE D 300 5.05 20.35 -6.78
CA ILE D 300 3.85 20.95 -7.35
C ILE D 300 4.18 21.45 -8.74
N ASP D 301 3.42 21.01 -9.74
CA ASP D 301 3.63 21.48 -11.10
C ASP D 301 2.37 22.02 -11.77
N GLY D 302 1.26 22.17 -11.04
CA GLY D 302 0.13 22.87 -11.62
C GLY D 302 -0.83 23.43 -10.60
N VAL D 303 -1.24 24.69 -10.76
CA VAL D 303 -2.29 25.29 -9.95
C VAL D 303 -3.24 26.05 -10.87
N SER D 304 -4.53 25.84 -10.69
CA SER D 304 -5.55 26.49 -11.51
C SER D 304 -6.59 27.12 -10.61
N LEU D 305 -6.83 28.40 -10.84
CA LEU D 305 -7.80 29.22 -10.10
C LEU D 305 -9.04 29.40 -10.95
N ASN D 306 -10.10 28.67 -10.60
CA ASN D 306 -11.38 28.72 -11.32
C ASN D 306 -11.22 28.42 -12.80
N GLY D 307 -10.32 27.50 -13.14
CA GLY D 307 -10.10 27.09 -14.50
C GLY D 307 -8.93 27.73 -15.20
N GLU D 308 -8.40 28.83 -14.66
CA GLU D 308 -7.30 29.56 -15.28
C GLU D 308 -6.00 29.26 -14.55
N GLN D 309 -4.97 28.91 -15.30
CA GLN D 309 -3.70 28.55 -14.70
C GLN D 309 -3.03 29.76 -14.07
N VAL D 310 -2.62 29.63 -12.81
CA VAL D 310 -2.03 30.73 -12.07
C VAL D 310 -0.72 30.29 -11.43
N TRP D 311 -0.07 29.28 -11.99
CA TRP D 311 1.19 28.78 -11.48
C TRP D 311 2.30 28.95 -12.51
N SER D 312 3.52 29.14 -12.01
CA SER D 312 4.69 29.23 -12.86
C SER D 312 5.86 28.58 -12.13
N GLN D 313 6.93 28.33 -12.89
CA GLN D 313 8.11 27.68 -12.34
C GLN D 313 8.75 28.50 -11.22
N SER D 314 8.52 29.82 -11.20
CA SER D 314 9.06 30.65 -10.14
C SER D 314 8.13 30.68 -8.92
N GLY D 315 6.83 30.59 -9.14
CA GLY D 315 5.88 30.66 -8.06
C GLY D 315 4.49 30.96 -8.58
N ILE D 316 3.64 31.45 -7.68
CA ILE D 316 2.25 31.73 -8.04
C ILE D 316 2.20 32.86 -9.06
N THR D 317 2.86 33.98 -8.76
CA THR D 317 2.89 35.15 -9.64
C THR D 317 1.48 35.55 -10.09
N GLY D 318 0.57 35.64 -9.11
CA GLY D 318 -0.79 36.03 -9.37
C GLY D 318 -1.49 36.38 -8.08
N GLY D 319 -2.78 36.70 -8.19
CA GLY D 319 -3.57 37.03 -7.02
C GLY D 319 -3.05 38.24 -6.28
N GLU D 320 -2.77 39.32 -7.01
CA GLU D 320 -2.22 40.51 -6.39
C GLU D 320 -3.18 41.09 -5.35
N GLN D 321 -4.48 41.15 -5.68
CA GLN D 321 -5.45 41.62 -4.70
C GLN D 321 -5.50 40.70 -3.49
N TYR D 322 -5.48 39.38 -3.72
CA TYR D 322 -5.48 38.43 -2.61
C TYR D 322 -4.23 38.58 -1.76
N PHE D 323 -3.08 38.76 -2.40
CA PHE D 323 -1.82 38.88 -1.65
C PHE D 323 -1.80 40.16 -0.83
N ASP D 324 -2.26 41.28 -1.39
CA ASP D 324 -2.33 42.52 -0.63
C ASP D 324 -3.30 42.38 0.54
N ALA D 325 -4.46 41.75 0.29
CA ALA D 325 -5.43 41.59 1.36
C ALA D 325 -4.89 40.73 2.49
N VAL D 326 -4.22 39.62 2.16
CA VAL D 326 -3.71 38.75 3.20
C VAL D 326 -2.56 39.43 3.95
N ALA D 327 -1.74 40.20 3.26
CA ALA D 327 -0.68 40.95 3.94
C ALA D 327 -1.29 41.93 4.94
N GLU D 328 -2.32 42.67 4.52
CA GLU D 328 -2.98 43.61 5.41
C GLU D 328 -3.59 42.88 6.61
N ALA D 329 -4.20 41.71 6.36
CA ALA D 329 -4.83 40.96 7.44
C ALA D 329 -3.81 40.46 8.45
N ILE D 330 -2.68 39.92 7.98
CA ILE D 330 -1.68 39.40 8.89
C ILE D 330 -0.98 40.53 9.63
N ASP D 331 -0.85 41.70 9.01
CA ASP D 331 -0.28 42.84 9.73
C ASP D 331 -1.14 43.23 10.92
N GLY D 332 -2.46 43.08 10.81
CA GLY D 332 -3.37 43.34 11.90
C GLY D 332 -3.68 42.15 12.78
N LEU D 333 -2.98 41.03 12.60
CA LEU D 333 -3.26 39.84 13.38
C LEU D 333 -2.84 40.04 14.83
N SER D 334 -3.59 39.41 15.75
CA SER D 334 -3.32 39.50 17.18
C SER D 334 -3.80 38.23 17.86
N SER D 335 -3.49 38.12 19.15
CA SER D 335 -3.74 36.90 19.90
C SER D 335 -5.00 36.94 20.77
N LYS D 336 -5.75 38.04 20.77
CA LYS D 336 -6.97 38.06 21.59
C LYS D 336 -8.04 37.14 21.01
N GLU D 337 -8.15 37.09 19.68
CA GLU D 337 -9.17 36.27 19.04
C GLU D 337 -8.99 34.80 19.35
N PHE D 338 -7.74 34.32 19.28
CA PHE D 338 -7.48 32.92 19.55
C PHE D 338 -7.83 32.56 21.00
N GLU D 339 -7.45 33.43 21.94
CA GLU D 339 -7.76 33.18 23.34
C GLU D 339 -9.27 33.18 23.59
N GLN D 340 -10.00 34.09 22.97
CA GLN D 340 -11.44 34.15 23.19
C GLN D 340 -12.16 33.00 22.51
N PHE D 341 -11.61 32.51 21.39
CA PHE D 341 -12.23 31.39 20.70
C PHE D 341 -11.97 30.08 21.44
N ALA D 342 -10.75 29.88 21.93
CA ALA D 342 -10.41 28.61 22.57
C ALA D 342 -11.08 28.48 23.92
N GLN D 343 -11.27 29.58 24.63
CA GLN D 343 -11.78 29.53 26.00
C GLN D 343 -13.21 29.00 26.02
N SER D 344 -13.53 28.27 27.08
CA SER D 344 -14.86 27.74 27.31
C SER D 344 -15.39 28.29 28.63
N ALA D 345 -16.71 28.46 28.70
CA ALA D 345 -17.39 28.99 29.89
C ALA D 345 -16.81 30.34 30.30
N MET E 1 18.04 21.60 4.35
CA MET E 1 19.32 20.90 4.47
C MET E 1 19.34 19.68 3.55
N GLN E 2 19.65 19.91 2.27
CA GLN E 2 19.62 18.87 1.25
C GLN E 2 21.04 18.51 0.84
N ILE E 3 21.33 17.21 0.80
CA ILE E 3 22.65 16.73 0.41
C ILE E 3 22.46 15.77 -0.76
N GLU E 4 23.22 15.99 -1.83
CA GLU E 4 23.17 15.17 -3.05
C GLU E 4 24.55 14.58 -3.28
N VAL E 5 24.66 13.27 -3.17
CA VAL E 5 25.93 12.57 -3.32
C VAL E 5 25.96 11.85 -4.65
N THR E 6 26.96 12.14 -5.47
CA THR E 6 27.13 11.49 -6.77
C THR E 6 28.33 10.55 -6.66
N VAL E 7 28.09 9.25 -6.86
CA VAL E 7 29.10 8.23 -6.63
C VAL E 7 29.21 7.35 -7.88
N ARG E 8 30.31 6.60 -7.92
CA ARG E 8 30.53 5.58 -8.94
C ARG E 8 31.05 4.32 -8.25
N ASN E 9 30.69 3.16 -8.78
CA ASN E 9 31.13 1.89 -8.24
C ASN E 9 32.13 1.24 -9.19
N ILE E 10 33.12 0.56 -8.61
CA ILE E 10 34.16 -0.11 -9.38
C ILE E 10 33.94 -1.62 -9.47
N THR E 11 33.08 -2.18 -8.63
CA THR E 11 32.81 -3.62 -8.61
C THR E 11 31.33 -3.86 -8.80
N PRO E 12 30.90 -5.08 -9.17
CA PRO E 12 29.47 -5.35 -9.28
C PRO E 12 28.74 -5.12 -7.97
N ILE E 13 27.51 -4.61 -8.08
CA ILE E 13 26.66 -4.33 -6.94
C ILE E 13 25.57 -5.40 -6.88
N PHE E 14 25.40 -6.00 -5.70
CA PHE E 14 24.48 -7.13 -5.55
C PHE E 14 23.67 -6.95 -4.27
N SER E 15 22.40 -6.58 -4.42
CA SER E 15 21.43 -6.57 -3.33
C SER E 15 20.40 -7.66 -3.58
N ALA E 16 20.28 -8.59 -2.64
CA ALA E 16 19.49 -9.80 -2.84
C ALA E 16 18.02 -9.50 -2.59
N ALA E 17 17.22 -9.55 -3.65
CA ALA E 17 15.78 -9.36 -3.54
C ALA E 17 15.14 -10.63 -2.98
N PRO E 18 14.12 -10.51 -2.13
CA PRO E 18 13.46 -11.71 -1.60
C PRO E 18 12.57 -12.35 -2.66
N GLY E 19 12.61 -13.67 -2.74
CA GLY E 19 11.78 -14.41 -3.68
C GLY E 19 12.57 -15.44 -4.46
N SER E 20 11.91 -16.55 -4.78
CA SER E 20 12.53 -17.63 -5.54
C SER E 20 12.35 -17.41 -7.03
N ASN E 21 13.43 -17.59 -7.78
CA ASN E 21 13.42 -17.41 -9.21
C ASN E 21 14.28 -18.49 -9.85
N TYR E 22 14.00 -18.77 -11.13
CA TYR E 22 14.65 -19.86 -11.83
C TYR E 22 15.19 -19.39 -13.17
N ILE E 23 16.27 -20.04 -13.59
CA ILE E 23 17.01 -19.64 -14.79
C ILE E 23 17.41 -20.90 -15.55
N THR E 24 17.34 -20.81 -16.87
CA THR E 24 17.84 -21.86 -17.74
C THR E 24 19.17 -21.44 -18.34
N ILE E 25 19.65 -22.23 -19.31
CA ILE E 25 20.93 -21.96 -19.95
C ILE E 25 20.90 -20.62 -20.68
N ASP E 26 19.77 -20.31 -21.31
CA ASP E 26 19.64 -19.03 -21.99
C ASP E 26 19.15 -17.95 -21.03
N GLY E 27 18.75 -16.81 -21.61
CA GLY E 27 18.38 -15.66 -20.81
C GLY E 27 16.95 -15.68 -20.30
N THR E 28 16.15 -16.68 -20.68
CA THR E 28 14.80 -16.74 -20.18
C THR E 28 14.80 -17.08 -18.68
N ILE E 29 13.96 -16.38 -17.93
CA ILE E 29 13.91 -16.48 -16.49
C ILE E 29 12.50 -16.91 -16.08
N ASN E 30 12.41 -17.82 -15.10
CA ASN E 30 11.16 -18.46 -14.72
C ASN E 30 10.52 -19.16 -15.92
N PRO E 31 11.11 -20.24 -16.40
CA PRO E 31 10.66 -20.83 -17.66
C PRO E 31 9.42 -21.68 -17.45
N PRO E 32 8.71 -22.02 -18.52
CA PRO E 32 7.66 -23.04 -18.43
C PRO E 32 8.25 -24.37 -18.00
N PRO E 33 7.49 -25.19 -17.27
CA PRO E 33 8.04 -26.43 -16.73
C PRO E 33 8.59 -27.37 -17.80
N GLY E 34 9.63 -28.14 -17.45
CA GLY E 34 10.26 -29.08 -18.35
C GLY E 34 11.61 -28.66 -18.86
N VAL E 35 11.94 -27.38 -18.79
CA VAL E 35 13.24 -26.89 -19.25
C VAL E 35 14.25 -27.02 -18.11
N SER E 36 15.53 -27.05 -18.45
CA SER E 36 16.58 -27.19 -17.46
C SER E 36 16.57 -25.99 -16.52
N ARG E 37 16.12 -26.23 -15.28
CA ARG E 37 15.75 -25.16 -14.35
C ARG E 37 16.73 -25.15 -13.18
N PHE E 38 17.38 -24.01 -12.96
CA PHE E 38 18.32 -23.87 -11.85
C PHE E 38 17.97 -22.65 -11.00
N PRO E 39 18.28 -22.67 -9.70
CA PRO E 39 17.95 -21.53 -8.84
C PRO E 39 18.68 -20.26 -9.25
N LEU E 40 18.05 -19.13 -8.93
CA LEU E 40 18.60 -17.83 -9.26
C LEU E 40 18.17 -16.82 -8.20
N VAL E 41 19.01 -15.80 -7.99
CA VAL E 41 18.65 -14.65 -7.19
C VAL E 41 18.96 -13.40 -8.00
N ARG E 42 18.21 -12.34 -7.75
CA ARG E 42 18.27 -11.13 -8.56
C ARG E 42 18.52 -9.91 -7.68
N THR E 43 18.90 -8.82 -8.34
CA THR E 43 19.16 -7.57 -7.65
C THR E 43 17.84 -6.92 -7.23
N ARG E 44 17.91 -6.09 -6.19
CA ARG E 44 16.75 -5.35 -5.72
C ARG E 44 16.24 -4.42 -6.82
N MET E 45 14.91 -4.40 -6.98
CA MET E 45 14.28 -3.73 -8.10
C MET E 45 13.07 -2.94 -7.61
N MET E 46 12.87 -1.77 -8.20
CA MET E 46 11.71 -0.93 -7.91
C MET E 46 11.03 -0.56 -9.21
N TYR E 47 9.71 -0.36 -9.12
CA TYR E 47 8.91 0.04 -10.27
C TYR E 47 8.76 1.56 -10.27
N VAL E 48 8.95 2.17 -11.44
CA VAL E 48 8.83 3.61 -11.58
C VAL E 48 7.96 3.92 -12.79
N ALA E 49 7.35 5.10 -12.77
CA ALA E 49 6.56 5.58 -13.90
C ALA E 49 7.48 6.22 -14.93
N ALA E 50 7.37 5.78 -16.18
CA ALA E 50 8.28 6.24 -17.21
C ALA E 50 7.53 6.49 -18.51
N ASP E 51 8.10 7.38 -19.31
CA ASP E 51 7.61 7.69 -20.66
C ASP E 51 8.42 6.86 -21.66
N VAL E 52 8.14 5.55 -21.67
CA VAL E 52 8.83 4.65 -22.58
C VAL E 52 8.53 5.02 -24.03
N GLY E 53 7.25 5.25 -24.34
CA GLY E 53 6.86 5.75 -25.63
C GLY E 53 6.84 7.26 -25.73
N ASP E 54 7.15 7.95 -24.63
CA ASP E 54 7.21 9.41 -24.56
C ASP E 54 5.83 10.03 -24.73
N GLY E 55 4.81 9.19 -24.90
CA GLY E 55 3.43 9.65 -24.96
C GLY E 55 2.58 8.98 -23.89
N VAL E 56 2.99 7.80 -23.47
CA VAL E 56 2.30 7.04 -22.43
C VAL E 56 3.31 6.68 -21.35
N ILE E 57 2.92 6.88 -20.10
CA ILE E 57 3.74 6.54 -18.95
C ILE E 57 3.20 5.24 -18.36
N LYS E 58 4.10 4.29 -18.09
CA LYS E 58 3.72 3.06 -17.41
C LYS E 58 4.82 2.66 -16.43
N SER E 59 4.57 1.57 -15.72
CA SER E 59 5.46 1.10 -14.67
C SER E 59 6.54 0.20 -15.28
N VAL E 60 7.79 0.56 -15.05
CA VAL E 60 8.93 -0.19 -15.59
C VAL E 60 9.93 -0.43 -14.46
N PRO E 61 10.71 -1.49 -14.55
CA PRO E 61 11.65 -1.83 -13.48
C PRO E 61 12.94 -1.02 -13.54
N LEU E 62 13.58 -0.92 -12.38
CA LEU E 62 14.88 -0.26 -12.26
C LEU E 62 15.59 -0.81 -11.03
N GLN E 63 16.87 -1.13 -11.19
CA GLN E 63 17.66 -1.69 -10.11
C GLN E 63 18.18 -0.58 -9.21
N ILE E 64 17.92 -0.71 -7.91
CA ILE E 64 18.31 0.28 -6.92
C ILE E 64 18.93 -0.44 -5.72
N VAL E 65 19.42 0.35 -4.77
CA VAL E 65 19.89 -0.13 -3.48
C VAL E 65 18.92 0.39 -2.43
N PRO E 66 18.37 -0.47 -1.56
CA PRO E 66 17.30 -0.03 -0.66
C PRO E 66 17.75 1.09 0.26
N GLY E 67 16.80 1.96 0.61
CA GLY E 67 17.11 3.09 1.47
C GLY E 67 17.48 2.66 2.88
N ASN E 68 16.82 1.61 3.39
CA ASN E 68 17.14 1.13 4.73
C ASN E 68 18.57 0.58 4.81
N THR E 69 19.01 -0.12 3.77
CA THR E 69 20.37 -0.66 3.76
C THR E 69 21.41 0.45 3.85
N MET E 70 21.24 1.50 3.06
CA MET E 70 22.21 2.59 3.08
C MET E 70 22.06 3.46 4.33
N ARG E 71 20.86 3.55 4.90
CA ARG E 71 20.71 4.19 6.21
C ARG E 71 21.51 3.46 7.26
N SER E 72 21.42 2.13 7.30
CA SER E 72 22.20 1.36 8.25
C SER E 72 23.69 1.48 7.98
N LEU E 73 24.09 1.52 6.70
CA LEU E 73 25.50 1.71 6.38
C LEU E 73 26.01 3.04 6.91
N LEU E 74 25.24 4.11 6.69
CA LEU E 74 25.65 5.42 7.20
C LEU E 74 25.72 5.45 8.71
N ARG E 75 24.74 4.84 9.39
CA ARG E 75 24.75 4.80 10.85
C ARG E 75 25.96 4.02 11.36
N ARG E 76 26.27 2.89 10.75
CA ARG E 76 27.40 2.08 11.21
C ARG E 76 28.73 2.80 10.96
N THR E 77 28.88 3.45 9.80
CA THR E 77 30.10 4.21 9.55
C THR E 77 30.24 5.35 10.55
N MET E 78 29.14 6.05 10.83
CA MET E 78 29.18 7.12 11.82
C MET E 78 29.57 6.62 13.20
N LEU E 79 29.06 5.45 13.58
CA LEU E 79 29.28 4.97 14.95
C LEU E 79 30.66 4.37 15.13
N LYS E 80 31.04 3.40 14.29
CA LYS E 80 32.25 2.64 14.54
C LYS E 80 33.52 3.45 14.29
N HIS E 81 33.41 4.57 13.59
CA HIS E 81 34.59 5.37 13.23
C HIS E 81 34.75 6.61 14.09
N VAL E 82 33.73 7.03 14.82
CA VAL E 82 33.81 8.27 15.61
C VAL E 82 33.47 8.00 17.07
N ILE E 83 32.31 7.37 17.31
CA ILE E 83 31.80 7.22 18.67
C ILE E 83 32.70 6.31 19.50
N GLU E 84 33.11 5.18 18.94
CA GLU E 84 33.93 4.23 19.69
C GLU E 84 35.24 4.84 20.19
N PRO E 85 36.04 5.54 19.36
CA PRO E 85 37.24 6.19 19.92
C PRO E 85 36.93 7.16 21.03
N ALA E 86 35.87 7.97 20.87
CA ALA E 86 35.55 8.97 21.88
C ALA E 86 35.17 8.32 23.20
N LEU E 87 34.45 7.20 23.16
CA LEU E 87 34.09 6.53 24.40
C LEU E 87 35.28 5.80 25.03
N VAL E 88 36.12 5.15 24.22
CA VAL E 88 37.21 4.36 24.80
C VAL E 88 38.28 5.27 25.38
N GLU E 89 38.62 6.36 24.68
CA GLU E 89 39.72 7.20 25.14
C GLU E 89 39.32 8.04 26.34
N LYS E 90 38.04 8.34 26.50
CA LYS E 90 37.55 9.05 27.68
C LYS E 90 37.32 8.14 28.87
N GLY E 91 37.49 6.83 28.70
CA GLY E 91 37.22 5.89 29.76
C GLY E 91 35.76 5.55 29.96
N ASN E 92 34.87 6.07 29.11
CA ASN E 92 33.44 5.80 29.22
C ASN E 92 33.11 4.48 28.54
N LYS E 93 32.52 3.56 29.31
CA LYS E 93 32.15 2.26 28.81
C LYS E 93 30.62 2.16 28.75
N LEU E 94 30.12 1.44 27.76
CA LEU E 94 28.71 1.38 27.46
C LEU E 94 28.14 0.02 27.81
N SER E 95 26.89 0.00 28.28
CA SER E 95 26.24 -1.24 28.64
C SER E 95 25.70 -1.94 27.38
N ILE E 96 25.23 -3.17 27.56
CA ILE E 96 24.78 -3.96 26.42
C ILE E 96 23.48 -3.42 25.85
N GLY E 97 22.53 -3.06 26.72
CA GLY E 97 21.24 -2.57 26.25
C GLY E 97 21.36 -1.26 25.50
N ALA E 98 22.14 -0.32 26.05
CA ALA E 98 22.35 0.95 25.36
C ALA E 98 23.15 0.75 24.09
N TYR E 99 24.06 -0.22 24.06
CA TYR E 99 24.77 -0.55 22.83
C TYR E 99 23.79 -1.02 21.75
N ALA E 100 22.87 -1.91 22.14
CA ALA E 100 21.87 -2.40 21.18
C ALA E 100 20.98 -1.27 20.69
N THR E 101 20.55 -0.38 21.59
CA THR E 101 19.74 0.75 21.19
C THR E 101 20.52 1.74 20.31
N ALA E 102 21.84 1.82 20.49
CA ALA E 102 22.65 2.63 19.59
C ALA E 102 22.73 1.99 18.21
N TYR E 103 23.06 0.69 18.21
CA TYR E 103 23.15 -0.14 16.97
C TYR E 103 21.75 -0.38 16.42
N SER E 104 20.79 -0.63 17.32
CA SER E 104 19.38 -0.92 16.95
C SER E 104 18.44 0.04 17.70
N GLY E 105 17.22 0.19 17.20
CA GLY E 105 16.23 1.11 17.80
C GLY E 105 15.86 0.74 19.22
N ASN E 106 15.69 -0.56 19.52
CA ASN E 106 15.29 -0.96 20.89
C ASN E 106 16.09 -2.19 21.37
N ALA E 107 16.16 -2.35 22.70
CA ALA E 107 16.79 -3.45 23.39
C ALA E 107 15.83 -4.58 23.73
N THR E 108 14.56 -4.45 23.34
CA THR E 108 13.55 -5.45 23.64
C THR E 108 12.68 -5.63 22.40
N GLY E 109 12.08 -6.83 22.31
CA GLY E 109 11.22 -7.21 21.17
C GLY E 109 9.97 -6.35 21.06
N ASN E 110 9.33 -6.04 22.20
CA ASN E 110 8.08 -5.24 22.18
C ASN E 110 8.31 -3.86 22.82
N PRO E 111 7.99 -2.75 22.10
CA PRO E 111 8.16 -1.39 22.64
C PRO E 111 7.10 -1.10 23.71
N ASP E 112 7.38 -0.15 24.61
CA ASP E 112 6.43 0.21 25.68
C ASP E 112 5.72 1.51 25.30
N GLY E 113 4.38 1.51 25.29
CA GLY E 113 3.59 2.70 24.92
C GLY E 113 3.38 3.65 26.08
N VAL E 114 4.45 4.28 26.57
CA VAL E 114 4.38 5.27 27.68
C VAL E 114 5.05 6.56 27.20
N PRO E 115 4.43 7.76 27.33
CA PRO E 115 5.05 9.00 26.85
C PRO E 115 6.11 9.52 27.80
N SER E 116 6.88 10.52 27.35
CA SER E 116 7.94 11.13 28.14
C SER E 116 7.72 12.64 28.19
N SER E 117 8.18 13.26 29.28
CA SER E 117 7.97 14.69 29.46
C SER E 117 8.72 15.48 28.39
N PHE E 118 8.21 16.69 28.10
CA PHE E 118 8.67 17.44 26.95
C PHE E 118 10.14 17.82 27.08
N ASP E 119 10.59 18.13 28.30
CA ASP E 119 11.99 18.51 28.49
C ASP E 119 12.92 17.37 28.08
N GLU E 120 12.55 16.13 28.43
CA GLU E 120 13.33 14.97 27.99
C GLU E 120 13.36 14.87 26.47
N ILE E 121 12.21 15.10 25.83
CA ILE E 121 12.15 15.03 24.37
C ILE E 121 13.08 16.06 23.75
N ALA E 122 13.03 17.30 24.24
CA ALA E 122 13.88 18.35 23.69
C ALA E 122 15.35 18.04 23.90
N THR E 123 15.72 17.56 25.09
CA THR E 123 17.12 17.24 25.35
C THR E 123 17.62 16.15 24.43
N MET E 124 16.85 15.06 24.30
CA MET E 124 17.31 13.95 23.46
C MET E 124 17.27 14.31 21.98
N ARG E 125 16.40 15.24 21.58
CA ARG E 125 16.40 15.69 20.19
C ARG E 125 17.58 16.60 19.89
N ALA E 126 18.04 17.37 20.88
CA ALA E 126 19.20 18.23 20.69
C ALA E 126 20.50 17.44 20.59
N HIS E 127 20.48 16.15 20.93
CA HIS E 127 21.69 15.35 20.93
C HIS E 127 22.25 15.21 19.51
N PRO E 128 23.56 15.27 19.34
CA PRO E 128 24.16 15.17 17.99
C PRO E 128 23.88 13.84 17.30
N PHE E 129 24.14 12.72 17.98
CA PHE E 129 23.97 11.42 17.34
C PHE E 129 22.56 10.88 17.56
N ILE E 130 22.06 10.93 18.80
CA ILE E 130 20.73 10.43 19.09
C ILE E 130 19.65 11.26 18.41
N GLY E 131 19.94 12.53 18.12
CA GLY E 131 18.99 13.34 17.39
C GLY E 131 18.73 12.81 16.00
N LEU E 132 19.79 12.39 15.31
CA LEU E 132 19.64 11.92 13.93
C LEU E 132 18.85 10.62 13.87
N PHE E 133 19.10 9.70 14.79
CA PHE E 133 18.43 8.41 14.82
C PHE E 133 17.57 8.32 16.08
N GLY E 134 16.26 8.33 15.89
CA GLY E 134 15.33 8.37 17.00
C GLY E 134 14.94 7.02 17.57
N GLY E 135 15.58 5.95 17.14
CA GLY E 135 15.25 4.62 17.64
C GLY E 135 15.41 4.49 19.14
N GLY E 136 14.29 4.29 19.84
CA GLY E 136 14.31 4.15 21.27
C GLY E 136 13.05 3.50 21.79
N PRO E 137 13.02 3.24 23.10
CA PRO E 137 11.83 2.62 23.70
C PRO E 137 10.56 3.42 23.53
N ARG E 138 10.66 4.75 23.47
CA ARG E 138 9.50 5.62 23.32
C ARG E 138 9.24 6.02 21.88
N MET E 139 9.98 5.46 20.92
CA MET E 139 9.78 5.73 19.49
C MET E 139 9.93 7.22 19.19
N LEU E 140 11.07 7.77 19.59
CA LEU E 140 11.34 9.18 19.34
C LEU E 140 11.57 9.43 17.86
N GLU E 141 11.15 10.60 17.40
CA GLU E 141 11.36 10.99 16.02
C GLU E 141 12.82 11.36 15.78
N GLY E 142 13.29 11.07 14.57
CA GLY E 142 14.63 11.41 14.15
C GLY E 142 14.65 12.65 13.27
N ARG E 143 15.85 13.25 13.17
CA ARG E 143 16.05 14.43 12.36
C ARG E 143 16.53 14.11 10.94
N LEU E 144 16.77 12.84 10.63
CA LEU E 144 17.43 12.45 9.39
C LEU E 144 16.47 11.71 8.48
N MET E 145 16.47 12.06 7.20
CA MET E 145 15.69 11.37 6.19
C MET E 145 16.63 10.91 5.08
N VAL E 146 16.66 9.60 4.85
CA VAL E 146 17.57 8.97 3.91
C VAL E 146 16.77 8.40 2.76
N ASP E 147 17.34 8.45 1.56
CA ASP E 147 16.67 7.96 0.35
C ASP E 147 17.44 6.76 -0.19
N SER E 148 16.82 6.05 -1.13
CA SER E 148 17.47 4.92 -1.77
C SER E 148 18.45 5.40 -2.84
N LEU E 149 19.37 4.51 -3.22
CA LEU E 149 20.39 4.83 -4.20
C LEU E 149 19.85 4.59 -5.61
N TYR E 150 19.92 5.61 -6.46
CA TYR E 150 19.38 5.55 -7.80
C TYR E 150 20.48 5.64 -8.84
N PRO E 151 20.46 4.77 -9.85
CA PRO E 151 21.32 4.99 -11.02
C PRO E 151 20.81 6.13 -11.88
N ILE E 152 21.71 6.67 -12.70
CA ILE E 152 21.34 7.74 -13.63
C ILE E 152 20.93 7.05 -14.93
N HIS E 153 19.65 6.76 -15.04
CA HIS E 153 19.09 6.00 -16.14
C HIS E 153 17.85 6.71 -16.68
N THR E 154 17.58 6.50 -17.96
CA THR E 154 16.40 7.11 -18.57
C THR E 154 15.10 6.58 -18.00
N ASN E 155 15.13 5.42 -17.33
CA ASN E 155 13.93 4.92 -16.67
C ASN E 155 13.49 5.85 -15.55
N ALA E 156 14.43 6.58 -14.95
CA ALA E 156 14.16 7.46 -13.82
C ALA E 156 14.31 8.93 -14.21
N GLU E 157 13.86 9.30 -15.41
CA GLU E 157 13.92 10.70 -15.81
C GLU E 157 13.01 11.56 -14.96
N ARG E 158 11.81 11.06 -14.65
CA ARG E 158 10.85 11.83 -13.87
C ARG E 158 11.27 11.99 -12.42
N ILE E 159 12.18 11.15 -11.92
CA ILE E 159 12.62 11.23 -10.54
C ILE E 159 13.72 12.27 -10.37
N LEU E 160 14.72 12.24 -11.25
CA LEU E 160 15.80 13.22 -11.20
C LEU E 160 15.28 14.58 -11.69
N GLY E 161 15.58 15.63 -10.93
CA GLY E 161 15.03 16.94 -11.20
C GLY E 161 15.37 17.52 -12.56
N ALA E 162 16.64 17.87 -12.77
CA ALA E 162 17.07 18.49 -14.02
C ALA E 162 18.59 18.52 -14.12
N GLY E 163 19.11 18.83 -15.31
CA GLY E 163 20.54 18.92 -15.52
C GLY E 163 21.23 17.60 -15.83
N TYR E 164 20.49 16.50 -15.85
CA TYR E 164 21.05 15.18 -16.12
C TYR E 164 20.78 14.71 -17.55
N GLU E 165 20.38 15.61 -18.44
CA GLU E 165 20.02 15.23 -19.79
C GLU E 165 21.21 14.76 -20.62
N ASN E 166 22.44 15.04 -20.17
CA ASN E 166 23.63 14.72 -20.95
C ASN E 166 24.25 13.39 -20.56
N GLU E 167 24.49 13.17 -19.27
CA GLU E 167 25.20 11.98 -18.83
C GLU E 167 24.29 10.77 -18.61
N MET E 168 22.99 10.92 -18.80
CA MET E 168 22.06 9.82 -18.54
C MET E 168 22.28 8.69 -19.54
N MET E 169 22.26 7.46 -19.04
CA MET E 169 22.54 6.27 -19.83
C MET E 169 21.28 5.45 -20.02
N SER E 170 21.31 4.56 -21.00
CA SER E 170 20.20 3.68 -21.33
C SER E 170 20.70 2.24 -21.40
N GLY E 171 19.82 1.33 -21.81
CA GLY E 171 20.17 -0.05 -22.00
C GLY E 171 20.15 -0.83 -20.70
N PRO E 172 20.22 -2.16 -20.80
CA PRO E 172 20.22 -2.99 -19.59
C PRO E 172 21.52 -2.78 -18.81
N ILE E 173 21.38 -2.71 -17.49
CA ILE E 173 22.51 -2.47 -16.60
C ILE E 173 22.71 -3.62 -15.61
N THR E 174 22.40 -4.84 -16.01
CA THR E 174 22.52 -5.99 -15.12
C THR E 174 23.06 -7.20 -15.89
N GLN E 175 23.62 -8.14 -15.14
CA GLN E 175 24.23 -9.34 -15.71
C GLN E 175 23.97 -10.52 -14.77
N VAL E 176 24.05 -11.73 -15.33
CA VAL E 176 23.94 -12.96 -14.56
C VAL E 176 25.33 -13.60 -14.48
N VAL E 177 25.68 -14.09 -13.29
CA VAL E 177 26.97 -14.71 -13.03
C VAL E 177 26.73 -16.10 -12.48
N TRP E 178 27.45 -17.09 -13.03
CA TRP E 178 27.30 -18.49 -12.67
C TRP E 178 28.43 -18.91 -11.73
N ALA E 179 28.15 -19.92 -10.91
CA ALA E 179 29.16 -20.46 -10.00
C ALA E 179 28.82 -21.90 -9.66
N ARG E 180 29.86 -22.69 -9.40
CA ARG E 180 29.73 -24.14 -9.08
C ARG E 180 30.60 -24.49 -7.87
N ARG E 181 30.25 -25.60 -7.22
CA ARG E 181 30.94 -26.12 -6.04
C ARG E 181 31.16 -27.61 -6.21
N MET E 182 32.41 -28.04 -6.00
CA MET E 182 32.82 -29.44 -6.24
C MET E 182 33.32 -30.10 -4.94
N ASP E 183 33.27 -31.44 -4.91
CA ASP E 183 33.66 -32.26 -3.77
C ASP E 183 35.16 -32.52 -3.81
N PRO E 184 35.91 -32.10 -2.80
CA PRO E 184 37.37 -32.28 -2.84
C PRO E 184 37.81 -33.73 -2.90
N ILE E 185 37.07 -34.64 -2.28
CA ILE E 185 37.51 -36.04 -2.19
C ILE E 185 37.60 -36.65 -3.58
N LEU E 186 36.70 -36.26 -4.49
CA LEU E 186 36.74 -36.79 -5.84
C LEU E 186 38.00 -36.36 -6.59
N ASN E 187 38.66 -35.29 -6.14
CA ASN E 187 39.83 -34.77 -6.82
C ASN E 187 41.12 -35.03 -6.04
N LEU E 188 41.21 -36.13 -5.31
CA LEU E 188 42.44 -36.46 -4.60
C LEU E 188 43.54 -36.86 -5.58
N GLY E 189 43.33 -37.96 -6.30
CA GLY E 189 44.19 -38.32 -7.42
C GLY E 189 45.62 -38.72 -7.08
N SER E 190 45.88 -39.04 -5.82
CA SER E 190 47.23 -39.48 -5.43
C SER E 190 47.14 -40.34 -4.19
N SER E 191 48.07 -41.29 -4.08
CA SER E 191 48.09 -42.17 -2.93
C SER E 191 48.51 -41.44 -1.66
N GLU E 192 49.61 -40.67 -1.74
CA GLU E 192 50.08 -39.94 -0.56
C GLU E 192 49.03 -38.96 -0.06
N ASP E 193 48.26 -38.37 -0.96
CA ASP E 193 47.20 -37.45 -0.55
C ASP E 193 46.17 -38.17 0.31
N VAL E 194 45.69 -39.33 -0.14
CA VAL E 194 44.68 -40.04 0.64
C VAL E 194 45.26 -40.56 1.95
N GLU E 195 46.53 -40.96 1.96
CA GLU E 195 47.14 -41.40 3.22
C GLU E 195 47.40 -40.25 4.18
N VAL E 196 47.45 -39.01 3.69
CA VAL E 196 47.62 -37.88 4.60
C VAL E 196 46.41 -37.75 5.53
N ILE E 197 45.20 -37.88 5.01
CA ILE E 197 44.01 -37.81 5.84
C ILE E 197 43.83 -39.16 6.53
N ASN E 198 43.07 -39.15 7.62
CA ASN E 198 42.88 -40.35 8.42
C ASN E 198 42.19 -41.45 7.62
N GLY E 199 42.64 -42.68 7.82
CA GLY E 199 42.11 -43.84 7.12
C GLY E 199 42.81 -44.18 5.83
N GLY E 200 43.08 -43.21 4.97
CA GLY E 200 43.81 -43.50 3.76
C GLY E 200 42.94 -43.88 2.58
N ALA E 201 43.49 -44.79 1.75
CA ALA E 201 42.79 -45.22 0.54
C ALA E 201 41.50 -45.93 0.88
N VAL E 202 41.50 -46.74 1.94
CA VAL E 202 40.28 -47.41 2.37
C VAL E 202 39.25 -46.39 2.85
N ALA E 203 39.70 -45.32 3.50
CA ALA E 203 38.78 -44.26 3.90
C ALA E 203 38.18 -43.56 2.69
N ALA E 204 38.99 -43.29 1.67
CA ALA E 204 38.47 -42.69 0.45
C ALA E 204 37.46 -43.61 -0.23
N ASN E 205 37.76 -44.90 -0.28
CA ASN E 205 36.82 -45.86 -0.86
C ASN E 205 35.53 -45.95 -0.07
N GLY E 206 35.60 -45.89 1.25
CA GLY E 206 34.42 -45.88 2.08
C GLY E 206 33.57 -44.64 1.88
N TRP E 207 34.23 -43.49 1.76
CA TRP E 207 33.51 -42.26 1.49
C TRP E 207 32.86 -42.29 0.11
N ILE E 208 33.54 -42.89 -0.88
CA ILE E 208 32.92 -43.06 -2.20
C ILE E 208 31.74 -44.02 -2.12
N GLN E 209 31.83 -45.08 -1.31
CA GLN E 209 30.69 -45.97 -1.11
C GLN E 209 29.51 -45.22 -0.49
N ASP E 210 29.80 -44.36 0.49
CA ASP E 210 28.74 -43.55 1.09
C ASP E 210 28.14 -42.60 0.07
N LEU E 211 28.96 -42.01 -0.79
CA LEU E 211 28.44 -41.15 -1.85
C LEU E 211 27.55 -41.92 -2.81
N LEU E 212 27.95 -43.16 -3.15
CA LEU E 212 27.11 -44.00 -4.01
C LEU E 212 25.78 -44.31 -3.35
N ALA E 213 25.82 -44.62 -2.04
CA ALA E 213 24.59 -44.90 -1.32
C ALA E 213 23.68 -43.69 -1.28
N ASN E 214 24.26 -42.51 -1.06
CA ASN E 214 23.47 -41.28 -1.07
C ASN E 214 22.87 -41.02 -2.45
N SER E 215 23.64 -41.26 -3.50
CA SER E 215 23.14 -41.06 -4.85
C SER E 215 21.99 -42.02 -5.17
N LYS E 216 22.11 -43.28 -4.73
CA LYS E 216 21.04 -44.25 -4.94
C LYS E 216 19.78 -43.85 -4.17
N ALA E 217 19.96 -43.40 -2.93
CA ALA E 217 18.82 -42.98 -2.12
C ALA E 217 19.08 -41.63 -1.46
N GLY E 242 27.53 -34.73 -1.15
CA GLY E 242 26.48 -33.88 -1.66
C GLY E 242 26.87 -32.41 -1.68
N LEU E 243 28.12 -32.13 -2.06
CA LEU E 243 28.63 -30.77 -2.13
C LEU E 243 28.66 -30.21 -3.55
N LYS E 244 28.40 -31.02 -4.55
CA LYS E 244 28.32 -30.52 -5.91
C LYS E 244 27.10 -29.61 -6.06
N ALA E 245 27.31 -28.43 -6.63
CA ALA E 245 26.23 -27.48 -6.78
C ALA E 245 26.54 -26.54 -7.94
N PHE E 246 25.48 -25.93 -8.46
CA PHE E 246 25.59 -25.00 -9.58
C PHE E 246 24.43 -24.01 -9.50
N ASN E 247 24.75 -22.72 -9.45
CA ASN E 247 23.70 -21.71 -9.32
C ASN E 247 24.22 -20.38 -9.81
N ALA E 248 23.28 -19.47 -10.09
CA ALA E 248 23.59 -18.16 -10.65
C ALA E 248 23.05 -17.07 -9.75
N HIS E 249 23.49 -15.84 -10.03
CA HIS E 249 23.01 -14.67 -9.31
C HIS E 249 23.12 -13.46 -10.22
N GLU E 250 22.16 -12.54 -10.07
CA GLU E 250 22.08 -11.35 -10.91
C GLU E 250 22.68 -10.16 -10.17
N VAL E 251 23.57 -9.44 -10.85
CA VAL E 251 24.26 -8.30 -10.28
C VAL E 251 24.16 -7.12 -11.24
N VAL E 252 24.56 -5.95 -10.75
CA VAL E 252 24.59 -4.72 -11.54
C VAL E 252 26.02 -4.49 -12.00
N ILE E 253 26.19 -4.18 -13.28
CA ILE E 253 27.50 -4.03 -13.90
C ILE E 253 28.25 -2.87 -13.25
N PRO E 254 29.58 -2.91 -13.19
CA PRO E 254 30.33 -1.80 -12.59
C PRO E 254 30.62 -0.68 -13.57
N GLY E 255 30.70 0.54 -13.04
CA GLY E 255 31.12 1.67 -13.83
C GLY E 255 30.01 2.62 -14.25
N LEU E 256 28.97 2.74 -13.43
CA LEU E 256 27.86 3.64 -13.71
C LEU E 256 27.64 4.58 -12.54
N LYS E 257 26.97 5.69 -12.82
CA LYS E 257 26.79 6.78 -11.87
C LYS E 257 25.57 6.49 -11.00
N TRP E 258 25.70 6.71 -9.71
CA TRP E 258 24.59 6.60 -8.77
C TRP E 258 24.42 7.91 -8.01
N VAL E 259 23.18 8.17 -7.58
CA VAL E 259 22.83 9.38 -6.87
C VAL E 259 22.16 9.01 -5.55
N TRP E 260 22.51 9.76 -4.50
CA TRP E 260 21.95 9.56 -3.17
C TRP E 260 21.46 10.89 -2.64
N ARG E 261 20.25 10.89 -2.07
CA ARG E 261 19.65 12.10 -1.52
C ARG E 261 19.46 11.93 -0.03
N ILE E 262 19.92 12.92 0.75
CA ILE E 262 19.70 12.94 2.19
C ILE E 262 19.14 14.31 2.57
N SER E 263 18.32 14.33 3.61
CA SER E 263 17.74 15.58 4.07
C SER E 263 17.70 15.61 5.60
N LEU E 264 17.74 16.82 6.14
CA LEU E 264 17.66 17.07 7.57
C LEU E 264 16.67 18.20 7.82
N ASP E 265 15.82 18.02 8.83
CA ASP E 265 14.83 19.03 9.20
C ASP E 265 15.31 19.76 10.45
N ARG E 266 15.36 21.10 10.35
CA ARG E 266 15.83 21.98 11.42
C ARG E 266 16.96 21.38 12.29
N PRO E 267 18.11 21.08 11.69
CA PRO E 267 19.18 20.47 12.47
C PRO E 267 20.09 21.50 13.11
N THR E 268 20.76 21.08 14.18
CA THR E 268 21.83 21.88 14.75
C THR E 268 23.10 21.72 13.92
N ASP E 269 24.02 22.67 14.09
CA ASP E 269 25.25 22.64 13.31
C ASP E 269 26.07 21.39 13.62
N ALA E 270 25.99 20.90 14.86
CA ALA E 270 26.73 19.71 15.23
C ALA E 270 26.29 18.49 14.43
N GLN E 271 24.98 18.35 14.21
CA GLN E 271 24.49 17.19 13.47
C GLN E 271 24.94 17.23 12.02
N VAL E 272 24.89 18.41 11.39
CA VAL E 272 25.37 18.54 10.01
C VAL E 272 26.86 18.24 9.95
N GLY E 273 27.62 18.75 10.92
CA GLY E 273 29.04 18.45 10.96
C GLY E 273 29.33 16.97 11.12
N LEU E 274 28.53 16.28 11.94
CA LEU E 274 28.72 14.85 12.12
C LEU E 274 28.38 14.08 10.84
N VAL E 275 27.33 14.50 10.14
CA VAL E 275 26.99 13.87 8.87
C VAL E 275 28.13 14.04 7.88
N LEU E 276 28.67 15.26 7.78
CA LEU E 276 29.77 15.51 6.86
C LEU E 276 31.02 14.75 7.26
N LEU E 277 31.28 14.61 8.56
CA LEU E 277 32.43 13.86 9.04
C LEU E 277 32.32 12.39 8.66
N ALA E 278 31.13 11.81 8.84
CA ALA E 278 30.93 10.42 8.44
C ALA E 278 31.04 10.27 6.94
N LEU E 279 30.61 11.28 6.18
CA LEU E 279 30.70 11.23 4.73
C LEU E 279 32.15 11.34 4.26
N ASN E 280 32.99 12.04 5.01
CA ASN E 280 34.36 12.30 4.57
C ASN E 280 35.18 11.01 4.50
N LYS E 281 34.86 10.03 5.34
CA LYS E 281 35.53 8.74 5.31
C LYS E 281 34.60 7.63 4.80
N MET E 282 33.54 8.00 4.09
CA MET E 282 32.54 7.02 3.67
C MET E 282 33.10 6.03 2.64
N THR E 283 34.06 6.47 1.82
CA THR E 283 34.46 5.68 0.66
C THR E 283 35.08 4.34 1.05
N ASN E 284 35.55 4.21 2.29
CA ASN E 284 36.30 3.00 2.66
C ASN E 284 35.39 1.78 2.76
N GLU E 285 34.14 1.99 3.19
CA GLU E 285 33.26 0.85 3.46
C GLU E 285 32.74 0.22 2.18
N ARG E 286 32.18 -0.98 2.33
CA ARG E 286 31.59 -1.72 1.23
C ARG E 286 30.07 -1.70 1.37
N ILE E 287 29.37 -1.48 0.25
CA ILE E 287 27.92 -1.57 0.27
C ILE E 287 27.51 -3.02 0.56
N ALA E 288 26.37 -3.18 1.23
CA ALA E 288 25.95 -4.50 1.67
C ALA E 288 25.73 -5.44 0.49
N GLY E 289 26.11 -6.70 0.69
CA GLY E 289 25.94 -7.73 -0.32
C GLY E 289 27.25 -8.07 -1.02
N GLY E 290 27.57 -9.36 -1.01
CA GLY E 290 28.74 -9.87 -1.69
C GLY E 290 30.07 -9.48 -1.05
N HIS E 291 30.21 -9.78 0.24
CA HIS E 291 31.45 -9.43 0.95
C HIS E 291 32.63 -10.26 0.46
N SER E 292 32.43 -11.56 0.28
CA SER E 292 33.53 -12.47 -0.02
C SER E 292 34.19 -12.20 -1.37
N LYS E 293 33.54 -11.47 -2.26
CA LYS E 293 34.12 -11.15 -3.56
C LYS E 293 34.32 -9.65 -3.77
N ASP E 294 34.25 -8.86 -2.69
CA ASP E 294 34.47 -7.42 -2.74
C ASP E 294 33.55 -6.74 -3.74
N TYR E 295 32.25 -6.80 -3.49
CA TYR E 295 31.25 -6.25 -4.39
C TYR E 295 30.93 -4.78 -4.11
N GLY E 296 30.80 -4.41 -2.85
CA GLY E 296 30.34 -3.08 -2.51
C GLY E 296 31.36 -1.98 -2.60
N ARG E 297 32.38 -2.14 -3.45
CA ARG E 297 33.42 -1.14 -3.60
C ARG E 297 32.94 -0.02 -4.51
N PHE E 298 33.14 1.22 -4.08
CA PHE E 298 32.67 2.40 -4.80
C PHE E 298 33.59 3.57 -4.50
N VAL E 299 33.53 4.58 -5.36
CA VAL E 299 34.31 5.80 -5.20
C VAL E 299 33.36 7.00 -5.25
N ILE E 300 33.51 7.89 -4.27
CA ILE E 300 32.67 9.09 -4.20
C ILE E 300 33.24 10.13 -5.15
N ASP E 301 32.37 10.67 -6.02
CA ASP E 301 32.77 11.63 -7.03
C ASP E 301 32.41 13.07 -6.71
N GLY E 302 31.24 13.30 -6.11
CA GLY E 302 30.83 14.67 -5.82
C GLY E 302 29.85 14.74 -4.68
N VAL E 303 29.85 15.88 -4.00
CA VAL E 303 28.92 16.15 -2.90
C VAL E 303 28.40 17.57 -3.07
N SER E 304 27.10 17.70 -3.34
CA SER E 304 26.44 18.99 -3.45
C SER E 304 25.61 19.26 -2.20
N LEU E 305 25.75 20.48 -1.68
CA LEU E 305 25.09 20.89 -0.44
C LEU E 305 24.27 22.14 -0.74
N ASN E 306 22.95 21.96 -0.89
CA ASN E 306 22.02 23.03 -1.23
C ASN E 306 22.38 23.72 -2.54
N GLY E 307 22.95 22.97 -3.49
CA GLY E 307 23.28 23.51 -4.79
C GLY E 307 24.71 23.96 -4.97
N GLU E 308 25.58 23.71 -4.00
CA GLU E 308 26.98 24.10 -4.08
C GLU E 308 27.85 22.87 -3.91
N GLN E 309 28.71 22.60 -4.89
CA GLN E 309 29.61 21.46 -4.82
C GLN E 309 30.75 21.75 -3.85
N VAL E 310 30.87 20.92 -2.82
CA VAL E 310 31.84 21.16 -1.77
C VAL E 310 32.75 19.94 -1.58
N TRP E 311 32.93 19.16 -2.64
CA TRP E 311 33.77 17.98 -2.60
C TRP E 311 35.08 18.24 -3.35
N SER E 312 36.19 17.87 -2.72
CA SER E 312 37.51 17.94 -3.34
C SER E 312 38.06 16.53 -3.51
N GLN E 313 39.28 16.46 -4.05
CA GLN E 313 39.92 15.17 -4.29
C GLN E 313 40.25 14.42 -3.01
N SER E 314 40.26 15.11 -1.86
CA SER E 314 40.54 14.45 -0.59
C SER E 314 39.44 14.63 0.45
N GLY E 315 38.52 15.56 0.28
CA GLY E 315 37.49 15.78 1.27
C GLY E 315 36.64 16.99 0.97
N ILE E 316 36.01 17.52 2.00
CA ILE E 316 35.08 18.63 1.88
C ILE E 316 35.83 19.94 2.05
N THR E 317 35.68 20.84 1.09
CA THR E 317 36.22 22.19 1.16
C THR E 317 35.10 23.14 1.53
N GLY E 318 35.29 23.92 2.59
CA GLY E 318 34.23 24.75 3.10
C GLY E 318 33.44 24.04 4.18
N GLY E 319 32.39 24.72 4.64
CA GLY E 319 31.61 24.20 5.74
C GLY E 319 32.37 24.11 7.04
N GLU E 320 33.38 24.95 7.24
CA GLU E 320 34.20 24.85 8.44
C GLU E 320 33.40 25.12 9.71
N GLN E 321 32.28 25.83 9.60
CA GLN E 321 31.46 26.08 10.78
C GLN E 321 30.89 24.79 11.36
N TYR E 322 30.36 23.92 10.49
CA TYR E 322 29.87 22.63 10.95
C TYR E 322 30.99 21.76 11.50
N PHE E 323 32.16 21.80 10.85
CA PHE E 323 33.31 21.02 11.32
C PHE E 323 33.72 21.46 12.73
N ASP E 324 33.83 22.77 12.95
CA ASP E 324 34.18 23.27 14.27
C ASP E 324 33.11 22.94 15.30
N ALA E 325 31.84 23.07 14.92
CA ALA E 325 30.76 22.75 15.86
C ALA E 325 30.78 21.28 16.27
N VAL E 326 30.96 20.37 15.31
CA VAL E 326 31.00 18.96 15.66
C VAL E 326 32.26 18.62 16.42
N ALA E 327 33.38 19.31 16.13
CA ALA E 327 34.60 19.10 16.90
C ALA E 327 34.41 19.52 18.36
N GLU E 328 33.68 20.60 18.59
CA GLU E 328 33.30 20.93 19.97
C GLU E 328 32.36 19.89 20.55
N ALA E 329 31.44 19.38 19.73
CA ALA E 329 30.42 18.46 20.22
C ALA E 329 31.02 17.15 20.70
N ILE E 330 31.98 16.60 19.97
CA ILE E 330 32.56 15.32 20.35
C ILE E 330 33.27 15.45 21.69
N ASP E 331 33.91 16.59 21.94
CA ASP E 331 34.43 16.88 23.27
C ASP E 331 33.29 16.94 24.26
N GLY E 332 33.47 16.27 25.40
CA GLY E 332 32.44 16.22 26.41
C GLY E 332 31.37 15.17 26.19
N LEU E 333 31.55 14.28 25.21
CA LEU E 333 30.59 13.20 25.02
C LEU E 333 30.64 12.24 26.21
N SER E 334 29.46 11.82 26.66
CA SER E 334 29.36 10.94 27.82
C SER E 334 28.34 9.85 27.52
N SER E 335 28.48 8.75 28.25
CA SER E 335 27.55 7.64 28.12
C SER E 335 26.30 7.80 28.98
N LYS E 336 26.24 8.83 29.82
CA LYS E 336 25.09 9.01 30.69
C LYS E 336 23.80 9.15 29.88
N GLU E 337 23.86 9.88 28.77
CA GLU E 337 22.67 10.07 27.94
C GLU E 337 22.18 8.74 27.38
N PHE E 338 23.07 7.80 27.09
CA PHE E 338 22.65 6.53 26.51
C PHE E 338 21.85 5.70 27.52
N GLU E 339 22.37 5.55 28.74
CA GLU E 339 21.62 4.82 29.76
C GLU E 339 20.37 5.57 30.20
N GLN E 340 20.38 6.91 30.14
CA GLN E 340 19.15 7.62 30.44
C GLN E 340 18.17 7.58 29.27
N PHE E 341 18.62 7.14 28.10
CA PHE E 341 17.76 6.98 26.93
C PHE E 341 17.10 5.60 26.93
N ALA E 342 17.90 4.55 27.09
CA ALA E 342 17.47 3.21 26.71
C ALA E 342 16.95 2.36 27.87
N GLN E 343 16.66 2.94 29.03
CA GLN E 343 16.20 2.14 30.15
C GLN E 343 14.70 1.91 30.04
N SER E 344 14.12 1.38 31.13
CA SER E 344 12.68 1.16 31.19
C SER E 344 12.16 1.43 32.60
N MET F 1 43.48 -1.80 2.95
CA MET F 1 44.81 -2.26 2.56
C MET F 1 44.72 -2.96 1.21
N GLN F 2 45.20 -2.29 0.17
CA GLN F 2 45.01 -2.74 -1.20
C GLN F 2 46.28 -3.42 -1.70
N ILE F 3 46.17 -4.72 -1.97
CA ILE F 3 47.25 -5.48 -2.60
C ILE F 3 46.96 -5.57 -4.09
N GLU F 4 47.92 -5.17 -4.91
CA GLU F 4 47.73 -5.09 -6.36
C GLU F 4 48.78 -5.96 -7.03
N VAL F 5 48.33 -6.96 -7.79
CA VAL F 5 49.20 -7.90 -8.46
C VAL F 5 49.07 -7.67 -9.96
N THR F 6 50.10 -7.11 -10.57
CA THR F 6 50.12 -6.90 -12.01
C THR F 6 50.83 -8.08 -12.67
N VAL F 7 50.12 -8.77 -13.56
CA VAL F 7 50.60 -10.01 -14.16
C VAL F 7 50.48 -9.92 -15.67
N ARG F 8 51.18 -10.85 -16.33
CA ARG F 8 51.10 -11.02 -17.78
C ARG F 8 51.08 -12.51 -18.07
N ASN F 9 50.50 -12.87 -19.21
CA ASN F 9 50.35 -14.27 -19.59
C ASN F 9 51.36 -14.63 -20.68
N ILE F 10 52.06 -15.75 -20.45
CA ILE F 10 53.01 -16.23 -21.46
C ILE F 10 52.27 -17.03 -22.54
N THR F 11 51.23 -17.75 -22.17
CA THR F 11 50.42 -18.54 -23.08
C THR F 11 49.01 -17.97 -23.17
N PRO F 12 48.30 -18.22 -24.26
CA PRO F 12 46.89 -17.79 -24.32
C PRO F 12 46.08 -18.41 -23.20
N ILE F 13 45.13 -17.64 -22.68
CA ILE F 13 44.34 -18.03 -21.52
C ILE F 13 42.89 -18.20 -21.93
N PHE F 14 42.22 -19.16 -21.28
CA PHE F 14 40.85 -19.51 -21.62
C PHE F 14 40.12 -20.03 -20.39
N SER F 15 38.89 -19.54 -20.19
CA SER F 15 38.01 -19.94 -19.06
C SER F 15 36.68 -20.45 -19.62
N ALA F 16 36.22 -21.61 -19.14
CA ALA F 16 34.96 -22.20 -19.63
C ALA F 16 33.77 -21.27 -19.33
N ALA F 17 32.86 -21.11 -20.29
CA ALA F 17 31.67 -20.24 -20.13
C ALA F 17 30.39 -21.08 -20.24
N PRO F 18 29.42 -20.94 -19.30
CA PRO F 18 28.18 -21.71 -19.34
C PRO F 18 27.35 -21.36 -20.58
N GLY F 19 26.64 -22.36 -21.12
CA GLY F 19 25.79 -22.17 -22.33
C GLY F 19 26.49 -22.68 -23.58
N SER F 20 25.73 -22.93 -24.64
CA SER F 20 26.28 -23.45 -25.92
C SER F 20 25.90 -22.51 -27.08
N ASN F 21 26.89 -22.19 -27.94
CA ASN F 21 26.65 -21.30 -29.11
C ASN F 21 27.23 -21.97 -30.37
N TYR F 22 26.72 -21.61 -31.55
CA TYR F 22 27.19 -22.18 -32.79
C TYR F 22 27.88 -21.11 -33.63
N ILE F 23 28.74 -21.56 -34.54
CA ILE F 23 29.53 -20.66 -35.37
C ILE F 23 29.74 -21.30 -36.74
N THR F 24 29.79 -20.45 -37.77
CA THR F 24 30.04 -20.88 -39.12
C THR F 24 31.54 -21.09 -39.35
N ILE F 25 31.89 -21.50 -40.57
CA ILE F 25 33.28 -21.79 -40.89
C ILE F 25 34.10 -20.50 -40.94
N ASP F 26 33.59 -19.46 -41.60
CA ASP F 26 34.19 -18.12 -41.55
C ASP F 26 33.16 -17.12 -41.05
N GLY F 27 33.29 -16.73 -39.77
CA GLY F 27 32.54 -15.59 -39.27
C GLY F 27 31.05 -15.72 -39.44
N THR F 28 30.50 -14.92 -40.36
CA THR F 28 29.07 -14.92 -40.68
C THR F 28 28.23 -14.64 -39.45
N ILE F 29 28.36 -13.41 -38.94
CA ILE F 29 27.62 -13.00 -37.74
C ILE F 29 26.12 -13.06 -38.02
N ASN F 30 25.38 -13.66 -37.09
CA ASN F 30 23.93 -13.85 -37.19
C ASN F 30 23.56 -14.58 -38.48
N PRO F 31 23.96 -15.84 -38.65
CA PRO F 31 23.61 -16.57 -39.87
C PRO F 31 22.27 -17.26 -39.71
N PRO F 32 21.64 -17.66 -40.82
CA PRO F 32 20.46 -18.52 -40.73
C PRO F 32 20.81 -19.85 -40.09
N PRO F 33 19.96 -20.36 -39.20
CA PRO F 33 20.25 -21.66 -38.58
C PRO F 33 20.30 -22.78 -39.61
N GLY F 34 21.22 -23.72 -39.39
CA GLY F 34 21.40 -24.85 -40.29
C GLY F 34 22.40 -24.63 -41.41
N VAL F 35 23.24 -23.59 -41.33
CA VAL F 35 24.22 -23.33 -42.38
C VAL F 35 25.62 -23.46 -41.80
N SER F 36 26.20 -24.66 -41.91
CA SER F 36 27.58 -24.92 -41.50
C SER F 36 27.80 -24.56 -40.03
N ARG F 37 26.81 -24.84 -39.20
CA ARG F 37 26.89 -24.50 -37.79
C ARG F 37 27.70 -25.55 -37.03
N PHE F 38 28.66 -25.09 -36.24
CA PHE F 38 29.49 -25.98 -35.45
C PHE F 38 29.47 -25.50 -34.00
N PRO F 39 29.44 -26.41 -33.03
CA PRO F 39 29.38 -26.00 -31.62
C PRO F 39 30.63 -25.22 -31.23
N LEU F 40 30.43 -24.25 -30.34
CA LEU F 40 31.50 -23.39 -29.85
C LEU F 40 31.38 -23.25 -28.34
N VAL F 41 32.53 -23.27 -27.67
CA VAL F 41 32.60 -23.00 -26.24
C VAL F 41 33.17 -21.60 -26.07
N ARG F 42 32.42 -20.74 -25.39
CA ARG F 42 32.76 -19.34 -25.26
C ARG F 42 33.40 -19.06 -23.90
N THR F 43 34.39 -18.18 -23.88
CA THR F 43 35.04 -17.82 -22.64
C THR F 43 34.15 -16.91 -21.81
N ARG F 44 34.50 -16.80 -20.53
CA ARG F 44 33.71 -15.98 -19.60
C ARG F 44 33.77 -14.51 -20.00
N MET F 45 32.62 -13.84 -19.93
CA MET F 45 32.49 -12.47 -20.38
C MET F 45 31.70 -11.69 -19.33
N MET F 46 32.04 -10.41 -19.20
CA MET F 46 31.43 -9.52 -18.23
C MET F 46 31.16 -8.18 -18.88
N TYR F 47 29.97 -7.61 -18.64
CA TYR F 47 29.66 -6.30 -19.18
C TYR F 47 30.23 -5.20 -18.30
N VAL F 48 30.49 -4.05 -18.93
CA VAL F 48 31.00 -2.89 -18.20
C VAL F 48 30.64 -1.63 -18.97
N ALA F 49 30.31 -0.56 -18.26
CA ALA F 49 30.00 0.70 -18.91
C ALA F 49 31.27 1.35 -19.44
N ALA F 50 31.17 1.89 -20.66
CA ALA F 50 32.31 2.46 -21.34
C ALA F 50 31.91 3.74 -22.05
N ASP F 51 32.88 4.64 -22.19
CA ASP F 51 32.71 5.92 -22.89
C ASP F 51 33.06 5.69 -24.37
N VAL F 52 32.18 4.96 -25.05
CA VAL F 52 32.41 4.64 -26.46
C VAL F 52 32.35 5.90 -27.32
N GLY F 53 31.35 6.76 -27.06
CA GLY F 53 31.21 7.99 -27.80
C GLY F 53 31.06 9.16 -26.84
N ASP F 54 31.35 10.35 -27.37
CA ASP F 54 31.35 11.54 -26.54
C ASP F 54 29.97 11.77 -25.94
N GLY F 55 29.90 11.73 -24.61
CA GLY F 55 28.66 11.98 -23.89
C GLY F 55 27.76 10.77 -23.73
N VAL F 56 28.12 9.62 -24.29
CA VAL F 56 27.30 8.42 -24.21
C VAL F 56 28.12 7.32 -23.54
N ILE F 57 27.46 6.53 -22.69
CA ILE F 57 28.08 5.42 -21.98
C ILE F 57 27.27 4.18 -22.33
N LYS F 58 27.95 3.18 -22.89
CA LYS F 58 27.29 1.95 -23.32
C LYS F 58 27.87 0.75 -22.59
N SER F 59 27.04 -0.27 -22.40
CA SER F 59 27.45 -1.50 -21.72
C SER F 59 28.15 -2.39 -22.74
N VAL F 60 29.47 -2.36 -22.75
CA VAL F 60 30.27 -3.14 -23.70
C VAL F 60 30.73 -4.42 -23.02
N PRO F 61 31.07 -5.47 -23.76
CA PRO F 61 31.59 -6.70 -23.14
C PRO F 61 33.08 -6.64 -22.89
N LEU F 62 33.57 -7.56 -22.05
CA LEU F 62 35.00 -7.67 -21.75
C LEU F 62 35.24 -9.08 -21.24
N GLN F 63 36.51 -9.49 -21.24
CA GLN F 63 36.89 -10.84 -20.85
C GLN F 63 37.66 -10.80 -19.53
N ILE F 64 37.18 -11.57 -18.56
CA ILE F 64 37.73 -11.61 -17.20
C ILE F 64 37.87 -13.07 -16.78
N VAL F 65 38.59 -13.27 -15.67
CA VAL F 65 38.60 -14.53 -14.95
C VAL F 65 37.94 -14.30 -13.60
N PRO F 66 36.89 -15.03 -13.24
CA PRO F 66 36.08 -14.66 -12.09
C PRO F 66 36.86 -14.74 -10.78
N GLY F 67 36.40 -13.94 -9.81
CA GLY F 67 37.09 -13.86 -8.53
C GLY F 67 37.03 -15.14 -7.73
N ASN F 68 35.96 -15.92 -7.89
CA ASN F 68 35.83 -17.17 -7.14
C ASN F 68 36.92 -18.17 -7.53
N THR F 69 37.25 -18.25 -8.81
CA THR F 69 38.32 -19.15 -9.25
C THR F 69 39.64 -18.79 -8.59
N MET F 70 39.97 -17.49 -8.56
CA MET F 70 41.24 -17.08 -7.98
C MET F 70 41.26 -17.24 -6.47
N ARG F 71 40.12 -16.99 -5.81
CA ARG F 71 40.05 -17.25 -4.37
C ARG F 71 40.28 -18.73 -4.06
N SER F 72 39.67 -19.60 -4.86
CA SER F 72 39.91 -21.04 -4.69
C SER F 72 41.35 -21.43 -5.00
N LEU F 73 41.98 -20.80 -5.99
CA LEU F 73 43.39 -21.06 -6.25
C LEU F 73 44.24 -20.65 -5.05
N LEU F 74 43.95 -19.47 -4.48
CA LEU F 74 44.62 -19.03 -3.27
C LEU F 74 44.50 -20.08 -2.18
N ARG F 75 43.27 -20.52 -1.90
CA ARG F 75 43.05 -21.48 -0.82
C ARG F 75 43.75 -22.79 -1.09
N ARG F 76 43.69 -23.30 -2.33
CA ARG F 76 44.28 -24.59 -2.64
C ARG F 76 45.79 -24.56 -2.52
N THR F 77 46.43 -23.55 -3.12
CA THR F 77 47.89 -23.44 -3.02
C THR F 77 48.32 -23.27 -1.56
N MET F 78 47.61 -22.41 -0.83
CA MET F 78 47.94 -22.13 0.56
C MET F 78 47.82 -23.39 1.42
N LEU F 79 46.76 -24.17 1.20
CA LEU F 79 46.57 -25.40 1.96
C LEU F 79 47.47 -26.52 1.46
N LYS F 80 48.04 -26.37 0.26
CA LYS F 80 48.89 -27.41 -0.30
C LYS F 80 50.34 -27.30 0.20
N HIS F 81 50.92 -26.10 0.15
CA HIS F 81 52.35 -26.01 0.41
C HIS F 81 52.72 -25.35 1.74
N VAL F 82 51.76 -24.84 2.51
CA VAL F 82 52.06 -24.17 3.77
C VAL F 82 51.60 -25.00 4.97
N ILE F 83 50.29 -25.22 5.10
CA ILE F 83 49.79 -25.92 6.28
C ILE F 83 50.11 -27.41 6.21
N GLU F 84 50.08 -27.99 5.00
CA GLU F 84 50.41 -29.40 4.88
C GLU F 84 51.81 -29.77 5.37
N PRO F 85 52.88 -29.02 5.05
CA PRO F 85 54.17 -29.32 5.68
C PRO F 85 54.13 -29.28 7.19
N ALA F 86 53.44 -28.30 7.78
CA ALA F 86 53.34 -28.24 9.24
C ALA F 86 52.56 -29.42 9.78
N LEU F 87 51.57 -29.89 9.02
CA LEU F 87 50.78 -31.06 9.42
C LEU F 87 51.60 -32.33 9.35
N VAL F 88 52.55 -32.42 8.42
CA VAL F 88 53.32 -33.64 8.25
C VAL F 88 54.52 -33.68 9.18
N GLU F 89 55.18 -32.54 9.43
CA GLU F 89 56.34 -32.55 10.32
C GLU F 89 55.91 -32.65 11.79
N LYS F 90 54.88 -31.89 12.18
CA LYS F 90 54.41 -31.95 13.55
C LYS F 90 53.76 -33.29 13.86
N GLY F 91 53.18 -33.95 12.86
CA GLY F 91 52.54 -35.23 13.05
C GLY F 91 51.05 -35.11 13.30
N ASN F 92 50.42 -34.10 12.69
CA ASN F 92 48.98 -33.92 12.80
C ASN F 92 48.26 -34.78 11.75
N LYS F 93 46.99 -35.06 12.02
CA LYS F 93 46.18 -35.94 11.18
C LYS F 93 44.76 -35.39 11.11
N LEU F 94 44.47 -34.61 10.06
CA LEU F 94 43.14 -34.07 9.88
C LEU F 94 42.14 -35.16 9.54
N SER F 95 40.90 -34.97 9.96
CA SER F 95 39.82 -35.88 9.63
C SER F 95 39.30 -35.59 8.23
N ILE F 96 38.53 -36.55 7.69
CA ILE F 96 37.96 -36.38 6.35
C ILE F 96 37.02 -35.19 6.32
N GLY F 97 36.15 -35.07 7.33
CA GLY F 97 35.25 -33.93 7.40
C GLY F 97 35.99 -32.62 7.54
N ALA F 98 37.03 -32.60 8.37
CA ALA F 98 37.84 -31.39 8.51
C ALA F 98 38.54 -31.05 7.20
N TYR F 99 39.02 -32.07 6.48
CA TYR F 99 39.66 -31.83 5.20
C TYR F 99 38.69 -31.22 4.19
N ALA F 100 37.47 -31.77 4.13
CA ALA F 100 36.47 -31.23 3.23
C ALA F 100 36.09 -29.81 3.61
N THR F 101 35.96 -29.55 4.91
CA THR F 101 35.67 -28.20 5.38
C THR F 101 36.79 -27.24 5.01
N ALA F 102 38.03 -27.69 5.09
CA ALA F 102 39.16 -26.82 4.75
C ALA F 102 39.20 -26.53 3.25
N TYR F 103 38.89 -27.52 2.41
CA TYR F 103 39.03 -27.35 0.97
C TYR F 103 37.82 -26.71 0.30
N SER F 104 36.60 -27.16 0.58
CA SER F 104 35.42 -26.67 -0.13
C SER F 104 34.41 -25.99 0.79
N GLY F 105 34.87 -25.15 1.71
CA GLY F 105 33.96 -24.41 2.55
C GLY F 105 33.17 -25.26 3.53
N ASN F 106 31.85 -25.20 3.45
CA ASN F 106 31.02 -25.93 4.40
C ASN F 106 31.22 -27.44 4.25
N ALA F 107 31.16 -28.15 5.37
CA ALA F 107 31.29 -29.60 5.34
C ALA F 107 30.10 -30.25 4.66
N THR F 108 28.88 -29.84 5.03
CA THR F 108 27.66 -30.36 4.45
C THR F 108 26.61 -29.25 4.43
N GLY F 109 25.51 -29.53 3.74
CA GLY F 109 24.38 -28.61 3.74
C GLY F 109 23.56 -28.73 5.01
N ASN F 110 22.53 -27.88 5.09
CA ASN F 110 21.63 -27.82 6.23
C ASN F 110 22.42 -27.55 7.51
N PRO F 111 22.97 -26.35 7.68
CA PRO F 111 23.82 -26.09 8.85
C PRO F 111 23.00 -26.00 10.12
N ASP F 112 23.67 -26.18 11.26
CA ASP F 112 22.94 -26.10 12.55
C ASP F 112 22.44 -24.65 12.70
N GLY F 113 21.14 -24.49 12.95
CA GLY F 113 20.52 -23.15 13.10
C GLY F 113 21.01 -22.39 14.32
N VAL F 114 21.15 -23.08 15.45
CA VAL F 114 21.57 -22.44 16.73
C VAL F 114 23.02 -21.94 16.64
N PRO F 115 23.30 -20.71 17.13
CA PRO F 115 24.66 -20.16 17.16
C PRO F 115 25.40 -20.76 18.36
N SER F 116 26.74 -20.69 18.39
CA SER F 116 27.46 -21.31 19.54
C SER F 116 27.80 -20.24 20.59
N SER F 117 28.89 -19.48 20.38
CA SER F 117 29.29 -18.43 21.35
C SER F 117 30.28 -17.43 20.72
N PHE F 118 30.47 -16.30 21.39
CA PHE F 118 31.44 -15.28 20.97
C PHE F 118 32.88 -15.75 21.10
N ASP F 119 33.18 -16.60 22.08
CA ASP F 119 34.57 -17.00 22.32
C ASP F 119 35.15 -17.74 21.13
N GLU F 120 34.47 -18.78 20.66
CA GLU F 120 35.00 -19.54 19.53
C GLU F 120 34.96 -18.73 18.23
N ILE F 121 33.99 -17.83 18.09
CA ILE F 121 33.99 -16.93 16.94
C ILE F 121 35.25 -16.07 16.96
N ALA F 122 35.61 -15.53 18.13
CA ALA F 122 36.82 -14.72 18.24
C ALA F 122 38.07 -15.56 17.94
N THR F 123 38.12 -16.78 18.45
CA THR F 123 39.28 -17.64 18.18
C THR F 123 39.42 -17.91 16.70
N MET F 124 38.32 -18.24 16.03
CA MET F 124 38.37 -18.54 14.60
C MET F 124 38.66 -17.30 13.76
N ARG F 125 38.23 -16.12 14.21
CA ARG F 125 38.60 -14.89 13.51
C ARG F 125 40.07 -14.56 13.73
N ALA F 126 40.64 -15.01 14.84
CA ALA F 126 42.05 -14.79 15.12
C ALA F 126 42.95 -15.89 14.55
N HIS F 127 42.38 -16.92 13.94
CA HIS F 127 43.16 -17.99 13.36
C HIS F 127 43.80 -17.54 12.06
N PRO F 128 45.03 -17.96 11.78
CA PRO F 128 45.70 -17.58 10.53
C PRO F 128 45.00 -18.10 9.28
N PHE F 129 44.51 -19.34 9.33
CA PHE F 129 43.87 -19.95 8.14
C PHE F 129 42.33 -19.86 8.19
N ILE F 130 41.71 -20.16 9.35
CA ILE F 130 40.26 -20.16 9.43
C ILE F 130 39.71 -18.75 9.23
N GLY F 131 40.36 -17.75 9.82
CA GLY F 131 39.84 -16.40 9.74
C GLY F 131 39.79 -15.83 8.34
N LEU F 132 40.76 -16.20 7.50
CA LEU F 132 40.85 -15.60 6.17
C LEU F 132 39.70 -16.03 5.27
N PHE F 133 39.24 -17.28 5.43
CA PHE F 133 38.16 -17.80 4.58
C PHE F 133 36.88 -18.07 5.34
N GLY F 134 36.96 -18.45 6.61
CA GLY F 134 35.77 -18.71 7.40
C GLY F 134 35.03 -19.96 6.98
N GLY F 135 33.72 -19.85 6.78
CA GLY F 135 32.90 -21.00 6.43
C GLY F 135 32.42 -21.74 7.66
N GLY F 136 32.38 -23.06 7.60
CA GLY F 136 31.99 -23.86 8.72
C GLY F 136 30.48 -23.94 8.88
N PRO F 137 30.02 -24.76 9.83
CA PRO F 137 28.57 -24.88 10.05
C PRO F 137 27.90 -23.60 10.54
N ARG F 138 28.66 -22.63 11.04
CA ARG F 138 28.10 -21.42 11.61
C ARG F 138 28.18 -20.23 10.66
N MET F 139 28.51 -20.46 9.39
CA MET F 139 28.54 -19.39 8.37
C MET F 139 29.51 -18.28 8.77
N LEU F 140 30.65 -18.68 9.33
CA LEU F 140 31.61 -17.69 9.84
C LEU F 140 32.12 -16.80 8.71
N GLU F 141 32.21 -15.50 9.00
CA GLU F 141 32.63 -14.53 8.01
C GLU F 141 34.13 -14.65 7.75
N GLY F 142 34.54 -14.22 6.56
CA GLY F 142 35.94 -14.22 6.17
C GLY F 142 36.57 -12.84 6.32
N ARG F 143 37.90 -12.84 6.20
CA ARG F 143 38.67 -11.60 6.25
C ARG F 143 39.16 -11.14 4.89
N LEU F 144 39.10 -12.01 3.89
CA LEU F 144 39.67 -11.74 2.58
C LEU F 144 38.64 -11.12 1.65
N MET F 145 39.13 -10.36 0.66
CA MET F 145 38.30 -9.77 -0.39
C MET F 145 39.02 -9.95 -1.70
N VAL F 146 38.47 -10.77 -2.59
CA VAL F 146 39.09 -11.12 -3.86
C VAL F 146 38.31 -10.48 -5.00
N ASP F 147 39.04 -9.84 -5.89
CA ASP F 147 38.48 -9.24 -7.10
C ASP F 147 38.92 -10.04 -8.32
N SER F 148 38.12 -9.98 -9.37
CA SER F 148 38.44 -10.71 -10.59
C SER F 148 39.60 -10.05 -11.31
N LEU F 149 40.27 -10.83 -12.15
CA LEU F 149 41.46 -10.37 -12.87
C LEU F 149 41.04 -9.64 -14.14
N TYR F 150 41.33 -8.34 -14.19
CA TYR F 150 40.89 -7.48 -15.27
C TYR F 150 42.05 -7.12 -16.18
N PRO F 151 41.91 -7.33 -17.49
CA PRO F 151 42.93 -6.86 -18.43
C PRO F 151 42.99 -5.35 -18.46
N ILE F 152 44.16 -4.81 -18.78
CA ILE F 152 44.36 -3.37 -18.89
C ILE F 152 43.97 -3.01 -20.32
N HIS F 153 42.73 -2.54 -20.48
CA HIS F 153 42.18 -2.24 -21.79
C HIS F 153 41.45 -0.90 -21.71
N THR F 154 41.35 -0.23 -22.85
CA THR F 154 40.72 1.09 -22.91
C THR F 154 39.27 1.06 -22.44
N ASN F 155 38.57 -0.06 -22.62
CA ASN F 155 37.18 -0.16 -22.15
C ASN F 155 37.12 -0.10 -20.63
N ALA F 156 38.04 -0.76 -19.95
CA ALA F 156 38.03 -0.79 -18.50
C ALA F 156 38.61 0.46 -17.86
N GLU F 157 38.75 1.56 -18.62
CA GLU F 157 39.28 2.79 -18.06
C GLU F 157 38.41 3.30 -16.91
N ARG F 158 37.10 3.06 -16.98
CA ARG F 158 36.20 3.44 -15.90
C ARG F 158 36.35 2.56 -14.67
N ILE F 159 37.05 1.45 -14.78
CA ILE F 159 37.42 0.62 -13.64
C ILE F 159 38.83 0.95 -13.15
N LEU F 160 39.75 1.17 -14.07
CA LEU F 160 41.11 1.60 -13.74
C LEU F 160 41.15 3.13 -13.73
N GLY F 161 40.63 3.69 -12.64
CA GLY F 161 40.49 5.13 -12.56
C GLY F 161 41.80 5.88 -12.55
N ALA F 162 42.77 5.40 -11.77
CA ALA F 162 44.05 6.07 -11.59
C ALA F 162 45.17 5.14 -12.04
N GLY F 163 46.14 5.68 -12.76
CA GLY F 163 47.28 4.91 -13.21
C GLY F 163 46.98 4.13 -14.48
N TYR F 164 48.00 3.37 -14.89
CA TYR F 164 47.92 2.55 -16.12
C TYR F 164 47.55 3.40 -17.32
N GLU F 165 48.01 4.65 -17.34
CA GLU F 165 47.65 5.57 -18.42
C GLU F 165 48.27 5.12 -19.74
N ASN F 166 49.37 4.39 -19.68
CA ASN F 166 49.97 3.80 -20.87
C ASN F 166 49.67 2.30 -20.93
N GLU F 167 50.32 1.64 -21.90
CA GLU F 167 50.16 0.20 -22.17
C GLU F 167 48.71 -0.25 -22.07
N MET F 168 47.80 0.56 -22.61
CA MET F 168 46.39 0.22 -22.70
C MET F 168 46.12 -0.35 -24.09
N MET F 169 45.80 -1.63 -24.15
CA MET F 169 45.49 -2.26 -25.43
C MET F 169 44.21 -1.67 -26.01
N SER F 170 44.13 -1.67 -27.33
CA SER F 170 43.00 -1.08 -28.04
C SER F 170 42.21 -2.09 -28.86
N GLY F 171 42.89 -2.94 -29.62
CA GLY F 171 42.22 -3.88 -30.49
C GLY F 171 41.62 -5.05 -29.75
N PRO F 172 40.88 -5.90 -30.46
CA PRO F 172 40.33 -7.10 -29.84
C PRO F 172 41.43 -7.96 -29.23
N ILE F 173 41.11 -8.58 -28.09
CA ILE F 173 42.10 -9.30 -27.30
C ILE F 173 41.80 -10.80 -27.31
N THR F 174 40.86 -11.22 -28.14
CA THR F 174 40.48 -12.63 -28.20
C THR F 174 40.72 -13.13 -29.62
N GLN F 175 40.55 -14.44 -29.81
CA GLN F 175 40.74 -15.07 -31.10
C GLN F 175 40.05 -16.42 -31.10
N VAL F 176 39.46 -16.79 -32.23
CA VAL F 176 38.77 -18.06 -32.39
C VAL F 176 39.72 -19.05 -33.06
N VAL F 177 39.89 -20.21 -32.44
CA VAL F 177 40.84 -21.21 -32.90
C VAL F 177 40.10 -22.53 -33.11
N TRP F 178 40.50 -23.26 -34.14
CA TRP F 178 39.82 -24.45 -34.62
C TRP F 178 40.64 -25.69 -34.28
N ALA F 179 39.95 -26.79 -33.99
CA ALA F 179 40.64 -28.03 -33.66
C ALA F 179 39.78 -29.21 -34.10
N ARG F 180 40.42 -30.20 -34.73
CA ARG F 180 39.75 -31.43 -35.13
C ARG F 180 40.49 -32.62 -34.52
N ARG F 181 39.74 -33.45 -33.79
CA ARG F 181 40.24 -34.72 -33.29
C ARG F 181 39.87 -35.79 -34.32
N MET F 182 40.77 -35.95 -35.29
CA MET F 182 40.59 -36.98 -36.31
C MET F 182 40.95 -38.35 -35.74
N ASP F 183 40.55 -39.39 -36.46
CA ASP F 183 40.88 -40.75 -36.05
C ASP F 183 42.33 -41.05 -36.39
N PRO F 184 43.19 -41.35 -35.41
CA PRO F 184 44.60 -41.68 -35.66
C PRO F 184 44.78 -42.99 -36.41
N GLY F 242 35.55 -37.46 -27.86
CA GLY F 242 35.09 -38.47 -28.80
C GLY F 242 36.14 -38.83 -29.83
N LEU F 243 35.69 -39.00 -31.08
CA LEU F 243 36.58 -39.33 -32.19
C LEU F 243 36.11 -38.62 -33.44
N LYS F 244 37.08 -38.04 -34.16
CA LYS F 244 36.82 -37.35 -35.43
C LYS F 244 35.79 -36.24 -35.24
N ALA F 245 36.14 -35.22 -34.47
CA ALA F 245 35.24 -34.12 -34.17
C ALA F 245 35.89 -32.79 -34.53
N PHE F 246 35.17 -31.96 -35.27
CA PHE F 246 35.61 -30.62 -35.63
C PHE F 246 34.92 -29.58 -34.76
N ASN F 247 35.71 -28.79 -34.05
CA ASN F 247 35.17 -27.85 -33.08
C ASN F 247 35.96 -26.56 -33.13
N ALA F 248 35.38 -25.52 -32.52
CA ALA F 248 36.00 -24.21 -32.38
C ALA F 248 36.00 -23.80 -30.92
N HIS F 249 36.84 -22.82 -30.59
CA HIS F 249 36.90 -22.30 -29.24
C HIS F 249 37.54 -20.92 -29.26
N GLU F 250 37.01 -20.02 -28.44
CA GLU F 250 37.53 -18.66 -28.35
C GLU F 250 38.43 -18.53 -27.14
N VAL F 251 39.59 -17.89 -27.34
CA VAL F 251 40.65 -17.85 -26.34
C VAL F 251 41.29 -16.47 -26.39
N VAL F 252 41.65 -15.95 -25.22
CA VAL F 252 42.32 -14.66 -25.11
C VAL F 252 43.75 -14.78 -25.61
N ILE F 253 44.20 -13.78 -26.36
CA ILE F 253 45.54 -13.75 -26.93
C ILE F 253 46.57 -13.56 -25.81
N PRO F 254 47.80 -14.04 -25.98
CA PRO F 254 48.79 -13.90 -24.91
C PRO F 254 49.61 -12.62 -25.02
N GLY F 255 50.28 -12.30 -23.92
CA GLY F 255 51.18 -11.17 -23.89
C GLY F 255 50.54 -9.83 -23.61
N LEU F 256 49.59 -9.77 -22.68
CA LEU F 256 48.94 -8.53 -22.31
C LEU F 256 48.78 -8.48 -20.78
N LYS F 257 48.71 -7.25 -20.27
CA LYS F 257 48.80 -6.99 -18.84
C LYS F 257 47.43 -7.06 -18.18
N TRP F 258 47.34 -7.80 -17.08
CA TRP F 258 46.13 -7.88 -16.26
C TRP F 258 46.46 -7.45 -14.84
N VAL F 259 45.44 -7.01 -14.12
CA VAL F 259 45.61 -6.49 -12.76
C VAL F 259 44.66 -7.22 -11.82
N TRP F 260 45.18 -7.54 -10.63
CA TRP F 260 44.43 -8.24 -9.60
C TRP F 260 44.39 -7.38 -8.34
N ARG F 261 43.20 -7.17 -7.80
CA ARG F 261 43.00 -6.40 -6.58
C ARG F 261 42.56 -7.32 -5.45
N ILE F 262 43.24 -7.21 -4.31
CA ILE F 262 42.91 -7.97 -3.11
C ILE F 262 42.83 -6.99 -1.95
N SER F 263 41.95 -7.29 -1.00
CA SER F 263 41.78 -6.44 0.18
C SER F 263 41.56 -7.30 1.41
N LEU F 264 41.80 -6.70 2.57
CA LEU F 264 41.51 -7.34 3.85
C LEU F 264 41.01 -6.27 4.81
N ASP F 265 40.27 -6.71 5.83
CA ASP F 265 39.79 -5.84 6.88
C ASP F 265 40.42 -6.22 8.22
N ARG F 266 40.88 -5.21 8.95
CA ARG F 266 41.63 -5.31 10.21
C ARG F 266 42.55 -6.53 10.25
N PRO F 267 43.37 -6.76 9.22
CA PRO F 267 44.11 -8.02 9.16
C PRO F 267 45.26 -8.06 10.15
N THR F 268 45.47 -9.23 10.73
CA THR F 268 46.63 -9.43 11.57
C THR F 268 47.88 -9.61 10.71
N ASP F 269 49.04 -9.36 11.33
CA ASP F 269 50.30 -9.45 10.58
C ASP F 269 50.57 -10.87 10.09
N ALA F 270 50.23 -11.88 10.90
CA ALA F 270 50.47 -13.26 10.50
C ALA F 270 49.69 -13.62 9.24
N GLN F 271 48.43 -13.19 9.17
CA GLN F 271 47.60 -13.50 8.00
C GLN F 271 48.14 -12.82 6.75
N VAL F 272 48.57 -11.57 6.86
CA VAL F 272 49.16 -10.88 5.72
C VAL F 272 50.43 -11.57 5.27
N GLY F 273 51.27 -11.97 6.23
CA GLY F 273 52.49 -12.69 5.89
C GLY F 273 52.21 -14.02 5.20
N LEU F 274 51.19 -14.75 5.67
CA LEU F 274 50.83 -16.01 5.05
C LEU F 274 50.30 -15.80 3.63
N VAL F 275 49.49 -14.76 3.44
CA VAL F 275 48.99 -14.45 2.10
C VAL F 275 50.15 -14.12 1.17
N LEU F 276 51.11 -13.32 1.66
CA LEU F 276 52.28 -12.99 0.86
C LEU F 276 53.14 -14.22 0.59
N LEU F 277 53.21 -15.17 1.52
CA LEU F 277 53.97 -16.41 1.19
C LEU F 277 53.25 -17.14 0.05
N ALA F 278 51.91 -17.13 0.13
CA ALA F 278 51.01 -17.84 -0.82
C ALA F 278 51.19 -17.33 -2.25
N LEU F 279 51.32 -16.02 -2.47
CA LEU F 279 51.46 -15.49 -3.86
C LEU F 279 52.75 -16.03 -4.50
N ASN F 280 53.83 -16.04 -3.72
CA ASN F 280 55.14 -16.54 -4.24
C ASN F 280 54.97 -18.02 -4.58
N LYS F 281 54.31 -18.80 -3.71
CA LYS F 281 54.11 -20.25 -4.00
C LYS F 281 53.25 -20.42 -5.26
N MET F 282 52.24 -19.56 -5.41
CA MET F 282 51.21 -19.55 -6.49
C MET F 282 51.75 -19.03 -7.83
N THR F 283 52.99 -18.51 -7.90
CA THR F 283 53.47 -18.02 -9.22
C THR F 283 53.42 -19.15 -10.27
N ASN F 284 53.76 -20.37 -9.85
CA ASN F 284 53.74 -21.65 -10.60
C ASN F 284 52.37 -22.34 -10.47
N GLU F 285 51.35 -21.78 -11.13
CA GLU F 285 49.98 -22.36 -11.14
C GLU F 285 49.18 -21.84 -12.34
N ARG F 286 48.14 -22.57 -12.75
CA ARG F 286 47.28 -22.16 -13.88
C ARG F 286 45.98 -21.58 -13.33
N ILE F 287 45.70 -20.31 -13.66
CA ILE F 287 44.50 -19.58 -13.16
C ILE F 287 43.19 -20.22 -13.65
N ALA F 288 43.16 -20.63 -14.92
CA ALA F 288 41.96 -21.21 -15.57
C ALA F 288 42.24 -22.62 -16.07
N GLY F 289 41.19 -23.37 -16.40
CA GLY F 289 41.28 -24.77 -16.89
C GLY F 289 41.93 -24.90 -18.25
N GLY F 290 42.46 -26.10 -18.54
CA GLY F 290 43.17 -26.37 -19.80
C GLY F 290 44.53 -26.98 -19.51
N HIS F 291 44.57 -27.92 -18.55
CA HIS F 291 45.81 -28.62 -18.13
C HIS F 291 46.39 -29.42 -19.31
N SER F 292 45.52 -30.07 -20.10
CA SER F 292 45.95 -30.85 -21.28
C SER F 292 46.62 -29.92 -22.29
N LYS F 293 46.05 -28.72 -22.47
CA LYS F 293 46.58 -27.70 -23.41
C LYS F 293 47.63 -26.83 -22.70
N ASP F 294 47.87 -27.06 -21.40
CA ASP F 294 48.86 -26.28 -20.63
C ASP F 294 48.55 -24.79 -20.77
N TYR F 295 47.28 -24.41 -20.55
CA TYR F 295 46.84 -23.00 -20.71
C TYR F 295 46.69 -22.28 -19.36
N GLY F 296 47.34 -21.11 -19.28
CA GLY F 296 47.32 -20.15 -18.15
C GLY F 296 48.68 -19.82 -17.57
N ARG F 297 49.77 -20.30 -18.17
CA ARG F 297 51.11 -20.00 -17.67
C ARG F 297 51.28 -18.48 -17.62
N PHE F 298 51.57 -17.96 -16.44
CA PHE F 298 51.66 -16.52 -16.23
C PHE F 298 52.90 -16.18 -15.42
N VAL F 299 53.32 -14.93 -15.52
CA VAL F 299 54.47 -14.39 -14.79
C VAL F 299 53.99 -13.17 -14.03
N ILE F 300 54.32 -13.09 -12.73
CA ILE F 300 53.90 -11.97 -11.91
C ILE F 300 54.87 -10.81 -12.15
N ASP F 301 54.36 -9.70 -12.70
CA ASP F 301 55.22 -8.58 -13.04
C ASP F 301 55.48 -7.69 -11.82
N GLY F 302 54.44 -7.27 -11.13
CA GLY F 302 54.62 -6.34 -10.03
C GLY F 302 53.65 -6.60 -8.91
N VAL F 303 54.05 -6.21 -7.69
CA VAL F 303 53.21 -6.31 -6.51
C VAL F 303 53.30 -4.99 -5.76
N SER F 304 52.15 -4.36 -5.54
CA SER F 304 52.06 -3.11 -4.80
C SER F 304 51.27 -3.37 -3.52
N LEU F 305 51.88 -3.05 -2.38
CA LEU F 305 51.27 -3.29 -1.08
C LEU F 305 50.84 -1.97 -0.48
N ASN F 306 49.53 -1.80 -0.28
CA ASN F 306 48.95 -0.57 0.25
C ASN F 306 49.37 0.64 -0.59
N GLY F 307 49.48 0.42 -1.90
CA GLY F 307 49.80 1.49 -2.83
C GLY F 307 51.28 1.73 -3.05
N GLU F 308 52.17 0.96 -2.41
CA GLU F 308 53.60 1.12 -2.56
C GLU F 308 54.19 -0.19 -3.06
N GLN F 309 55.16 -0.10 -3.97
CA GLN F 309 55.66 -1.27 -4.68
C GLN F 309 56.70 -2.02 -3.83
N VAL F 310 56.66 -3.34 -3.88
CA VAL F 310 57.58 -4.19 -3.13
C VAL F 310 58.22 -5.28 -3.97
N TRP F 311 57.70 -5.56 -5.17
CA TRP F 311 58.17 -6.71 -5.93
C TRP F 311 59.53 -6.44 -6.56
N SER F 312 60.34 -7.49 -6.65
CA SER F 312 61.62 -7.45 -7.33
C SER F 312 61.83 -8.77 -8.06
N GLN F 313 62.96 -8.87 -8.77
CA GLN F 313 63.22 -10.06 -9.58
C GLN F 313 63.28 -11.31 -8.72
N SER F 314 64.01 -11.24 -7.60
CA SER F 314 64.06 -12.38 -6.68
C SER F 314 62.69 -12.63 -6.06
N GLY F 315 61.99 -11.56 -5.71
CA GLY F 315 60.69 -11.69 -5.06
C GLY F 315 60.31 -10.40 -4.38
N ILE F 316 59.44 -10.54 -3.37
CA ILE F 316 59.01 -9.39 -2.60
C ILE F 316 60.20 -8.79 -1.84
N THR F 317 60.26 -7.46 -1.81
CA THR F 317 61.32 -6.74 -1.11
C THR F 317 60.70 -5.96 0.05
N GLY F 318 60.55 -6.64 1.18
CA GLY F 318 60.02 -6.05 2.38
C GLY F 318 59.08 -7.00 3.06
N GLY F 319 58.58 -6.58 4.22
CA GLY F 319 57.64 -7.38 4.97
C GLY F 319 58.23 -8.52 5.76
N GLU F 320 59.53 -8.49 6.07
CA GLU F 320 60.13 -9.56 6.87
C GLU F 320 59.44 -9.70 8.22
N GLN F 321 58.88 -8.62 8.74
CA GLN F 321 58.10 -8.71 9.98
C GLN F 321 56.91 -9.63 9.79
N TYR F 322 56.19 -9.48 8.67
CA TYR F 322 55.07 -10.38 8.37
C TYR F 322 55.56 -11.81 8.22
N PHE F 323 56.70 -11.99 7.55
CA PHE F 323 57.22 -13.33 7.29
C PHE F 323 57.57 -14.03 8.59
N ASP F 324 58.27 -13.34 9.49
CA ASP F 324 58.62 -13.97 10.76
C ASP F 324 57.39 -14.18 11.64
N ALA F 325 56.41 -13.27 11.58
CA ALA F 325 55.20 -13.43 12.36
C ALA F 325 54.43 -14.68 11.91
N VAL F 326 54.29 -14.88 10.61
CA VAL F 326 53.61 -16.08 10.15
C VAL F 326 54.47 -17.31 10.43
N ALA F 327 55.79 -17.16 10.42
CA ALA F 327 56.66 -18.28 10.75
C ALA F 327 56.43 -18.75 12.18
N GLU F 328 56.32 -17.82 13.13
CA GLU F 328 56.06 -18.24 14.51
C GLU F 328 54.61 -18.68 14.69
N ALA F 329 53.70 -18.15 13.87
CA ALA F 329 52.32 -18.60 13.92
C ALA F 329 52.19 -20.05 13.47
N ILE F 330 52.99 -20.46 12.48
CA ILE F 330 53.00 -21.84 12.04
C ILE F 330 53.44 -22.76 13.18
N ASP F 331 54.49 -22.35 13.90
CA ASP F 331 54.91 -23.10 15.07
C ASP F 331 53.81 -23.07 16.13
N GLY F 332 53.54 -24.23 16.73
CA GLY F 332 52.45 -24.35 17.67
C GLY F 332 51.11 -24.61 17.05
N LEU F 333 51.02 -24.74 15.73
CA LEU F 333 49.75 -25.04 15.08
C LEU F 333 49.27 -26.42 15.50
N SER F 334 47.99 -26.50 15.89
CA SER F 334 47.40 -27.73 16.38
C SER F 334 46.25 -28.13 15.46
N SER F 335 46.12 -29.44 15.23
CA SER F 335 45.04 -29.95 14.40
C SER F 335 43.70 -29.82 15.12
N LYS F 336 43.73 -29.51 16.41
CA LYS F 336 42.52 -29.38 17.19
C LYS F 336 41.65 -28.21 16.72
N GLU F 337 42.27 -27.14 16.24
CA GLU F 337 41.53 -25.99 15.73
C GLU F 337 40.55 -26.40 14.66
N PHE F 338 41.05 -27.03 13.60
CA PHE F 338 40.18 -27.46 12.51
C PHE F 338 39.22 -28.55 12.95
N GLU F 339 39.61 -29.37 13.91
CA GLU F 339 38.75 -30.43 14.41
C GLU F 339 37.50 -29.86 15.07
N GLN F 340 37.70 -28.93 16.01
CA GLN F 340 36.56 -28.36 16.73
C GLN F 340 35.79 -27.37 15.87
N PHE F 341 36.49 -26.68 14.96
CA PHE F 341 35.85 -25.63 14.17
C PHE F 341 34.77 -26.20 13.24
N ALA F 342 35.03 -27.36 12.65
CA ALA F 342 34.12 -27.98 11.70
C ALA F 342 33.16 -28.97 12.34
N GLN F 343 33.18 -29.09 13.67
CA GLN F 343 32.32 -30.03 14.38
C GLN F 343 31.05 -29.33 14.82
N SER F 344 29.91 -29.99 14.67
CA SER F 344 28.62 -29.44 15.07
C SER F 344 27.89 -30.36 16.02
N MET G 1 59.95 -32.01 -16.63
CA MET G 1 59.63 -30.81 -15.88
C MET G 1 60.27 -29.59 -16.54
N GLN G 2 59.45 -28.82 -17.25
CA GLN G 2 59.91 -27.64 -17.97
C GLN G 2 61.04 -27.97 -18.93
N ILE G 3 60.75 -28.76 -19.96
CA ILE G 3 61.69 -29.05 -21.03
C ILE G 3 61.42 -28.10 -22.18
N GLU G 4 62.47 -27.47 -22.68
CA GLU G 4 62.36 -26.52 -23.79
C GLU G 4 63.33 -26.95 -24.88
N VAL G 5 62.79 -27.31 -26.04
CA VAL G 5 63.58 -27.85 -27.14
C VAL G 5 63.39 -26.96 -28.36
N THR G 6 64.49 -26.51 -28.94
CA THR G 6 64.46 -25.77 -30.19
C THR G 6 64.64 -26.71 -31.37
N VAL G 7 64.04 -26.34 -32.50
CA VAL G 7 64.06 -27.18 -33.69
C VAL G 7 64.32 -26.31 -34.92
N ARG G 8 64.72 -26.96 -36.00
CA ARG G 8 64.92 -26.31 -37.29
C ARG G 8 64.22 -27.11 -38.36
N ASN G 9 63.58 -26.41 -39.29
CA ASN G 9 62.95 -27.07 -40.43
C ASN G 9 63.85 -26.99 -41.65
N ILE G 10 63.81 -28.04 -42.47
CA ILE G 10 64.56 -28.08 -43.71
C ILE G 10 63.66 -28.02 -44.93
N THR G 11 62.36 -28.15 -44.77
CA THR G 11 61.35 -28.06 -45.82
C THR G 11 60.23 -27.16 -45.32
N PRO G 12 59.42 -26.62 -46.24
CA PRO G 12 58.31 -25.75 -45.80
C PRO G 12 57.36 -26.48 -44.87
N ILE G 13 56.76 -25.70 -43.97
CA ILE G 13 55.81 -26.22 -42.99
C ILE G 13 54.42 -25.69 -43.36
N PHE G 14 53.45 -26.59 -43.45
CA PHE G 14 52.10 -26.25 -43.85
C PHE G 14 51.11 -26.76 -42.81
N SER G 15 50.20 -25.89 -42.38
CA SER G 15 49.16 -26.28 -41.43
C SER G 15 47.88 -25.55 -41.86
N ALA G 16 47.07 -26.20 -42.67
CA ALA G 16 45.90 -25.56 -43.23
C ALA G 16 44.95 -25.13 -42.13
N ALA G 17 44.39 -23.92 -42.28
CA ALA G 17 43.46 -23.37 -41.32
C ALA G 17 42.06 -23.36 -41.90
N PRO G 18 41.05 -23.81 -41.16
CA PRO G 18 39.68 -23.77 -41.67
C PRO G 18 39.24 -22.34 -41.95
N GLY G 19 38.49 -22.17 -43.05
CA GLY G 19 38.03 -20.86 -43.45
C GLY G 19 38.11 -20.65 -44.95
N SER G 20 37.74 -19.46 -45.42
CA SER G 20 37.77 -19.12 -46.83
C SER G 20 38.55 -17.84 -47.01
N ASN G 21 39.60 -17.88 -47.83
CA ASN G 21 40.42 -16.71 -48.13
C ASN G 21 40.73 -16.70 -49.62
N TYR G 22 40.96 -15.50 -50.15
CA TYR G 22 41.11 -15.30 -51.58
C TYR G 22 42.38 -14.50 -51.88
N ILE G 23 42.94 -14.76 -53.05
CA ILE G 23 44.14 -14.07 -53.53
C ILE G 23 43.90 -13.66 -54.98
N THR G 24 44.63 -12.63 -55.42
CA THR G 24 44.54 -12.15 -56.80
C THR G 24 45.94 -12.15 -57.40
N ILE G 25 46.26 -13.21 -58.15
CA ILE G 25 47.51 -13.37 -58.89
C ILE G 25 48.71 -12.98 -58.03
N ASP G 26 48.63 -13.31 -56.74
CA ASP G 26 49.67 -13.10 -55.72
C ASP G 26 49.81 -11.63 -55.33
N GLY G 27 49.12 -10.73 -56.03
CA GLY G 27 49.23 -9.31 -55.76
C GLY G 27 48.67 -8.88 -54.42
N THR G 28 47.49 -9.37 -54.06
CA THR G 28 46.80 -8.95 -52.84
C THR G 28 45.99 -10.10 -52.27
N ILE G 29 45.60 -9.94 -51.01
CA ILE G 29 44.80 -10.93 -50.30
C ILE G 29 43.49 -10.29 -49.87
N ASN G 30 42.38 -10.94 -50.21
CA ASN G 30 41.04 -10.47 -49.89
C ASN G 30 40.81 -9.00 -50.30
N PRO G 31 40.80 -8.70 -51.59
CA PRO G 31 40.55 -7.34 -52.03
C PRO G 31 39.09 -6.96 -51.84
N PRO G 32 38.80 -5.70 -51.55
CA PRO G 32 37.40 -5.26 -51.50
C PRO G 32 36.66 -5.47 -52.82
N PRO G 33 37.28 -5.26 -53.99
CA PRO G 33 36.56 -5.56 -55.23
C PRO G 33 36.65 -7.04 -55.59
N GLY G 34 35.56 -7.56 -56.15
CA GLY G 34 35.53 -8.94 -56.59
C GLY G 34 36.09 -9.11 -57.99
N VAL G 35 37.37 -8.78 -58.17
CA VAL G 35 38.02 -8.84 -59.47
C VAL G 35 39.22 -9.77 -59.36
N SER G 36 39.33 -10.70 -60.31
CA SER G 36 40.45 -11.64 -60.38
C SER G 36 40.62 -12.41 -59.07
N ARG G 37 39.49 -12.82 -58.49
CA ARG G 37 39.53 -13.59 -57.25
C ARG G 37 39.98 -15.02 -57.53
N PHE G 38 40.86 -15.53 -56.67
CA PHE G 38 41.30 -16.92 -56.69
C PHE G 38 41.29 -17.45 -55.27
N PRO G 39 41.05 -18.76 -55.09
CA PRO G 39 41.07 -19.32 -53.74
C PRO G 39 42.48 -19.46 -53.20
N LEU G 40 42.62 -19.25 -51.90
CA LEU G 40 43.90 -19.35 -51.22
C LEU G 40 43.73 -20.09 -49.90
N VAL G 41 44.75 -20.84 -49.52
CA VAL G 41 44.77 -21.61 -48.28
C VAL G 41 45.89 -21.05 -47.41
N ARG G 42 45.58 -20.81 -46.14
CA ARG G 42 46.51 -20.16 -45.22
C ARG G 42 47.02 -21.16 -44.19
N THR G 43 48.23 -20.91 -43.69
CA THR G 43 48.78 -21.67 -42.59
C THR G 43 48.18 -21.18 -41.27
N ARG G 44 48.23 -22.04 -40.25
CA ARG G 44 47.69 -21.70 -38.95
C ARG G 44 48.35 -20.45 -38.39
N MET G 45 47.57 -19.67 -37.63
CA MET G 45 47.98 -18.34 -37.23
C MET G 45 47.60 -18.07 -35.78
N MET G 46 48.33 -17.14 -35.15
CA MET G 46 48.18 -16.85 -33.74
C MET G 46 48.47 -15.38 -33.51
N TYR G 47 47.49 -14.65 -32.96
CA TYR G 47 47.69 -13.25 -32.63
C TYR G 47 48.42 -13.13 -31.30
N VAL G 48 49.36 -12.21 -31.23
CA VAL G 48 50.17 -12.00 -30.03
C VAL G 48 50.33 -10.50 -29.82
N ALA G 49 50.23 -10.08 -28.56
CA ALA G 49 50.48 -8.69 -28.23
C ALA G 49 51.98 -8.42 -28.32
N ALA G 50 52.36 -7.38 -29.07
CA ALA G 50 53.76 -7.06 -29.31
C ALA G 50 53.94 -5.55 -29.26
N ASP G 51 55.21 -5.14 -29.17
CA ASP G 51 55.56 -3.72 -29.07
C ASP G 51 55.90 -3.24 -30.48
N VAL G 52 55.01 -2.44 -31.06
CA VAL G 52 55.25 -1.78 -32.34
C VAL G 52 55.00 -0.30 -32.16
N GLY G 53 55.72 0.51 -32.94
CA GLY G 53 55.61 1.95 -32.79
C GLY G 53 56.41 2.52 -31.64
N ASP G 54 57.21 1.71 -30.95
CA ASP G 54 58.11 2.16 -29.88
C ASP G 54 57.33 2.87 -28.77
N GLY G 55 56.46 2.11 -28.12
CA GLY G 55 55.76 2.61 -26.96
C GLY G 55 54.32 2.15 -26.81
N VAL G 56 53.73 1.63 -27.88
CA VAL G 56 52.34 1.17 -27.84
C VAL G 56 52.31 -0.31 -28.15
N ILE G 57 51.28 -0.99 -27.63
CA ILE G 57 51.11 -2.42 -27.76
C ILE G 57 49.99 -2.69 -28.75
N LYS G 58 50.24 -3.59 -29.70
CA LYS G 58 49.27 -3.94 -30.72
C LYS G 58 49.25 -5.46 -30.90
N SER G 59 48.24 -5.93 -31.62
CA SER G 59 48.12 -7.34 -31.96
C SER G 59 48.68 -7.58 -33.35
N VAL G 60 49.59 -8.53 -33.48
CA VAL G 60 50.25 -8.82 -34.74
C VAL G 60 50.19 -10.32 -35.03
N PRO G 61 50.14 -10.72 -36.29
CA PRO G 61 50.07 -12.16 -36.60
C PRO G 61 51.39 -12.86 -36.32
N LEU G 62 51.29 -14.17 -36.09
CA LEU G 62 52.46 -15.02 -35.89
C LEU G 62 52.11 -16.44 -36.33
N GLN G 63 52.93 -17.00 -37.23
CA GLN G 63 52.67 -18.32 -37.78
C GLN G 63 53.15 -19.38 -36.80
N ILE G 64 52.26 -20.31 -36.43
CA ILE G 64 52.56 -21.35 -35.46
C ILE G 64 52.05 -22.69 -35.98
N VAL G 65 52.45 -23.74 -35.30
CA VAL G 65 51.89 -25.08 -35.50
C VAL G 65 51.14 -25.46 -34.22
N PRO G 66 49.86 -25.83 -34.30
CA PRO G 66 49.05 -25.96 -33.10
C PRO G 66 49.58 -27.03 -32.14
N GLY G 67 49.37 -26.80 -30.84
CA GLY G 67 49.86 -27.72 -29.84
C GLY G 67 49.15 -29.05 -29.82
N ASN G 68 47.92 -29.11 -30.34
CA ASN G 68 47.21 -30.38 -30.42
C ASN G 68 47.94 -31.35 -31.35
N THR G 69 48.38 -30.86 -32.51
CA THR G 69 49.09 -31.72 -33.45
C THR G 69 50.43 -32.17 -32.88
N MET G 70 51.14 -31.28 -32.18
CA MET G 70 52.39 -31.68 -31.55
C MET G 70 52.17 -32.73 -30.46
N ARG G 71 51.14 -32.56 -29.65
CA ARG G 71 50.84 -33.55 -28.62
C ARG G 71 50.51 -34.91 -29.25
N SER G 72 49.72 -34.89 -30.33
CA SER G 72 49.42 -36.14 -31.02
C SER G 72 50.67 -36.76 -31.62
N LEU G 73 51.57 -35.95 -32.19
CA LEU G 73 52.79 -36.48 -32.77
C LEU G 73 53.66 -37.13 -31.70
N LEU G 74 53.78 -36.47 -30.53
CA LEU G 74 54.50 -37.07 -29.41
C LEU G 74 53.89 -38.41 -29.01
N ARG G 75 52.56 -38.44 -28.86
CA ARG G 75 51.89 -39.67 -28.47
C ARG G 75 52.16 -40.78 -29.47
N ARG G 76 52.06 -40.48 -30.76
CA ARG G 76 52.20 -41.53 -31.78
C ARG G 76 53.63 -42.03 -31.89
N THR G 77 54.62 -41.12 -31.86
CA THR G 77 56.00 -41.58 -31.97
C THR G 77 56.40 -42.38 -30.73
N MET G 78 55.94 -41.98 -29.55
CA MET G 78 56.23 -42.75 -28.34
C MET G 78 55.52 -44.08 -28.34
N LEU G 79 54.32 -44.14 -28.91
CA LEU G 79 53.55 -45.38 -28.92
C LEU G 79 54.08 -46.36 -29.95
N LYS G 80 54.63 -45.85 -31.05
CA LYS G 80 55.11 -46.73 -32.12
C LYS G 80 56.56 -47.16 -31.89
N HIS G 81 57.42 -46.24 -31.45
CA HIS G 81 58.84 -46.53 -31.41
C HIS G 81 59.26 -47.23 -30.12
N VAL G 82 58.48 -47.06 -29.05
CA VAL G 82 58.87 -47.53 -27.72
C VAL G 82 57.88 -48.54 -27.17
N ILE G 83 56.62 -48.13 -26.97
CA ILE G 83 55.66 -48.98 -26.28
C ILE G 83 55.26 -50.17 -27.15
N GLU G 84 55.04 -49.94 -28.44
CA GLU G 84 54.54 -51.00 -29.31
C GLU G 84 55.50 -52.18 -29.42
N PRO G 85 56.79 -51.99 -29.73
CA PRO G 85 57.68 -53.17 -29.81
C PRO G 85 57.85 -53.90 -28.49
N ALA G 86 57.89 -53.17 -27.37
CA ALA G 86 58.00 -53.81 -26.08
C ALA G 86 56.75 -54.62 -25.74
N LEU G 87 55.57 -54.09 -26.10
CA LEU G 87 54.33 -54.79 -25.83
C LEU G 87 54.19 -56.03 -26.70
N VAL G 88 54.44 -55.90 -28.01
CA VAL G 88 54.22 -57.02 -28.91
C VAL G 88 55.20 -58.15 -28.63
N GLU G 89 56.41 -57.79 -28.20
CA GLU G 89 57.36 -58.80 -27.74
C GLU G 89 56.82 -59.48 -26.48
N LYS G 90 57.23 -60.73 -26.28
CA LYS G 90 56.77 -61.57 -25.16
C LYS G 90 55.26 -61.69 -25.11
N GLY G 91 54.61 -61.59 -26.28
CA GLY G 91 53.17 -61.75 -26.34
C GLY G 91 52.46 -60.44 -26.08
N ASN G 92 51.53 -60.45 -25.12
CA ASN G 92 50.86 -59.24 -24.64
C ASN G 92 50.16 -58.49 -25.78
N LYS G 93 49.13 -59.11 -26.34
CA LYS G 93 48.31 -58.44 -27.32
C LYS G 93 47.35 -57.46 -26.65
N LEU G 94 46.92 -56.45 -27.40
CA LEU G 94 45.95 -55.48 -26.94
C LEU G 94 44.61 -55.75 -27.61
N SER G 95 43.52 -55.46 -26.92
CA SER G 95 42.22 -55.53 -27.55
C SER G 95 42.00 -54.31 -28.45
N ILE G 96 40.96 -54.38 -29.27
CA ILE G 96 40.68 -53.29 -30.20
C ILE G 96 40.28 -52.03 -29.45
N GLY G 97 39.48 -52.17 -28.39
CA GLY G 97 39.10 -51.02 -27.59
C GLY G 97 40.29 -50.40 -26.87
N ALA G 98 41.19 -51.24 -26.36
CA ALA G 98 42.40 -50.71 -25.72
C ALA G 98 43.28 -49.99 -26.73
N TYR G 99 43.37 -50.51 -27.96
CA TYR G 99 44.13 -49.84 -29.00
C TYR G 99 43.55 -48.45 -29.29
N ALA G 100 42.23 -48.38 -29.48
CA ALA G 100 41.59 -47.09 -29.74
C ALA G 100 41.76 -46.14 -28.57
N THR G 101 41.66 -46.65 -27.34
CA THR G 101 41.86 -45.84 -26.16
C THR G 101 43.28 -45.30 -26.08
N ALA G 102 44.26 -46.11 -26.46
CA ALA G 102 45.66 -45.70 -26.37
C ALA G 102 46.00 -44.68 -27.45
N TYR G 103 45.31 -44.74 -28.59
CA TYR G 103 45.69 -43.85 -29.69
C TYR G 103 44.94 -42.52 -29.65
N SER G 104 43.67 -42.52 -29.22
CA SER G 104 42.84 -41.34 -29.36
C SER G 104 42.14 -40.94 -28.06
N GLY G 105 42.61 -41.42 -26.91
CA GLY G 105 41.96 -41.06 -25.67
C GLY G 105 40.78 -41.94 -25.33
N ASN G 106 39.58 -41.52 -25.68
CA ASN G 106 38.40 -42.34 -25.45
C ASN G 106 38.27 -43.40 -26.55
N ALA G 107 37.49 -44.44 -26.25
CA ALA G 107 37.24 -45.49 -27.25
C ALA G 107 35.90 -45.29 -27.93
N THR G 108 35.01 -44.50 -27.33
CA THR G 108 33.70 -44.22 -27.89
C THR G 108 33.40 -42.73 -27.79
N GLY G 109 32.25 -42.33 -28.32
CA GLY G 109 31.89 -40.93 -28.32
C GLY G 109 31.17 -40.49 -27.06
N ASN G 110 30.57 -41.44 -26.34
CA ASN G 110 29.78 -41.07 -25.17
C ASN G 110 30.49 -41.49 -23.88
N PRO G 111 30.84 -40.54 -23.01
CA PRO G 111 31.44 -40.92 -21.72
C PRO G 111 30.39 -41.21 -20.67
N ASP G 112 30.61 -42.25 -19.86
CA ASP G 112 29.71 -42.51 -18.74
C ASP G 112 29.91 -41.47 -17.66
N GLY G 113 28.80 -41.03 -17.07
CA GLY G 113 28.85 -39.99 -16.07
C GLY G 113 29.24 -40.43 -14.68
N VAL G 114 29.52 -41.71 -14.50
CA VAL G 114 29.89 -42.25 -13.19
C VAL G 114 31.31 -41.81 -12.85
N PRO G 115 31.66 -41.73 -11.58
CA PRO G 115 33.04 -41.46 -11.18
C PRO G 115 33.85 -42.76 -11.15
N SER G 116 35.11 -42.63 -10.71
CA SER G 116 36.01 -43.77 -10.59
C SER G 116 36.54 -43.85 -9.18
N SER G 117 36.92 -45.06 -8.78
CA SER G 117 37.43 -45.28 -7.43
C SER G 117 38.76 -44.57 -7.24
N PHE G 118 39.11 -44.35 -5.98
CA PHE G 118 40.36 -43.65 -5.66
C PHE G 118 41.57 -44.50 -6.02
N ASP G 119 41.49 -45.82 -5.81
CA ASP G 119 42.62 -46.69 -6.12
C ASP G 119 42.92 -46.70 -7.61
N GLU G 120 41.88 -46.70 -8.44
CA GLU G 120 42.10 -46.69 -9.89
C GLU G 120 42.80 -45.40 -10.32
N ILE G 121 42.36 -44.26 -9.78
CA ILE G 121 43.01 -42.99 -10.12
C ILE G 121 44.47 -43.01 -9.67
N ALA G 122 44.72 -43.49 -8.45
CA ALA G 122 46.07 -43.51 -7.92
C ALA G 122 46.99 -44.39 -8.77
N THR G 123 46.49 -45.56 -9.18
CA THR G 123 47.34 -46.47 -9.95
C THR G 123 47.52 -46.01 -11.38
N MET G 124 46.50 -45.39 -11.97
CA MET G 124 46.61 -44.94 -13.36
C MET G 124 47.51 -43.71 -13.48
N ARG G 125 47.46 -42.80 -12.50
CA ARG G 125 48.31 -41.62 -12.57
C ARG G 125 49.78 -41.97 -12.37
N ALA G 126 50.09 -43.19 -11.93
CA ALA G 126 51.46 -43.64 -11.75
C ALA G 126 51.97 -44.44 -12.94
N HIS G 127 51.12 -44.77 -13.90
CA HIS G 127 51.57 -45.54 -15.05
C HIS G 127 52.46 -44.69 -15.95
N PRO G 128 53.51 -45.26 -16.53
CA PRO G 128 54.43 -44.46 -17.36
C PRO G 128 53.75 -43.79 -18.55
N PHE G 129 52.75 -44.43 -19.16
CA PHE G 129 52.07 -43.88 -20.33
C PHE G 129 50.68 -43.34 -20.00
N ILE G 130 49.86 -44.13 -19.31
CA ILE G 130 48.50 -43.69 -19.00
C ILE G 130 48.52 -42.45 -18.11
N GLY G 131 49.46 -42.38 -17.17
CA GLY G 131 49.58 -41.18 -16.35
C GLY G 131 50.00 -39.95 -17.12
N LEU G 132 50.65 -40.13 -18.26
CA LEU G 132 51.09 -39.00 -19.08
C LEU G 132 49.91 -38.41 -19.86
N PHE G 133 49.27 -39.22 -20.70
CA PHE G 133 48.08 -38.82 -21.44
C PHE G 133 46.87 -39.42 -20.74
N GLY G 134 45.99 -38.56 -20.23
CA GLY G 134 44.82 -39.04 -19.51
C GLY G 134 43.73 -39.55 -20.42
N GLY G 135 42.48 -39.29 -20.07
CA GLY G 135 41.37 -39.68 -20.92
C GLY G 135 40.59 -40.86 -20.37
N GLY G 136 40.16 -41.75 -21.26
CA GLY G 136 39.41 -42.92 -20.86
C GLY G 136 37.93 -42.63 -20.72
N PRO G 137 37.15 -43.65 -20.39
CA PRO G 137 35.70 -43.44 -20.22
C PRO G 137 35.35 -42.43 -19.15
N ARG G 138 36.14 -42.36 -18.07
CA ARG G 138 35.85 -41.49 -16.94
C ARG G 138 36.66 -40.20 -16.96
N MET G 139 37.39 -39.94 -18.06
CA MET G 139 38.08 -38.67 -18.27
C MET G 139 39.11 -38.39 -17.18
N LEU G 140 40.11 -39.25 -17.09
CA LEU G 140 41.20 -39.04 -16.16
C LEU G 140 42.11 -37.92 -16.64
N GLU G 141 42.66 -37.16 -15.70
CA GLU G 141 43.50 -36.02 -16.01
C GLU G 141 44.97 -36.44 -16.02
N GLY G 142 45.64 -36.24 -17.16
CA GLY G 142 47.05 -36.55 -17.27
C GLY G 142 47.93 -35.46 -16.70
N ARG G 143 49.23 -35.74 -16.65
CA ARG G 143 50.19 -34.79 -16.11
C ARG G 143 51.18 -34.30 -17.16
N LEU G 144 50.76 -34.23 -18.42
CA LEU G 144 51.60 -33.72 -19.50
C LEU G 144 50.94 -32.51 -20.14
N MET G 145 51.72 -31.44 -20.26
CA MET G 145 51.24 -30.18 -20.90
C MET G 145 52.11 -29.94 -22.15
N VAL G 146 51.47 -29.79 -23.31
CA VAL G 146 52.19 -29.57 -24.56
C VAL G 146 51.75 -28.21 -25.11
N ASP G 147 52.72 -27.32 -25.29
CA ASP G 147 52.48 -26.01 -25.87
C ASP G 147 52.55 -26.13 -27.40
N SER G 148 52.43 -25.01 -28.10
CA SER G 148 52.53 -24.98 -29.55
C SER G 148 53.95 -24.63 -29.97
N LEU G 149 54.21 -24.75 -31.28
CA LEU G 149 55.53 -24.50 -31.83
C LEU G 149 55.61 -23.05 -32.29
N TYR G 150 56.49 -22.27 -31.66
CA TYR G 150 56.66 -20.87 -31.98
C TYR G 150 57.98 -20.62 -32.69
N PRO G 151 57.99 -19.85 -33.77
CA PRO G 151 59.26 -19.41 -34.33
C PRO G 151 59.89 -18.33 -33.45
N ILE G 152 61.22 -18.31 -33.40
CA ILE G 152 61.91 -17.33 -32.58
C ILE G 152 61.96 -16.02 -33.36
N HIS G 153 60.93 -15.20 -33.19
CA HIS G 153 60.70 -14.03 -34.01
C HIS G 153 60.56 -12.80 -33.12
N THR G 154 60.82 -11.63 -33.70
CA THR G 154 60.77 -10.40 -32.92
C THR G 154 59.33 -10.06 -32.50
N ASN G 155 58.35 -10.72 -33.12
CA ASN G 155 56.96 -10.50 -32.74
C ASN G 155 56.63 -11.22 -31.42
N ALA G 156 57.33 -12.30 -31.12
CA ALA G 156 57.10 -13.07 -29.91
C ALA G 156 58.00 -12.66 -28.75
N GLU G 157 58.47 -11.40 -28.73
CA GLU G 157 59.32 -10.93 -27.65
C GLU G 157 58.59 -10.94 -26.32
N ARG G 158 57.32 -10.54 -26.31
CA ARG G 158 56.57 -10.55 -25.06
C ARG G 158 56.27 -11.97 -24.59
N ILE G 159 56.57 -12.98 -25.41
CA ILE G 159 56.38 -14.37 -24.99
C ILE G 159 57.69 -14.99 -24.54
N LEU G 160 58.78 -14.71 -25.28
CA LEU G 160 60.06 -15.37 -25.01
C LEU G 160 61.23 -14.39 -25.11
N GLY G 161 60.99 -13.13 -24.75
CA GLY G 161 62.02 -12.12 -24.95
C GLY G 161 63.25 -12.31 -24.08
N ALA G 162 63.05 -12.69 -22.81
CA ALA G 162 64.17 -12.76 -21.87
C ALA G 162 65.19 -13.81 -22.30
N GLY G 163 64.71 -14.96 -22.76
CA GLY G 163 65.64 -16.04 -23.11
C GLY G 163 66.51 -15.71 -24.31
N TYR G 164 65.91 -15.11 -25.35
CA TYR G 164 66.61 -14.87 -26.62
C TYR G 164 66.53 -13.38 -26.94
N GLU G 165 67.48 -12.61 -26.40
CA GLU G 165 67.59 -11.22 -26.79
C GLU G 165 68.15 -11.08 -28.20
N ASN G 166 69.10 -11.95 -28.56
CA ASN G 166 69.67 -12.00 -29.89
C ASN G 166 69.07 -13.18 -30.66
N GLU G 167 69.65 -13.44 -31.84
CA GLU G 167 69.29 -14.58 -32.70
C GLU G 167 67.79 -14.62 -33.00
N MET G 168 67.17 -13.45 -33.05
CA MET G 168 65.76 -13.31 -33.41
C MET G 168 65.68 -12.74 -34.82
N MET G 169 64.95 -13.41 -35.70
CA MET G 169 64.77 -12.90 -37.05
C MET G 169 63.66 -11.86 -37.09
N SER G 170 63.45 -11.30 -38.27
CA SER G 170 62.38 -10.31 -38.49
C SER G 170 61.93 -10.39 -39.93
N GLY G 171 60.75 -9.82 -40.19
CA GLY G 171 60.19 -9.80 -41.51
C GLY G 171 59.27 -10.96 -41.79
N PRO G 172 58.69 -10.99 -42.99
CA PRO G 172 57.78 -12.08 -43.35
C PRO G 172 58.50 -13.42 -43.40
N ILE G 173 57.77 -14.48 -43.04
CA ILE G 173 58.32 -15.84 -43.04
C ILE G 173 57.38 -16.75 -43.82
N THR G 174 56.65 -16.19 -44.78
CA THR G 174 55.64 -16.92 -45.52
C THR G 174 55.81 -16.70 -47.03
N GLN G 175 55.62 -17.77 -47.79
CA GLN G 175 55.69 -17.71 -49.24
C GLN G 175 54.48 -18.40 -49.83
N VAL G 176 53.90 -17.80 -50.88
CA VAL G 176 52.73 -18.34 -51.55
C VAL G 176 53.17 -19.14 -52.76
N VAL G 177 52.66 -20.36 -52.89
CA VAL G 177 52.96 -21.24 -54.01
C VAL G 177 51.68 -21.49 -54.78
N TRP G 178 51.80 -21.62 -56.11
CA TRP G 178 50.62 -21.83 -56.95
C TRP G 178 50.16 -23.28 -56.91
N ALA G 179 51.08 -24.22 -56.79
CA ALA G 179 50.75 -25.64 -56.80
C ALA G 179 50.91 -26.25 -55.41
N PHE G 246 45.82 -25.18 -59.82
CA PHE G 246 45.78 -23.77 -59.44
C PHE G 246 45.37 -23.63 -57.98
N ASN G 247 45.58 -24.67 -57.19
CA ASN G 247 45.30 -24.59 -55.76
C ASN G 247 46.47 -23.95 -55.03
N ALA G 248 46.27 -22.70 -54.61
CA ALA G 248 47.34 -21.87 -54.05
C ALA G 248 47.26 -21.89 -52.53
N HIS G 249 48.39 -22.13 -51.89
CA HIS G 249 48.50 -22.13 -50.44
C HIS G 249 49.79 -21.45 -50.02
N GLU G 250 49.81 -20.98 -48.77
CA GLU G 250 50.98 -20.29 -48.22
C GLU G 250 51.63 -21.17 -47.16
N VAL G 251 52.96 -21.17 -47.14
CA VAL G 251 53.74 -22.02 -46.25
C VAL G 251 54.82 -21.19 -45.57
N VAL G 252 55.38 -21.74 -44.49
CA VAL G 252 56.50 -21.11 -43.82
C VAL G 252 57.80 -21.55 -44.46
N ILE G 253 58.67 -20.60 -44.77
CA ILE G 253 59.90 -20.84 -45.52
C ILE G 253 60.83 -21.74 -44.70
N PRO G 254 61.64 -22.57 -45.34
CA PRO G 254 62.53 -23.46 -44.59
C PRO G 254 63.71 -22.70 -44.00
N GLY G 255 64.54 -23.44 -43.28
CA GLY G 255 65.70 -22.86 -42.62
C GLY G 255 65.35 -21.87 -41.53
N LEU G 256 64.42 -22.23 -40.65
CA LEU G 256 63.95 -21.34 -39.60
C LEU G 256 64.12 -22.02 -38.25
N LYS G 257 64.23 -21.23 -37.19
CA LYS G 257 64.40 -21.77 -35.86
C LYS G 257 63.11 -21.61 -35.04
N TRP G 258 62.64 -22.71 -34.48
CA TRP G 258 61.43 -22.72 -33.67
C TRP G 258 61.77 -23.16 -32.25
N VAL G 259 60.87 -22.87 -31.32
CA VAL G 259 61.05 -23.24 -29.92
C VAL G 259 59.78 -23.96 -29.44
N TRP G 260 59.98 -25.05 -28.72
CA TRP G 260 58.89 -25.90 -28.25
C TRP G 260 59.01 -26.13 -26.76
N ARG G 261 57.93 -25.88 -26.02
CA ARG G 261 57.92 -25.97 -24.57
C ARG G 261 56.98 -27.09 -24.13
N ILE G 262 57.47 -27.97 -23.27
CA ILE G 262 56.70 -29.07 -22.70
C ILE G 262 56.89 -29.06 -21.19
N SER G 263 55.82 -29.33 -20.46
CA SER G 263 55.86 -29.31 -19.01
C SER G 263 55.16 -30.55 -18.45
N LEU G 264 55.64 -30.99 -17.29
CA LEU G 264 55.03 -32.07 -16.53
C LEU G 264 54.88 -31.63 -15.09
N ASP G 265 53.84 -32.11 -14.42
CA ASP G 265 53.62 -31.81 -13.02
C ASP G 265 53.75 -33.08 -12.19
N ARG G 266 54.57 -33.01 -11.15
CA ARG G 266 54.87 -34.10 -10.22
C ARG G 266 55.09 -35.44 -10.93
N PRO G 267 56.04 -35.53 -11.86
CA PRO G 267 56.22 -36.78 -12.60
C PRO G 267 57.19 -37.72 -11.92
N THR G 268 57.00 -39.01 -12.17
CA THR G 268 57.99 -40.00 -11.78
C THR G 268 59.15 -39.99 -12.75
N ASP G 269 60.24 -40.67 -12.37
CA ASP G 269 61.42 -40.69 -13.22
C ASP G 269 61.17 -41.48 -14.50
N ALA G 270 60.30 -42.50 -14.42
CA ALA G 270 59.99 -43.30 -15.59
C ALA G 270 59.32 -42.47 -16.67
N GLN G 271 58.41 -41.57 -16.28
CA GLN G 271 57.71 -40.76 -17.27
C GLN G 271 58.66 -39.79 -17.97
N VAL G 272 59.57 -39.17 -17.22
CA VAL G 272 60.56 -38.28 -17.83
C VAL G 272 61.47 -39.06 -18.75
N GLY G 273 61.87 -40.26 -18.34
CA GLY G 273 62.68 -41.10 -19.21
C GLY G 273 61.96 -41.46 -20.49
N LEU G 274 60.66 -41.75 -20.41
CA LEU G 274 59.88 -42.06 -21.59
C LEU G 274 59.79 -40.85 -22.52
N VAL G 275 59.63 -39.66 -21.94
CA VAL G 275 59.62 -38.44 -22.76
C VAL G 275 60.94 -38.28 -23.49
N LEU G 276 62.05 -38.48 -22.79
CA LEU G 276 63.37 -38.34 -23.42
C LEU G 276 63.57 -39.39 -24.51
N LEU G 277 63.12 -40.62 -24.26
CA LEU G 277 63.20 -41.66 -25.28
C LEU G 277 62.41 -41.29 -26.52
N ALA G 278 61.21 -40.75 -26.35
CA ALA G 278 60.41 -40.31 -27.49
C ALA G 278 61.11 -39.18 -28.23
N LEU G 279 61.72 -38.25 -27.50
CA LEU G 279 62.41 -37.13 -28.14
C LEU G 279 63.61 -37.61 -28.95
N ASN G 280 64.24 -38.71 -28.53
CA ASN G 280 65.37 -39.25 -29.29
C ASN G 280 64.95 -39.67 -30.69
N LYS G 281 63.83 -40.39 -30.82
CA LYS G 281 63.42 -40.97 -32.08
C LYS G 281 62.45 -40.11 -32.88
N MET G 282 62.16 -38.89 -32.43
CA MET G 282 61.18 -38.04 -33.08
C MET G 282 61.65 -37.46 -34.40
N THR G 283 62.96 -37.36 -34.61
CA THR G 283 63.48 -36.59 -35.75
C THR G 283 63.09 -37.22 -37.08
N ASN G 284 62.77 -38.51 -37.10
CA ASN G 284 62.40 -39.16 -38.36
C ASN G 284 60.93 -38.93 -38.71
N GLU G 285 60.17 -38.29 -37.81
CA GLU G 285 58.77 -38.03 -38.09
C GLU G 285 58.60 -36.74 -38.88
N ARG G 286 57.35 -36.32 -39.04
CA ARG G 286 57.01 -35.12 -39.79
C ARG G 286 56.01 -34.27 -39.00
N ILE G 287 56.09 -32.96 -39.19
CA ILE G 287 55.26 -31.99 -38.48
C ILE G 287 54.25 -31.42 -39.46
N ALA G 288 52.98 -31.73 -39.24
CA ALA G 288 51.83 -31.20 -40.01
C ALA G 288 52.11 -31.41 -41.50
N GLY G 289 51.81 -30.44 -42.36
CA GLY G 289 52.25 -30.48 -43.74
C GLY G 289 51.50 -31.48 -44.59
N GLY G 290 51.82 -31.44 -45.89
CA GLY G 290 51.35 -32.42 -46.84
C GLY G 290 52.44 -33.40 -47.18
N HIS G 291 52.28 -34.66 -46.76
CA HIS G 291 53.34 -35.64 -46.93
C HIS G 291 53.64 -35.93 -48.39
N SER G 292 52.67 -35.76 -49.29
CA SER G 292 52.92 -35.97 -50.71
C SER G 292 53.92 -34.96 -51.25
N LYS G 293 53.82 -33.71 -50.81
CA LYS G 293 54.73 -32.65 -51.20
C LYS G 293 55.92 -32.52 -50.26
N ASP G 294 56.25 -33.60 -49.54
CA ASP G 294 57.40 -33.75 -48.63
C ASP G 294 57.63 -32.52 -47.75
N TYR G 295 56.56 -31.83 -47.36
CA TYR G 295 56.65 -30.76 -46.38
C TYR G 295 56.81 -31.33 -44.98
N GLY G 296 57.45 -30.55 -44.10
CA GLY G 296 57.43 -30.84 -42.68
C GLY G 296 58.63 -31.55 -42.11
N ARG G 297 59.73 -31.65 -42.84
CA ARG G 297 60.93 -32.28 -42.30
C ARG G 297 61.64 -31.32 -41.34
N PHE G 298 62.27 -31.88 -40.30
CA PHE G 298 62.89 -31.06 -39.27
C PHE G 298 64.00 -31.84 -38.60
N VAL G 299 64.87 -31.10 -37.90
CA VAL G 299 65.94 -31.68 -37.09
C VAL G 299 65.87 -31.06 -35.70
N ILE G 300 66.39 -31.80 -34.72
CA ILE G 300 66.32 -31.43 -33.31
C ILE G 300 67.71 -31.04 -32.84
N ASP G 301 67.80 -29.93 -32.11
CA ASP G 301 69.03 -29.52 -31.48
C ASP G 301 68.69 -28.71 -30.23
N GLY G 302 69.67 -28.51 -29.37
CA GLY G 302 69.50 -27.61 -28.25
C GLY G 302 68.38 -27.98 -27.30
N VAL G 303 68.31 -29.24 -26.89
CA VAL G 303 67.33 -29.64 -25.87
C VAL G 303 67.87 -29.26 -24.49
N SER G 304 67.05 -28.54 -23.72
CA SER G 304 67.43 -28.11 -22.38
C SER G 304 66.42 -28.64 -21.38
N LEU G 305 66.91 -29.31 -20.34
CA LEU G 305 66.07 -29.92 -19.32
C LEU G 305 66.20 -29.12 -18.03
N ASN G 306 65.11 -28.49 -17.61
CA ASN G 306 65.08 -27.67 -16.41
C ASN G 306 66.15 -26.58 -16.45
N GLY G 307 66.34 -25.99 -17.63
CA GLY G 307 67.30 -24.92 -17.80
C GLY G 307 68.73 -25.36 -18.03
N GLU G 308 68.99 -26.66 -18.07
CA GLU G 308 70.34 -27.18 -18.24
C GLU G 308 70.43 -27.89 -19.59
N GLN G 309 71.53 -27.67 -20.31
CA GLN G 309 71.69 -28.23 -21.65
C GLN G 309 72.07 -29.70 -21.58
N VAL G 310 71.23 -30.55 -22.17
CA VAL G 310 71.44 -31.99 -22.13
C VAL G 310 71.40 -32.58 -23.54
N TRP G 311 71.82 -31.81 -24.54
CA TRP G 311 71.78 -32.26 -25.92
C TRP G 311 73.18 -32.34 -26.50
N SER G 312 73.45 -33.42 -27.23
CA SER G 312 74.69 -33.59 -27.99
C SER G 312 74.33 -33.95 -29.42
N GLN G 313 75.35 -34.01 -30.28
CA GLN G 313 75.12 -34.36 -31.67
C GLN G 313 74.62 -35.79 -31.82
N SER G 314 74.98 -36.67 -30.89
CA SER G 314 74.62 -38.08 -30.96
C SER G 314 73.38 -38.42 -30.14
N GLY G 315 72.71 -37.43 -29.56
CA GLY G 315 71.53 -37.69 -28.76
C GLY G 315 71.49 -36.88 -27.49
N ILE G 316 70.81 -37.38 -26.46
CA ILE G 316 70.69 -36.64 -25.22
C ILE G 316 72.00 -36.67 -24.44
N THR G 317 72.43 -37.85 -24.03
CA THR G 317 73.66 -38.02 -23.23
C THR G 317 73.62 -37.15 -21.98
N GLY G 318 72.65 -37.44 -21.13
CA GLY G 318 72.48 -36.71 -19.89
C GLY G 318 71.22 -37.14 -19.19
N GLY G 319 71.18 -36.89 -17.88
CA GLY G 319 70.07 -37.35 -17.07
C GLY G 319 69.94 -38.85 -17.08
N GLU G 320 70.92 -39.54 -16.50
CA GLU G 320 70.97 -40.99 -16.61
C GLU G 320 69.92 -41.67 -15.73
N GLN G 321 69.53 -41.03 -14.63
CA GLN G 321 68.54 -41.64 -13.74
C GLN G 321 67.22 -41.85 -14.46
N TYR G 322 66.80 -40.88 -15.27
CA TYR G 322 65.58 -41.04 -16.05
C TYR G 322 65.67 -42.21 -17.01
N PHE G 323 66.82 -42.37 -17.67
CA PHE G 323 66.99 -43.47 -18.61
C PHE G 323 66.95 -44.82 -17.90
N ASP G 324 67.61 -44.94 -16.75
CA ASP G 324 67.53 -46.19 -16.00
C ASP G 324 66.11 -46.47 -15.56
N ALA G 325 65.40 -45.46 -15.06
CA ALA G 325 64.04 -45.66 -14.59
C ALA G 325 63.11 -46.08 -15.72
N VAL G 326 63.24 -45.45 -16.89
CA VAL G 326 62.37 -45.83 -18.00
C VAL G 326 62.72 -47.22 -18.51
N ALA G 327 64.01 -47.59 -18.50
CA ALA G 327 64.39 -48.94 -18.88
C ALA G 327 63.73 -49.97 -17.98
N GLU G 328 63.80 -49.76 -16.66
CA GLU G 328 63.13 -50.66 -15.74
C GLU G 328 61.62 -50.66 -15.92
N ALA G 329 61.00 -49.50 -16.18
CA ALA G 329 59.55 -49.43 -16.30
C ALA G 329 59.05 -50.14 -17.55
N ILE G 330 59.66 -49.87 -18.71
CA ILE G 330 59.27 -50.54 -19.94
C ILE G 330 59.73 -51.99 -19.99
N ASP G 331 60.63 -52.39 -19.08
CA ASP G 331 60.95 -53.80 -18.97
C ASP G 331 59.76 -54.61 -18.44
N GLY G 332 58.99 -54.02 -17.53
CA GLY G 332 57.90 -54.74 -16.89
C GLY G 332 56.51 -54.27 -17.24
N LEU G 333 56.35 -53.64 -18.40
CA LEU G 333 55.01 -53.21 -18.83
C LEU G 333 54.16 -54.42 -19.20
N SER G 334 52.87 -54.34 -18.90
CA SER G 334 51.91 -55.39 -19.18
C SER G 334 50.63 -54.80 -19.75
N SER G 335 49.86 -55.63 -20.44
CA SER G 335 48.64 -55.17 -21.09
C SER G 335 47.43 -55.19 -20.16
N LYS G 336 47.59 -55.64 -18.91
CA LYS G 336 46.46 -55.65 -17.98
C LYS G 336 45.98 -54.24 -17.66
N GLU G 337 46.92 -53.31 -17.46
CA GLU G 337 46.55 -51.94 -17.14
C GLU G 337 45.77 -51.29 -18.28
N PHE G 338 46.16 -51.56 -19.52
CA PHE G 338 45.44 -51.00 -20.66
C PHE G 338 44.00 -51.50 -20.70
N GLU G 339 43.80 -52.79 -20.46
CA GLU G 339 42.44 -53.33 -20.45
C GLU G 339 41.63 -52.73 -19.31
N GLN G 340 42.24 -52.58 -18.13
CA GLN G 340 41.51 -52.00 -17.00
C GLN G 340 41.14 -50.55 -17.26
N PHE G 341 42.04 -49.79 -17.88
CA PHE G 341 41.78 -48.38 -18.14
C PHE G 341 40.74 -48.19 -19.23
N ALA G 342 40.84 -48.98 -20.31
CA ALA G 342 39.93 -48.80 -21.43
C ALA G 342 38.52 -49.30 -21.14
N GLN G 343 38.37 -50.23 -20.20
CA GLN G 343 37.06 -50.82 -19.92
C GLN G 343 36.11 -49.76 -19.39
N SER G 344 34.89 -49.75 -19.93
CA SER G 344 33.87 -48.80 -19.52
C SER G 344 32.84 -49.51 -18.65
N ALA G 345 32.65 -48.99 -17.44
CA ALA G 345 31.71 -49.57 -16.49
C ALA G 345 30.38 -48.83 -16.57
N LYS G 346 29.76 -48.94 -17.74
CA LYS G 346 28.46 -48.28 -17.98
C LYS G 346 27.32 -49.16 -17.49
#